data_1AU2
# 
_entry.id   1AU2 
# 
_audit_conform.dict_name       mmcif_pdbx.dic 
_audit_conform.dict_version    5.397 
_audit_conform.dict_location   http://mmcif.pdb.org/dictionaries/ascii/mmcif_pdbx.dic 
# 
loop_
_database_2.database_id 
_database_2.database_code 
_database_2.pdbx_database_accession 
_database_2.pdbx_DOI 
PDB   1AU2         pdb_00001au2 10.2210/pdb1au2/pdb 
WWPDB D_1000171258 ?            ?                   
# 
loop_
_pdbx_audit_revision_history.ordinal 
_pdbx_audit_revision_history.data_content_type 
_pdbx_audit_revision_history.major_revision 
_pdbx_audit_revision_history.minor_revision 
_pdbx_audit_revision_history.revision_date 
1 'Structure model' 1 0 1998-10-14 
2 'Structure model' 1 1 2008-03-03 
3 'Structure model' 1 2 2011-07-13 
4 'Structure model' 1 3 2018-03-07 
5 'Structure model' 1 4 2023-08-02 
6 'Structure model' 1 5 2024-10-23 
# 
_pdbx_audit_revision_details.ordinal             1 
_pdbx_audit_revision_details.revision_ordinal    1 
_pdbx_audit_revision_details.data_content_type   'Structure model' 
_pdbx_audit_revision_details.provider            repository 
_pdbx_audit_revision_details.type                'Initial release' 
_pdbx_audit_revision_details.description         ? 
_pdbx_audit_revision_details.details             ? 
# 
loop_
_pdbx_audit_revision_group.ordinal 
_pdbx_audit_revision_group.revision_ordinal 
_pdbx_audit_revision_group.data_content_type 
_pdbx_audit_revision_group.group 
1 2 'Structure model' 'Version format compliance' 
2 3 'Structure model' 'Version format compliance' 
3 4 'Structure model' 'Data collection'           
4 4 'Structure model' Other                       
5 5 'Structure model' 'Database references'       
6 5 'Structure model' 'Derived calculations'      
7 5 'Structure model' 'Refinement description'    
8 6 'Structure model' 'Data collection'           
9 6 'Structure model' 'Structure summary'         
# 
loop_
_pdbx_audit_revision_category.ordinal 
_pdbx_audit_revision_category.revision_ordinal 
_pdbx_audit_revision_category.data_content_type 
_pdbx_audit_revision_category.category 
1  4 'Structure model' diffrn_source                 
2  4 'Structure model' pdbx_database_status          
3  5 'Structure model' database_2                    
4  5 'Structure model' pdbx_initial_refinement_model 
5  5 'Structure model' struct_conn                   
6  5 'Structure model' struct_site                   
7  6 'Structure model' chem_comp_atom                
8  6 'Structure model' chem_comp_bond                
9  6 'Structure model' pdbx_entry_details            
10 6 'Structure model' pdbx_modification_feature     
# 
loop_
_pdbx_audit_revision_item.ordinal 
_pdbx_audit_revision_item.revision_ordinal 
_pdbx_audit_revision_item.data_content_type 
_pdbx_audit_revision_item.item 
1  4 'Structure model' '_diffrn_source.source'               
2  4 'Structure model' '_pdbx_database_status.process_site'  
3  5 'Structure model' '_database_2.pdbx_DOI'                
4  5 'Structure model' '_database_2.pdbx_database_accession' 
5  5 'Structure model' '_struct_conn.pdbx_leaving_atom_flag' 
6  5 'Structure model' '_struct_conn.ptnr1_auth_comp_id'     
7  5 'Structure model' '_struct_conn.ptnr1_auth_seq_id'      
8  5 'Structure model' '_struct_conn.ptnr1_label_asym_id'    
9  5 'Structure model' '_struct_conn.ptnr1_label_atom_id'    
10 5 'Structure model' '_struct_conn.ptnr1_label_comp_id'    
11 5 'Structure model' '_struct_conn.ptnr1_label_seq_id'     
12 5 'Structure model' '_struct_conn.ptnr2_auth_comp_id'     
13 5 'Structure model' '_struct_conn.ptnr2_auth_seq_id'      
14 5 'Structure model' '_struct_conn.ptnr2_label_asym_id'    
15 5 'Structure model' '_struct_conn.ptnr2_label_atom_id'    
16 5 'Structure model' '_struct_conn.ptnr2_label_comp_id'    
17 5 'Structure model' '_struct_conn.ptnr2_label_seq_id'     
18 5 'Structure model' '_struct_site.pdbx_auth_asym_id'      
19 5 'Structure model' '_struct_site.pdbx_auth_comp_id'      
20 5 'Structure model' '_struct_site.pdbx_auth_seq_id'       
# 
_pdbx_database_status.status_code                     REL 
_pdbx_database_status.entry_id                        1AU2 
_pdbx_database_status.recvd_initial_deposition_date   1997-09-10 
_pdbx_database_status.deposit_site                    ? 
_pdbx_database_status.process_site                    BNL 
_pdbx_database_status.SG_entry                        . 
_pdbx_database_status.pdb_format_compatible           Y 
_pdbx_database_status.status_code_mr                  ? 
_pdbx_database_status.status_code_sf                  ? 
_pdbx_database_status.status_code_cs                  ? 
_pdbx_database_status.methods_development_category    ? 
_pdbx_database_status.status_code_nmr_data            ? 
# 
loop_
_audit_author.name 
_audit_author.pdbx_ordinal 
'Zhao, B.'           1 
'Smith, W.W.'        2 
'Janson, C.A.'       3 
'Abdel-Meguid, S.S.' 4 
# 
_citation.id                        primary 
_citation.title                     'Structure and Design of Potent and Selective Cathepsin K Inhibitors' 
_citation.journal_abbrev            J.Am.Chem.Soc. 
_citation.journal_volume            119 
_citation.page_first                11351 
_citation.page_last                 11352 
_citation.year                      1997 
_citation.journal_id_ASTM           JACSAT 
_citation.country                   US 
_citation.journal_id_ISSN           0002-7863 
_citation.journal_id_CSD            0004 
_citation.book_publisher            ? 
_citation.pdbx_database_id_PubMed   -1 
_citation.pdbx_database_id_DOI      ? 
# 
loop_
_citation_author.citation_id 
_citation_author.name 
_citation_author.ordinal 
_citation_author.identifier_ORCID 
primary 'Yamashita, D.S.'  1  ? 
primary 'Smith, W.W.'      2  ? 
primary 'Zhao, B.'         3  ? 
primary 'Janson, C.A.'     4  ? 
primary 'Tomaszek, T.A.'   5  ? 
primary 'Bossard, M.J.'    6  ? 
primary 'Levy, M.A.'       7  ? 
primary 'Oh, H.-J.'        8  ? 
primary 'Carr, T.J.'       9  ? 
primary 'Thompson, S.K.'   10 ? 
primary 'Ijames, C.F.'     11 ? 
primary 'Carr, S.A.'       12 ? 
primary 'Mcqueney, M.'     13 ? 
primary 
;D'Alessio, K.J.
;
14 ? 
primary 'Amegadzie, B.Y.'  15 ? 
primary 'Hanning, C.R.'    16 ? 
primary 'Abdel-Meguid, S.' 17 ? 
primary 'Desjarlais, R.L.' 18 ? 
primary 'Gleason, J.G.'    19 ? 
primary 'Veber, D.F.'      20 ? 
# 
loop_
_entity.id 
_entity.type 
_entity.src_method 
_entity.pdbx_description 
_entity.formula_weight 
_entity.pdbx_number_of_molecules 
_entity.pdbx_ec 
_entity.pdbx_mutation 
_entity.pdbx_fragment 
_entity.details 
1 polymer     man 'CATHEPSIN K'                                                                                   23523.480 1  
3.4.22.38 ? ? 'INHIBITOR COVALENTLY BOUND TO ACTIVE SITE CYS 25' 
2 non-polymer syn '1-[[(4-PHENOXYPHENYL)SULFONYL]AMINO]-3-[[N/N-(4-PYRIDINYLCARBONYL)-L-LEUCYL]AMINO]-2-PROPANOL' 540.631   1  ? ? 
? ?                                                  
3 water       nat water                                                                                           18.015    62 ? ? 
? ?                                                  
# 
_entity_poly.entity_id                      1 
_entity_poly.type                           'polypeptide(L)' 
_entity_poly.nstd_linkage                   no 
_entity_poly.nstd_monomer                   no 
_entity_poly.pdbx_seq_one_letter_code       
;APDSVDYRKKGYVTPVKNQGQCGSCWAFSSVGALEGQLKKKTGKLLNLSPQNLVDCVSENDGCGGGYMTNAFQYVQKNRG
IDSEDAYPYVGQEESCMYNPTGKAAKCRGYREIPEGNEKALKRAVARVGPVSVAIDASLTSFQFYSKGVYYDESCNSDNL
NHAVLAVGYGIQKGNKHWIIKNSWGENWGNKGYILMARNKNNACGIANLASFPKM
;
_entity_poly.pdbx_seq_one_letter_code_can   
;APDSVDYRKKGYVTPVKNQGQCGSCWAFSSVGALEGQLKKKTGKLLNLSPQNLVDCVSENDGCGGGYMTNAFQYVQKNRG
IDSEDAYPYVGQEESCMYNPTGKAAKCRGYREIPEGNEKALKRAVARVGPVSVAIDASLTSFQFYSKGVYYDESCNSDNL
NHAVLAVGYGIQKGNKHWIIKNSWGENWGNKGYILMARNKNNACGIANLASFPKM
;
_entity_poly.pdbx_strand_id                 A 
_entity_poly.pdbx_target_identifier         ? 
# 
loop_
_pdbx_entity_nonpoly.entity_id 
_pdbx_entity_nonpoly.name 
_pdbx_entity_nonpoly.comp_id 
2 '1-[[(4-PHENOXYPHENYL)SULFONYL]AMINO]-3-[[N/N-(4-PYRIDINYLCARBONYL)-L-LEUCYL]AMINO]-2-PROPANOL' POS 
3 water                                                                                           HOH 
# 
loop_
_entity_poly_seq.entity_id 
_entity_poly_seq.num 
_entity_poly_seq.mon_id 
_entity_poly_seq.hetero 
1 1   ALA n 
1 2   PRO n 
1 3   ASP n 
1 4   SER n 
1 5   VAL n 
1 6   ASP n 
1 7   TYR n 
1 8   ARG n 
1 9   LYS n 
1 10  LYS n 
1 11  GLY n 
1 12  TYR n 
1 13  VAL n 
1 14  THR n 
1 15  PRO n 
1 16  VAL n 
1 17  LYS n 
1 18  ASN n 
1 19  GLN n 
1 20  GLY n 
1 21  GLN n 
1 22  CYS n 
1 23  GLY n 
1 24  SER n 
1 25  CYS n 
1 26  TRP n 
1 27  ALA n 
1 28  PHE n 
1 29  SER n 
1 30  SER n 
1 31  VAL n 
1 32  GLY n 
1 33  ALA n 
1 34  LEU n 
1 35  GLU n 
1 36  GLY n 
1 37  GLN n 
1 38  LEU n 
1 39  LYS n 
1 40  LYS n 
1 41  LYS n 
1 42  THR n 
1 43  GLY n 
1 44  LYS n 
1 45  LEU n 
1 46  LEU n 
1 47  ASN n 
1 48  LEU n 
1 49  SER n 
1 50  PRO n 
1 51  GLN n 
1 52  ASN n 
1 53  LEU n 
1 54  VAL n 
1 55  ASP n 
1 56  CYS n 
1 57  VAL n 
1 58  SER n 
1 59  GLU n 
1 60  ASN n 
1 61  ASP n 
1 62  GLY n 
1 63  CYS n 
1 64  GLY n 
1 65  GLY n 
1 66  GLY n 
1 67  TYR n 
1 68  MET n 
1 69  THR n 
1 70  ASN n 
1 71  ALA n 
1 72  PHE n 
1 73  GLN n 
1 74  TYR n 
1 75  VAL n 
1 76  GLN n 
1 77  LYS n 
1 78  ASN n 
1 79  ARG n 
1 80  GLY n 
1 81  ILE n 
1 82  ASP n 
1 83  SER n 
1 84  GLU n 
1 85  ASP n 
1 86  ALA n 
1 87  TYR n 
1 88  PRO n 
1 89  TYR n 
1 90  VAL n 
1 91  GLY n 
1 92  GLN n 
1 93  GLU n 
1 94  GLU n 
1 95  SER n 
1 96  CYS n 
1 97  MET n 
1 98  TYR n 
1 99  ASN n 
1 100 PRO n 
1 101 THR n 
1 102 GLY n 
1 103 LYS n 
1 104 ALA n 
1 105 ALA n 
1 106 LYS n 
1 107 CYS n 
1 108 ARG n 
1 109 GLY n 
1 110 TYR n 
1 111 ARG n 
1 112 GLU n 
1 113 ILE n 
1 114 PRO n 
1 115 GLU n 
1 116 GLY n 
1 117 ASN n 
1 118 GLU n 
1 119 LYS n 
1 120 ALA n 
1 121 LEU n 
1 122 LYS n 
1 123 ARG n 
1 124 ALA n 
1 125 VAL n 
1 126 ALA n 
1 127 ARG n 
1 128 VAL n 
1 129 GLY n 
1 130 PRO n 
1 131 VAL n 
1 132 SER n 
1 133 VAL n 
1 134 ALA n 
1 135 ILE n 
1 136 ASP n 
1 137 ALA n 
1 138 SER n 
1 139 LEU n 
1 140 THR n 
1 141 SER n 
1 142 PHE n 
1 143 GLN n 
1 144 PHE n 
1 145 TYR n 
1 146 SER n 
1 147 LYS n 
1 148 GLY n 
1 149 VAL n 
1 150 TYR n 
1 151 TYR n 
1 152 ASP n 
1 153 GLU n 
1 154 SER n 
1 155 CYS n 
1 156 ASN n 
1 157 SER n 
1 158 ASP n 
1 159 ASN n 
1 160 LEU n 
1 161 ASN n 
1 162 HIS n 
1 163 ALA n 
1 164 VAL n 
1 165 LEU n 
1 166 ALA n 
1 167 VAL n 
1 168 GLY n 
1 169 TYR n 
1 170 GLY n 
1 171 ILE n 
1 172 GLN n 
1 173 LYS n 
1 174 GLY n 
1 175 ASN n 
1 176 LYS n 
1 177 HIS n 
1 178 TRP n 
1 179 ILE n 
1 180 ILE n 
1 181 LYS n 
1 182 ASN n 
1 183 SER n 
1 184 TRP n 
1 185 GLY n 
1 186 GLU n 
1 187 ASN n 
1 188 TRP n 
1 189 GLY n 
1 190 ASN n 
1 191 LYS n 
1 192 GLY n 
1 193 TYR n 
1 194 ILE n 
1 195 LEU n 
1 196 MET n 
1 197 ALA n 
1 198 ARG n 
1 199 ASN n 
1 200 LYS n 
1 201 ASN n 
1 202 ASN n 
1 203 ALA n 
1 204 CYS n 
1 205 GLY n 
1 206 ILE n 
1 207 ALA n 
1 208 ASN n 
1 209 LEU n 
1 210 ALA n 
1 211 SER n 
1 212 PHE n 
1 213 PRO n 
1 214 LYS n 
1 215 MET n 
# 
_entity_src_gen.entity_id                          1 
_entity_src_gen.pdbx_src_id                        1 
_entity_src_gen.pdbx_alt_source_flag               sample 
_entity_src_gen.pdbx_seq_type                      ? 
_entity_src_gen.pdbx_beg_seq_num                   ? 
_entity_src_gen.pdbx_end_seq_num                   ? 
_entity_src_gen.gene_src_common_name               human 
_entity_src_gen.gene_src_genus                     Homo 
_entity_src_gen.pdbx_gene_src_gene                 ? 
_entity_src_gen.gene_src_species                   ? 
_entity_src_gen.gene_src_strain                    ? 
_entity_src_gen.gene_src_tissue                    ? 
_entity_src_gen.gene_src_tissue_fraction           ? 
_entity_src_gen.gene_src_details                   ? 
_entity_src_gen.pdbx_gene_src_fragment             ? 
_entity_src_gen.pdbx_gene_src_scientific_name      'Homo sapiens' 
_entity_src_gen.pdbx_gene_src_ncbi_taxonomy_id     9606 
_entity_src_gen.pdbx_gene_src_variant              ? 
_entity_src_gen.pdbx_gene_src_cell_line            SF9 
_entity_src_gen.pdbx_gene_src_atcc                 ? 
_entity_src_gen.pdbx_gene_src_organ                ? 
_entity_src_gen.pdbx_gene_src_organelle            ? 
_entity_src_gen.pdbx_gene_src_cell                 OSTEOCLAST 
_entity_src_gen.pdbx_gene_src_cellular_location    ? 
_entity_src_gen.host_org_common_name               'fall armyworm' 
_entity_src_gen.pdbx_host_org_scientific_name      'Spodoptera frugiperda' 
_entity_src_gen.pdbx_host_org_ncbi_taxonomy_id     7108 
_entity_src_gen.host_org_genus                     Spodoptera 
_entity_src_gen.pdbx_host_org_gene                 ? 
_entity_src_gen.pdbx_host_org_organ                ? 
_entity_src_gen.host_org_species                   ? 
_entity_src_gen.pdbx_host_org_tissue               ? 
_entity_src_gen.pdbx_host_org_tissue_fraction      ? 
_entity_src_gen.pdbx_host_org_strain               ? 
_entity_src_gen.pdbx_host_org_variant              ? 
_entity_src_gen.pdbx_host_org_cell_line            SF9 
_entity_src_gen.pdbx_host_org_atcc                 ? 
_entity_src_gen.pdbx_host_org_culture_collection   ? 
_entity_src_gen.pdbx_host_org_cell                 ? 
_entity_src_gen.pdbx_host_org_organelle            ? 
_entity_src_gen.pdbx_host_org_cellular_location    ? 
_entity_src_gen.pdbx_host_org_vector_type          ? 
_entity_src_gen.pdbx_host_org_vector               BACULOVIRUS 
_entity_src_gen.host_org_details                   ? 
_entity_src_gen.expression_system_id               ? 
_entity_src_gen.plasmid_name                       ? 
_entity_src_gen.plasmid_details                    ? 
_entity_src_gen.pdbx_description                   ? 
# 
loop_
_chem_comp.id 
_chem_comp.type 
_chem_comp.mon_nstd_flag 
_chem_comp.name 
_chem_comp.pdbx_synonyms 
_chem_comp.formula 
_chem_comp.formula_weight 
ALA 'L-peptide linking' y ALANINE                                                                                         ? 
'C3 H7 N O2'      89.093  
ARG 'L-peptide linking' y ARGININE                                                                                        ? 
'C6 H15 N4 O2 1'  175.209 
ASN 'L-peptide linking' y ASPARAGINE                                                                                      ? 
'C4 H8 N2 O3'     132.118 
ASP 'L-peptide linking' y 'ASPARTIC ACID'                                                                                 ? 
'C4 H7 N O4'      133.103 
CYS 'L-peptide linking' y CYSTEINE                                                                                        ? 
'C3 H7 N O2 S'    121.158 
GLN 'L-peptide linking' y GLUTAMINE                                                                                       ? 
'C5 H10 N2 O3'    146.144 
GLU 'L-peptide linking' y 'GLUTAMIC ACID'                                                                                 ? 
'C5 H9 N O4'      147.129 
GLY 'peptide linking'   y GLYCINE                                                                                         ? 
'C2 H5 N O2'      75.067  
HIS 'L-peptide linking' y HISTIDINE                                                                                       ? 
'C6 H10 N3 O2 1'  156.162 
HOH non-polymer         . WATER                                                                                           ? 'H2 O' 
18.015  
ILE 'L-peptide linking' y ISOLEUCINE                                                                                      ? 
'C6 H13 N O2'     131.173 
LEU 'L-peptide linking' y LEUCINE                                                                                         ? 
'C6 H13 N O2'     131.173 
LYS 'L-peptide linking' y LYSINE                                                                                          ? 
'C6 H15 N2 O2 1'  147.195 
MET 'L-peptide linking' y METHIONINE                                                                                      ? 
'C5 H11 N O2 S'   149.211 
PHE 'L-peptide linking' y PHENYLALANINE                                                                                   ? 
'C9 H11 N O2'     165.189 
POS non-polymer         . '1-[[(4-PHENOXYPHENYL)SULFONYL]AMINO]-3-[[N/N-(4-PYRIDINYLCARBONYL)-L-LEUCYL]AMINO]-2-PROPANOL' ? 
'C27 H32 N4 O6 S' 540.631 
PRO 'L-peptide linking' y PROLINE                                                                                         ? 
'C5 H9 N O2'      115.130 
SER 'L-peptide linking' y SERINE                                                                                          ? 
'C3 H7 N O3'      105.093 
THR 'L-peptide linking' y THREONINE                                                                                       ? 
'C4 H9 N O3'      119.119 
TRP 'L-peptide linking' y TRYPTOPHAN                                                                                      ? 
'C11 H12 N2 O2'   204.225 
TYR 'L-peptide linking' y TYROSINE                                                                                        ? 
'C9 H11 N O3'     181.189 
VAL 'L-peptide linking' y VALINE                                                                                          ? 
'C5 H11 N O2'     117.146 
# 
loop_
_pdbx_poly_seq_scheme.asym_id 
_pdbx_poly_seq_scheme.entity_id 
_pdbx_poly_seq_scheme.seq_id 
_pdbx_poly_seq_scheme.mon_id 
_pdbx_poly_seq_scheme.ndb_seq_num 
_pdbx_poly_seq_scheme.pdb_seq_num 
_pdbx_poly_seq_scheme.auth_seq_num 
_pdbx_poly_seq_scheme.pdb_mon_id 
_pdbx_poly_seq_scheme.auth_mon_id 
_pdbx_poly_seq_scheme.pdb_strand_id 
_pdbx_poly_seq_scheme.pdb_ins_code 
_pdbx_poly_seq_scheme.hetero 
A 1 1   ALA 1   1   1   ALA ALA A . n 
A 1 2   PRO 2   2   2   PRO PRO A . n 
A 1 3   ASP 3   3   3   ASP ASP A . n 
A 1 4   SER 4   4   4   SER SER A . n 
A 1 5   VAL 5   5   5   VAL VAL A . n 
A 1 6   ASP 6   6   6   ASP ASP A . n 
A 1 7   TYR 7   7   7   TYR TYR A . n 
A 1 8   ARG 8   8   8   ARG ARG A . n 
A 1 9   LYS 9   9   9   LYS LYS A . n 
A 1 10  LYS 10  10  10  LYS LYS A . n 
A 1 11  GLY 11  11  11  GLY GLY A . n 
A 1 12  TYR 12  12  12  TYR TYR A . n 
A 1 13  VAL 13  13  13  VAL VAL A . n 
A 1 14  THR 14  14  14  THR THR A . n 
A 1 15  PRO 15  15  15  PRO PRO A . n 
A 1 16  VAL 16  16  16  VAL VAL A . n 
A 1 17  LYS 17  17  17  LYS LYS A . n 
A 1 18  ASN 18  18  18  ASN ASN A . n 
A 1 19  GLN 19  19  19  GLN GLN A . n 
A 1 20  GLY 20  20  20  GLY GLY A . n 
A 1 21  GLN 21  21  21  GLN GLN A . n 
A 1 22  CYS 22  22  22  CYS CYS A . n 
A 1 23  GLY 23  23  23  GLY GLY A . n 
A 1 24  SER 24  24  24  SER SER A . n 
A 1 25  CYS 25  25  25  CYS CYS A . n 
A 1 26  TRP 26  26  26  TRP TRP A . n 
A 1 27  ALA 27  27  27  ALA ALA A . n 
A 1 28  PHE 28  28  28  PHE PHE A . n 
A 1 29  SER 29  29  29  SER SER A . n 
A 1 30  SER 30  30  30  SER SER A . n 
A 1 31  VAL 31  31  31  VAL VAL A . n 
A 1 32  GLY 32  32  32  GLY GLY A . n 
A 1 33  ALA 33  33  33  ALA ALA A . n 
A 1 34  LEU 34  34  34  LEU LEU A . n 
A 1 35  GLU 35  35  35  GLU GLU A . n 
A 1 36  GLY 36  36  36  GLY GLY A . n 
A 1 37  GLN 37  37  37  GLN GLN A . n 
A 1 38  LEU 38  38  38  LEU LEU A . n 
A 1 39  LYS 39  39  39  LYS LYS A . n 
A 1 40  LYS 40  40  40  LYS LYS A . n 
A 1 41  LYS 41  41  41  LYS LYS A . n 
A 1 42  THR 42  42  42  THR THR A . n 
A 1 43  GLY 43  43  43  GLY GLY A . n 
A 1 44  LYS 44  44  44  LYS LYS A . n 
A 1 45  LEU 45  45  45  LEU LEU A . n 
A 1 46  LEU 46  46  46  LEU LEU A . n 
A 1 47  ASN 47  47  47  ASN ASN A . n 
A 1 48  LEU 48  48  48  LEU LEU A . n 
A 1 49  SER 49  49  49  SER SER A . n 
A 1 50  PRO 50  50  50  PRO PRO A . n 
A 1 51  GLN 51  51  51  GLN GLN A . n 
A 1 52  ASN 52  52  52  ASN ASN A . n 
A 1 53  LEU 53  53  53  LEU LEU A . n 
A 1 54  VAL 54  54  54  VAL VAL A . n 
A 1 55  ASP 55  55  55  ASP ASP A . n 
A 1 56  CYS 56  56  56  CYS CYS A . n 
A 1 57  VAL 57  57  57  VAL VAL A . n 
A 1 58  SER 58  58  58  SER SER A . n 
A 1 59  GLU 59  59  59  GLU GLU A . n 
A 1 60  ASN 60  60  60  ASN ASN A . n 
A 1 61  ASP 61  61  61  ASP ASP A . n 
A 1 62  GLY 62  62  62  GLY GLY A . n 
A 1 63  CYS 63  63  63  CYS CYS A . n 
A 1 64  GLY 64  64  64  GLY GLY A . n 
A 1 65  GLY 65  65  65  GLY GLY A . n 
A 1 66  GLY 66  66  66  GLY GLY A . n 
A 1 67  TYR 67  67  67  TYR TYR A . n 
A 1 68  MET 68  68  68  MET MET A . n 
A 1 69  THR 69  69  69  THR THR A . n 
A 1 70  ASN 70  70  70  ASN ASN A . n 
A 1 71  ALA 71  71  71  ALA ALA A . n 
A 1 72  PHE 72  72  72  PHE PHE A . n 
A 1 73  GLN 73  73  73  GLN GLN A . n 
A 1 74  TYR 74  74  74  TYR TYR A . n 
A 1 75  VAL 75  75  75  VAL VAL A . n 
A 1 76  GLN 76  76  76  GLN GLN A . n 
A 1 77  LYS 77  77  77  LYS LYS A . n 
A 1 78  ASN 78  78  78  ASN ASN A . n 
A 1 79  ARG 79  79  79  ARG ARG A . n 
A 1 80  GLY 80  80  80  GLY GLY A . n 
A 1 81  ILE 81  81  81  ILE ILE A . n 
A 1 82  ASP 82  82  82  ASP ASP A . n 
A 1 83  SER 83  83  83  SER SER A . n 
A 1 84  GLU 84  84  84  GLU GLU A . n 
A 1 85  ASP 85  85  85  ASP ASP A . n 
A 1 86  ALA 86  86  86  ALA ALA A . n 
A 1 87  TYR 87  87  87  TYR TYR A . n 
A 1 88  PRO 88  88  88  PRO PRO A . n 
A 1 89  TYR 89  89  89  TYR TYR A . n 
A 1 90  VAL 90  90  90  VAL VAL A . n 
A 1 91  GLY 91  91  91  GLY GLY A . n 
A 1 92  GLN 92  92  92  GLN GLN A . n 
A 1 93  GLU 93  93  93  GLU GLU A . n 
A 1 94  GLU 94  94  94  GLU GLU A . n 
A 1 95  SER 95  95  95  SER SER A . n 
A 1 96  CYS 96  96  96  CYS CYS A . n 
A 1 97  MET 97  97  97  MET MET A . n 
A 1 98  TYR 98  98  98  TYR TYR A . n 
A 1 99  ASN 99  99  99  ASN ASN A . n 
A 1 100 PRO 100 100 100 PRO PRO A . n 
A 1 101 THR 101 101 101 THR THR A . n 
A 1 102 GLY 102 102 102 GLY GLY A . n 
A 1 103 LYS 103 103 103 LYS LYS A . n 
A 1 104 ALA 104 104 104 ALA ALA A . n 
A 1 105 ALA 105 105 105 ALA ALA A . n 
A 1 106 LYS 106 106 106 LYS LYS A . n 
A 1 107 CYS 107 107 107 CYS CYS A . n 
A 1 108 ARG 108 108 108 ARG ARG A . n 
A 1 109 GLY 109 109 109 GLY GLY A . n 
A 1 110 TYR 110 110 110 TYR TYR A . n 
A 1 111 ARG 111 111 111 ARG ARG A . n 
A 1 112 GLU 112 112 112 GLU GLU A . n 
A 1 113 ILE 113 113 113 ILE ILE A . n 
A 1 114 PRO 114 114 114 PRO PRO A . n 
A 1 115 GLU 115 115 115 GLU GLU A . n 
A 1 116 GLY 116 116 116 GLY GLY A . n 
A 1 117 ASN 117 117 117 ASN ASN A . n 
A 1 118 GLU 118 118 118 GLU GLU A . n 
A 1 119 LYS 119 119 119 LYS LYS A . n 
A 1 120 ALA 120 120 120 ALA ALA A . n 
A 1 121 LEU 121 121 121 LEU LEU A . n 
A 1 122 LYS 122 122 122 LYS LYS A . n 
A 1 123 ARG 123 123 123 ARG ARG A . n 
A 1 124 ALA 124 124 124 ALA ALA A . n 
A 1 125 VAL 125 125 125 VAL VAL A . n 
A 1 126 ALA 126 126 126 ALA ALA A . n 
A 1 127 ARG 127 127 127 ARG ARG A . n 
A 1 128 VAL 128 128 128 VAL VAL A . n 
A 1 129 GLY 129 129 129 GLY GLY A . n 
A 1 130 PRO 130 130 130 PRO PRO A . n 
A 1 131 VAL 131 131 131 VAL VAL A . n 
A 1 132 SER 132 132 132 SER SER A . n 
A 1 133 VAL 133 133 133 VAL VAL A . n 
A 1 134 ALA 134 134 134 ALA ALA A . n 
A 1 135 ILE 135 135 135 ILE ILE A . n 
A 1 136 ASP 136 136 136 ASP ASP A . n 
A 1 137 ALA 137 137 137 ALA ALA A . n 
A 1 138 SER 138 138 138 SER SER A . n 
A 1 139 LEU 139 139 139 LEU LEU A . n 
A 1 140 THR 140 140 140 THR THR A . n 
A 1 141 SER 141 141 141 SER SER A . n 
A 1 142 PHE 142 142 142 PHE PHE A . n 
A 1 143 GLN 143 143 143 GLN GLN A . n 
A 1 144 PHE 144 144 144 PHE PHE A . n 
A 1 145 TYR 145 145 145 TYR TYR A . n 
A 1 146 SER 146 146 146 SER SER A . n 
A 1 147 LYS 147 147 147 LYS LYS A . n 
A 1 148 GLY 148 148 148 GLY GLY A . n 
A 1 149 VAL 149 149 149 VAL VAL A . n 
A 1 150 TYR 150 150 150 TYR TYR A . n 
A 1 151 TYR 151 151 151 TYR TYR A . n 
A 1 152 ASP 152 152 152 ASP ASP A . n 
A 1 153 GLU 153 153 153 GLU GLU A . n 
A 1 154 SER 154 154 154 SER SER A . n 
A 1 155 CYS 155 155 155 CYS CYS A . n 
A 1 156 ASN 156 156 156 ASN ASN A . n 
A 1 157 SER 157 157 157 SER SER A . n 
A 1 158 ASP 158 158 158 ASP ASP A . n 
A 1 159 ASN 159 159 159 ASN ASN A . n 
A 1 160 LEU 160 160 160 LEU LEU A . n 
A 1 161 ASN 161 161 161 ASN ASN A . n 
A 1 162 HIS 162 162 162 HIS HIS A . n 
A 1 163 ALA 163 163 163 ALA ALA A . n 
A 1 164 VAL 164 164 164 VAL VAL A . n 
A 1 165 LEU 165 165 165 LEU LEU A . n 
A 1 166 ALA 166 166 166 ALA ALA A . n 
A 1 167 VAL 167 167 167 VAL VAL A . n 
A 1 168 GLY 168 168 168 GLY GLY A . n 
A 1 169 TYR 169 169 169 TYR TYR A . n 
A 1 170 GLY 170 170 170 GLY GLY A . n 
A 1 171 ILE 171 171 171 ILE ILE A . n 
A 1 172 GLN 172 172 172 GLN GLN A . n 
A 1 173 LYS 173 173 173 LYS LYS A . n 
A 1 174 GLY 174 174 174 GLY GLY A . n 
A 1 175 ASN 175 175 175 ASN ASN A . n 
A 1 176 LYS 176 176 176 LYS LYS A . n 
A 1 177 HIS 177 177 177 HIS HIS A . n 
A 1 178 TRP 178 178 178 TRP TRP A . n 
A 1 179 ILE 179 179 179 ILE ILE A . n 
A 1 180 ILE 180 180 180 ILE ILE A . n 
A 1 181 LYS 181 181 181 LYS LYS A . n 
A 1 182 ASN 182 182 182 ASN ASN A . n 
A 1 183 SER 183 183 183 SER SER A . n 
A 1 184 TRP 184 184 184 TRP TRP A . n 
A 1 185 GLY 185 185 185 GLY GLY A . n 
A 1 186 GLU 186 186 186 GLU GLU A . n 
A 1 187 ASN 187 187 187 ASN ASN A . n 
A 1 188 TRP 188 188 188 TRP TRP A . n 
A 1 189 GLY 189 189 189 GLY GLY A . n 
A 1 190 ASN 190 190 190 ASN ASN A . n 
A 1 191 LYS 191 191 191 LYS LYS A . n 
A 1 192 GLY 192 192 192 GLY GLY A . n 
A 1 193 TYR 193 193 193 TYR TYR A . n 
A 1 194 ILE 194 194 194 ILE ILE A . n 
A 1 195 LEU 195 195 195 LEU LEU A . n 
A 1 196 MET 196 196 196 MET MET A . n 
A 1 197 ALA 197 197 197 ALA ALA A . n 
A 1 198 ARG 198 198 198 ARG ARG A . n 
A 1 199 ASN 199 199 199 ASN ASN A . n 
A 1 200 LYS 200 200 200 LYS LYS A . n 
A 1 201 ASN 201 201 201 ASN ASN A . n 
A 1 202 ASN 202 202 202 ASN ASN A . n 
A 1 203 ALA 203 203 203 ALA ALA A . n 
A 1 204 CYS 204 204 204 CYS CYS A . n 
A 1 205 GLY 205 205 205 GLY GLY A . n 
A 1 206 ILE 206 206 206 ILE ILE A . n 
A 1 207 ALA 207 207 207 ALA ALA A . n 
A 1 208 ASN 208 208 208 ASN ASN A . n 
A 1 209 LEU 209 209 209 LEU LEU A . n 
A 1 210 ALA 210 210 210 ALA ALA A . n 
A 1 211 SER 211 211 211 SER SER A . n 
A 1 212 PHE 212 212 212 PHE PHE A . n 
A 1 213 PRO 213 213 213 PRO PRO A . n 
A 1 214 LYS 214 214 214 LYS LYS A . n 
A 1 215 MET 215 215 215 MET MET A . n 
# 
loop_
_pdbx_nonpoly_scheme.asym_id 
_pdbx_nonpoly_scheme.entity_id 
_pdbx_nonpoly_scheme.mon_id 
_pdbx_nonpoly_scheme.ndb_seq_num 
_pdbx_nonpoly_scheme.pdb_seq_num 
_pdbx_nonpoly_scheme.auth_seq_num 
_pdbx_nonpoly_scheme.pdb_mon_id 
_pdbx_nonpoly_scheme.auth_mon_id 
_pdbx_nonpoly_scheme.pdb_strand_id 
_pdbx_nonpoly_scheme.pdb_ins_code 
B 2 POS 1  300 300 POS POS A . 
C 3 HOH 1  301 301 HOH HOH A . 
C 3 HOH 2  302 302 HOH HOH A . 
C 3 HOH 3  303 303 HOH HOH A . 
C 3 HOH 4  304 304 HOH HOH A . 
C 3 HOH 5  305 305 HOH HOH A . 
C 3 HOH 6  306 306 HOH HOH A . 
C 3 HOH 7  307 307 HOH HOH A . 
C 3 HOH 8  308 308 HOH HOH A . 
C 3 HOH 9  309 309 HOH HOH A . 
C 3 HOH 10 310 310 HOH HOH A . 
C 3 HOH 11 311 311 HOH HOH A . 
C 3 HOH 12 312 312 HOH HOH A . 
C 3 HOH 13 313 313 HOH HOH A . 
C 3 HOH 14 314 314 HOH HOH A . 
C 3 HOH 15 315 315 HOH HOH A . 
C 3 HOH 16 316 316 HOH HOH A . 
C 3 HOH 17 317 317 HOH HOH A . 
C 3 HOH 18 318 318 HOH HOH A . 
C 3 HOH 19 319 319 HOH HOH A . 
C 3 HOH 20 320 320 HOH HOH A . 
C 3 HOH 21 321 321 HOH HOH A . 
C 3 HOH 22 322 322 HOH HOH A . 
C 3 HOH 23 323 323 HOH HOH A . 
C 3 HOH 24 324 324 HOH HOH A . 
C 3 HOH 25 325 325 HOH HOH A . 
C 3 HOH 26 326 326 HOH HOH A . 
C 3 HOH 27 327 327 HOH HOH A . 
C 3 HOH 28 328 328 HOH HOH A . 
C 3 HOH 29 329 329 HOH HOH A . 
C 3 HOH 30 330 330 HOH HOH A . 
C 3 HOH 31 331 331 HOH HOH A . 
C 3 HOH 32 332 332 HOH HOH A . 
C 3 HOH 33 333 333 HOH HOH A . 
C 3 HOH 34 334 334 HOH HOH A . 
C 3 HOH 35 335 335 HOH HOH A . 
C 3 HOH 36 336 336 HOH HOH A . 
C 3 HOH 37 337 337 HOH HOH A . 
C 3 HOH 38 338 338 HOH HOH A . 
C 3 HOH 39 339 339 HOH HOH A . 
C 3 HOH 40 340 340 HOH HOH A . 
C 3 HOH 41 341 341 HOH HOH A . 
C 3 HOH 42 342 342 HOH HOH A . 
C 3 HOH 43 343 343 HOH HOH A . 
C 3 HOH 44 344 344 HOH HOH A . 
C 3 HOH 45 345 345 HOH HOH A . 
C 3 HOH 46 346 346 HOH HOH A . 
C 3 HOH 47 347 347 HOH HOH A . 
C 3 HOH 48 348 348 HOH HOH A . 
C 3 HOH 49 349 349 HOH HOH A . 
C 3 HOH 50 350 350 HOH HOH A . 
C 3 HOH 51 351 351 HOH HOH A . 
C 3 HOH 52 352 352 HOH HOH A . 
C 3 HOH 53 353 353 HOH HOH A . 
C 3 HOH 54 354 354 HOH HOH A . 
C 3 HOH 55 355 355 HOH HOH A . 
C 3 HOH 56 356 356 HOH HOH A . 
C 3 HOH 57 357 357 HOH HOH A . 
C 3 HOH 58 358 358 HOH HOH A . 
C 3 HOH 59 359 359 HOH HOH A . 
C 3 HOH 60 360 360 HOH HOH A . 
C 3 HOH 61 361 361 HOH HOH A . 
C 3 HOH 62 362 362 HOH HOH A . 
# 
loop_
_software.name 
_software.classification 
_software.version 
_software.citation_id 
_software.pdbx_ordinal 
XENGEN 'data collection' .   ? 1 
XENGEN 'data reduction'  .   ? 2 
X-PLOR 'model building'  3.1 ? 3 
X-PLOR refinement        3.1 ? 4 
XENGEN 'data scaling'    .   ? 5 
X-PLOR phasing           3.1 ? 6 
# 
_cell.entry_id           1AU2 
_cell.length_a           58.240 
_cell.length_b           58.240 
_cell.length_c           131.700 
_cell.angle_alpha        90.00 
_cell.angle_beta         90.00 
_cell.angle_gamma        90.00 
_cell.Z_PDB              8 
_cell.pdbx_unique_axis   ? 
# 
_symmetry.entry_id                         1AU2 
_symmetry.space_group_name_H-M             'P 43 21 2' 
_symmetry.pdbx_full_space_group_name_H-M   ? 
_symmetry.cell_setting                     ? 
_symmetry.Int_Tables_number                96 
# 
_exptl.entry_id          1AU2 
_exptl.method            'X-RAY DIFFRACTION' 
_exptl.crystals_number   1 
# 
_exptl_crystal.id                    1 
_exptl_crystal.density_meas          ? 
_exptl_crystal.density_Matthews      2.38 
_exptl_crystal.density_percent_sol   48 
_exptl_crystal.description           ? 
# 
_exptl_crystal_grow.crystal_id      1 
_exptl_crystal_grow.method          ? 
_exptl_crystal_grow.temp            ? 
_exptl_crystal_grow.temp_details    ? 
_exptl_crystal_grow.pH              4.5 
_exptl_crystal_grow.pdbx_pH_range   ? 
_exptl_crystal_grow.pdbx_details    '18% PEG 8000, 0.12M LI2SO4, 0.06M SODIUM ACETATE, PH 4.5' 
# 
_diffrn.id                     1 
_diffrn.ambient_temp           293 
_diffrn.ambient_temp_details   ? 
_diffrn.crystal_id             1 
# 
_diffrn_detector.diffrn_id              1 
_diffrn_detector.detector               'AREA DETECTOR' 
_diffrn_detector.type                   SIEMENS 
_diffrn_detector.pdbx_collection_date   1996-10 
_diffrn_detector.details                COLLIMATOR 
# 
_diffrn_radiation.diffrn_id                        1 
_diffrn_radiation.wavelength_id                    1 
_diffrn_radiation.pdbx_monochromatic_or_laue_m_l   M 
_diffrn_radiation.monochromator                    'GRAPHITE(002)' 
_diffrn_radiation.pdbx_diffrn_protocol             ? 
_diffrn_radiation.pdbx_scattering_type             x-ray 
# 
_diffrn_radiation_wavelength.id           1 
_diffrn_radiation_wavelength.wavelength   1.5418 
_diffrn_radiation_wavelength.wt           1.0 
# 
_diffrn_source.diffrn_id                   1 
_diffrn_source.source                      'ROTATING ANODE' 
_diffrn_source.type                        SIEMENS 
_diffrn_source.pdbx_synchrotron_site       ? 
_diffrn_source.pdbx_synchrotron_beamline   ? 
_diffrn_source.pdbx_wavelength             1.5418 
_diffrn_source.pdbx_wavelength_list        ? 
# 
_reflns.entry_id                     1AU2 
_reflns.observed_criterion_sigma_I   2 
_reflns.observed_criterion_sigma_F   ? 
_reflns.d_resolution_low             25. 
_reflns.d_resolution_high            2.4 
_reflns.number_obs                   34271 
_reflns.number_all                   ? 
_reflns.percent_possible_obs         92 
_reflns.pdbx_Rmerge_I_obs            0.092 
_reflns.pdbx_Rsym_value              0.092 
_reflns.pdbx_netI_over_sigmaI        6.3 
_reflns.B_iso_Wilson_estimate        ? 
_reflns.pdbx_redundancy              4.0 
_reflns.pdbx_diffrn_id               1 
_reflns.pdbx_ordinal                 1 
# 
_reflns_shell.d_res_high             2.40 
_reflns_shell.d_res_low              2.59 
_reflns_shell.percent_possible_all   74 
_reflns_shell.Rmerge_I_obs           0.32 
_reflns_shell.pdbx_Rsym_value        0.42 
_reflns_shell.meanI_over_sigI_obs    1.6 
_reflns_shell.pdbx_redundancy        3.5 
_reflns_shell.pdbx_diffrn_id         ? 
_reflns_shell.pdbx_ordinal           1 
# 
_refine.entry_id                                 1AU2 
_refine.ls_number_reflns_obs                     5736 
_refine.ls_number_reflns_all                     ? 
_refine.pdbx_ls_sigma_I                          ? 
_refine.pdbx_ls_sigma_F                          2 
_refine.pdbx_data_cutoff_high_absF               1000000 
_refine.pdbx_data_cutoff_low_absF                0.001 
_refine.pdbx_data_cutoff_high_rms_absF           ? 
_refine.ls_d_res_low                             8.0 
_refine.ls_d_res_high                            2.6 
_refine.ls_percent_reflns_obs                    79 
_refine.ls_R_factor_obs                          0.24 
_refine.ls_R_factor_all                          ? 
_refine.ls_R_factor_R_work                       0.24 
_refine.ls_R_factor_R_free                       0.333 
_refine.ls_R_factor_R_free_error                 0.013 
_refine.ls_R_factor_R_free_error_details         ? 
_refine.ls_percent_reflns_R_free                 11 
_refine.ls_number_reflns_R_free                  630 
_refine.ls_number_parameters                     ? 
_refine.ls_number_restraints                     ? 
_refine.occupancy_min                            ? 
_refine.occupancy_max                            ? 
_refine.B_iso_mean                               15.0 
_refine.aniso_B[1][1]                            0 
_refine.aniso_B[2][2]                            0 
_refine.aniso_B[3][3]                            0 
_refine.aniso_B[1][2]                            0 
_refine.aniso_B[1][3]                            0 
_refine.aniso_B[2][3]                            0 
_refine.solvent_model_details                    ? 
_refine.solvent_model_param_ksol                 ? 
_refine.solvent_model_param_bsol                 ? 
_refine.pdbx_ls_cross_valid_method               THROUGHOUT 
_refine.details                                  ? 
_refine.pdbx_starting_model                      1ATK 
_refine.pdbx_method_to_determine_struct          MR 
_refine.pdbx_isotropic_thermal_model             OVERALL 
_refine.pdbx_stereochemistry_target_values       ? 
_refine.pdbx_stereochem_target_val_spec_case     ? 
_refine.pdbx_R_Free_selection_details            RANDOM 
_refine.pdbx_overall_ESU_R                       ? 
_refine.pdbx_overall_ESU_R_Free                  ? 
_refine.overall_SU_ML                            ? 
_refine.overall_SU_B                             ? 
_refine.pdbx_refine_id                           'X-RAY DIFFRACTION' 
_refine.pdbx_diffrn_id                           1 
_refine.pdbx_TLS_residual_ADP_flag               ? 
_refine.correlation_coeff_Fo_to_Fc               ? 
_refine.correlation_coeff_Fo_to_Fc_free          ? 
_refine.pdbx_solvent_vdw_probe_radii             ? 
_refine.pdbx_solvent_ion_probe_radii             ? 
_refine.pdbx_solvent_shrinkage_radii             ? 
_refine.pdbx_overall_phase_error                 ? 
_refine.overall_SU_R_Cruickshank_DPI             ? 
_refine.pdbx_overall_SU_R_free_Cruickshank_DPI   ? 
_refine.pdbx_overall_SU_R_Blow_DPI               ? 
_refine.pdbx_overall_SU_R_free_Blow_DPI          ? 
# 
_refine_analyze.entry_id                        1AU2 
_refine_analyze.Luzzati_coordinate_error_obs    0.36 
_refine_analyze.Luzzati_sigma_a_obs             0.43 
_refine_analyze.Luzzati_d_res_low_obs           8 
_refine_analyze.Luzzati_coordinate_error_free   0.55 
_refine_analyze.Luzzati_sigma_a_free            0.63 
_refine_analyze.Luzzati_d_res_low_free          ? 
_refine_analyze.number_disordered_residues      ? 
_refine_analyze.occupancy_sum_hydrogen          ? 
_refine_analyze.occupancy_sum_non_hydrogen      ? 
_refine_analyze.pdbx_refine_id                  'X-RAY DIFFRACTION' 
# 
_refine_hist.pdbx_refine_id                   'X-RAY DIFFRACTION' 
_refine_hist.cycle_id                         LAST 
_refine_hist.pdbx_number_atoms_protein        1648 
_refine_hist.pdbx_number_atoms_nucleic_acid   0 
_refine_hist.pdbx_number_atoms_ligand         38 
_refine_hist.number_atoms_solvent             62 
_refine_hist.number_atoms_total               1748 
_refine_hist.d_res_high                       2.6 
_refine_hist.d_res_low                        8.0 
# 
loop_
_refine_ls_restr.type 
_refine_ls_restr.dev_ideal 
_refine_ls_restr.dev_ideal_target 
_refine_ls_restr.weight 
_refine_ls_restr.number 
_refine_ls_restr.pdbx_refine_id 
_refine_ls_restr.pdbx_restraint_function 
x_bond_d                0.020 ? ? ? 'X-RAY DIFFRACTION' ? 
x_bond_d_na             ?     ? ? ? 'X-RAY DIFFRACTION' ? 
x_bond_d_prot           ?     ? ? ? 'X-RAY DIFFRACTION' ? 
x_angle_d               ?     ? ? ? 'X-RAY DIFFRACTION' ? 
x_angle_d_na            ?     ? ? ? 'X-RAY DIFFRACTION' ? 
x_angle_d_prot          ?     ? ? ? 'X-RAY DIFFRACTION' ? 
x_angle_deg             2.1   ? ? ? 'X-RAY DIFFRACTION' ? 
x_angle_deg_na          ?     ? ? ? 'X-RAY DIFFRACTION' ? 
x_angle_deg_prot        ?     ? ? ? 'X-RAY DIFFRACTION' ? 
x_dihedral_angle_d      24.6  ? ? ? 'X-RAY DIFFRACTION' ? 
x_dihedral_angle_d_na   ?     ? ? ? 'X-RAY DIFFRACTION' ? 
x_dihedral_angle_d_prot ?     ? ? ? 'X-RAY DIFFRACTION' ? 
x_improper_angle_d      1.78  ? ? ? 'X-RAY DIFFRACTION' ? 
x_improper_angle_d_na   ?     ? ? ? 'X-RAY DIFFRACTION' ? 
x_improper_angle_d_prot ?     ? ? ? 'X-RAY DIFFRACTION' ? 
x_mcbond_it             ?     ? ? ? 'X-RAY DIFFRACTION' ? 
x_mcangle_it            ?     ? ? ? 'X-RAY DIFFRACTION' ? 
x_scbond_it             ?     ? ? ? 'X-RAY DIFFRACTION' ? 
x_scangle_it            ?     ? ? ? 'X-RAY DIFFRACTION' ? 
# 
_refine_ls_shell.pdbx_total_number_of_bins_used   8 
_refine_ls_shell.d_res_high                       2.6 
_refine_ls_shell.d_res_low                        2.71 
_refine_ls_shell.number_reflns_R_work             371 
_refine_ls_shell.R_factor_R_work                  0.358 
_refine_ls_shell.percent_reflns_obs               47 
_refine_ls_shell.R_factor_R_free                  0.46 
_refine_ls_shell.R_factor_R_free_error            0.076 
_refine_ls_shell.percent_reflns_R_free            9.1 
_refine_ls_shell.number_reflns_R_free             37 
_refine_ls_shell.pdbx_refine_id                   'X-RAY DIFFRACTION' 
_refine_ls_shell.number_reflns_all                ? 
_refine_ls_shell.R_factor_all                     ? 
# 
loop_
_pdbx_xplor_file.serial_no 
_pdbx_xplor_file.param_file 
_pdbx_xplor_file.topol_file 
_pdbx_xplor_file.pdbx_refine_id 
1 PARHCSDX.PRO TOPHCSDX.PRO 'X-RAY DIFFRACTION' 
2 PARAM19.SOL  ?            'X-RAY DIFFRACTION' 
# 
_struct.entry_id                  1AU2 
_struct.title                     
'CRYSTAL STRUCTURE OF THE CYSTEINE PROTEASE HUMAN CATHEPSIN K IN COMPLEX WITH A COVALENT PROPANONE INHIBITOR' 
_struct.pdbx_model_details        ? 
_struct.pdbx_CASP_flag            ? 
_struct.pdbx_model_type_details   ? 
# 
_struct_keywords.entry_id        1AU2 
_struct_keywords.pdbx_keywords   HYDROLASE 
_struct_keywords.text            'HYDROLASE, SULFHYDRYL PROTEINASE' 
# 
loop_
_struct_asym.id 
_struct_asym.pdbx_blank_PDB_chainid_flag 
_struct_asym.pdbx_modified 
_struct_asym.entity_id 
_struct_asym.details 
A N N 1 ? 
B N N 2 ? 
C N N 3 ? 
# 
_struct_ref.id                         1 
_struct_ref.db_name                    UNP 
_struct_ref.db_code                    CATK_HUMAN 
_struct_ref.entity_id                  1 
_struct_ref.pdbx_db_accession          P43235 
_struct_ref.pdbx_align_begin           1 
_struct_ref.pdbx_seq_one_letter_code   
;MWGLKVLLLPVVSFALYPEEILDTHWELWKKTHRKQYNNKVDEISRRLIWEKNLKYISIHNLEASLGVHTYELAMNHLGD
MTSEEVVQKMTGLKVPLSHSRSNDTLYIPEWEGRAPDSVDYRKKGYVTPVKNQGQCGSCWAFSSVGALEGQLKKKTGKLL
NLSPQNLVDCVSENDGCGGGYMTNAFQYVQKNRGIDSEDAYPYVGQEESCMYNPTGKAAKCRGYREIPEGNEKALKRAVA
RVGPVSVAIDASLTSFQFYSKGVYYDESCNSDNLNHAVLAVGYGIQKGNKHWIIKNSWGENWGNKGYILMARNKNNACGI
ANLASFPKM
;
_struct_ref.pdbx_db_isoform            ? 
# 
_struct_ref_seq.align_id                      1 
_struct_ref_seq.ref_id                        1 
_struct_ref_seq.pdbx_PDB_id_code              1AU2 
_struct_ref_seq.pdbx_strand_id                A 
_struct_ref_seq.seq_align_beg                 1 
_struct_ref_seq.pdbx_seq_align_beg_ins_code   ? 
_struct_ref_seq.seq_align_end                 215 
_struct_ref_seq.pdbx_seq_align_end_ins_code   ? 
_struct_ref_seq.pdbx_db_accession             P43235 
_struct_ref_seq.db_align_beg                  115 
_struct_ref_seq.pdbx_db_align_beg_ins_code    ? 
_struct_ref_seq.db_align_end                  329 
_struct_ref_seq.pdbx_db_align_end_ins_code    ? 
_struct_ref_seq.pdbx_auth_seq_align_beg       1 
_struct_ref_seq.pdbx_auth_seq_align_end       215 
# 
_pdbx_struct_assembly.id                   1 
_pdbx_struct_assembly.details              author_defined_assembly 
_pdbx_struct_assembly.method_details       ? 
_pdbx_struct_assembly.oligomeric_details   monomeric 
_pdbx_struct_assembly.oligomeric_count     1 
# 
_pdbx_struct_assembly_gen.assembly_id       1 
_pdbx_struct_assembly_gen.oper_expression   1 
_pdbx_struct_assembly_gen.asym_id_list      A,B,C 
# 
_pdbx_struct_oper_list.id                   1 
_pdbx_struct_oper_list.type                 'identity operation' 
_pdbx_struct_oper_list.name                 1_555 
_pdbx_struct_oper_list.symmetry_operation   x,y,z 
_pdbx_struct_oper_list.matrix[1][1]         1.0000000000 
_pdbx_struct_oper_list.matrix[1][2]         0.0000000000 
_pdbx_struct_oper_list.matrix[1][3]         0.0000000000 
_pdbx_struct_oper_list.vector[1]            0.0000000000 
_pdbx_struct_oper_list.matrix[2][1]         0.0000000000 
_pdbx_struct_oper_list.matrix[2][2]         1.0000000000 
_pdbx_struct_oper_list.matrix[2][3]         0.0000000000 
_pdbx_struct_oper_list.vector[2]            0.0000000000 
_pdbx_struct_oper_list.matrix[3][1]         0.0000000000 
_pdbx_struct_oper_list.matrix[3][2]         0.0000000000 
_pdbx_struct_oper_list.matrix[3][3]         1.0000000000 
_pdbx_struct_oper_list.vector[3]            0.0000000000 
# 
_struct_biol.id   1 
# 
loop_
_struct_conf.conf_type_id 
_struct_conf.id 
_struct_conf.pdbx_PDB_helix_id 
_struct_conf.beg_label_comp_id 
_struct_conf.beg_label_asym_id 
_struct_conf.beg_label_seq_id 
_struct_conf.pdbx_beg_PDB_ins_code 
_struct_conf.end_label_comp_id 
_struct_conf.end_label_asym_id 
_struct_conf.end_label_seq_id 
_struct_conf.pdbx_end_PDB_ins_code 
_struct_conf.beg_auth_comp_id 
_struct_conf.beg_auth_asym_id 
_struct_conf.beg_auth_seq_id 
_struct_conf.end_auth_comp_id 
_struct_conf.end_auth_asym_id 
_struct_conf.end_auth_seq_id 
_struct_conf.pdbx_PDB_helix_class 
_struct_conf.details 
_struct_conf.pdbx_PDB_helix_length 
HELX_P HELX_P1 1 TYR A 7   ? LYS A 10  ? TYR A 7   LYS A 10  1 ? 4  
HELX_P HELX_P2 2 CYS A 25  ? LYS A 40  ? CYS A 25  LYS A 40  1 ? 16 
HELX_P HELX_P3 3 PRO A 50  ? CYS A 56  ? PRO A 50  CYS A 56  1 ? 7  
HELX_P HELX_P4 4 GLY A 62  ? GLY A 64  ? GLY A 62  GLY A 64  5 ? 3  
HELX_P HELX_P5 5 MET A 68  ? ASN A 78  ? MET A 68  ASN A 78  1 ? 11 
HELX_P HELX_P6 6 PRO A 100 ? GLY A 102 ? PRO A 100 GLY A 102 5 ? 3  
HELX_P HELX_P7 7 GLU A 118 ? VAL A 128 ? GLU A 118 VAL A 128 1 ? 11 
HELX_P HELX_P8 8 THR A 140 ? GLN A 143 ? THR A 140 GLN A 143 1 ? 4  
HELX_P HELX_P9 9 ALA A 203 ? GLY A 205 ? ALA A 203 GLY A 205 5 ? 3  
# 
_struct_conf_type.id          HELX_P 
_struct_conf_type.criteria    ? 
_struct_conf_type.reference   ? 
# 
loop_
_struct_conn.id 
_struct_conn.conn_type_id 
_struct_conn.pdbx_leaving_atom_flag 
_struct_conn.pdbx_PDB_id 
_struct_conn.ptnr1_label_asym_id 
_struct_conn.ptnr1_label_comp_id 
_struct_conn.ptnr1_label_seq_id 
_struct_conn.ptnr1_label_atom_id 
_struct_conn.pdbx_ptnr1_label_alt_id 
_struct_conn.pdbx_ptnr1_PDB_ins_code 
_struct_conn.pdbx_ptnr1_standard_comp_id 
_struct_conn.ptnr1_symmetry 
_struct_conn.ptnr2_label_asym_id 
_struct_conn.ptnr2_label_comp_id 
_struct_conn.ptnr2_label_seq_id 
_struct_conn.ptnr2_label_atom_id 
_struct_conn.pdbx_ptnr2_label_alt_id 
_struct_conn.pdbx_ptnr2_PDB_ins_code 
_struct_conn.ptnr1_auth_asym_id 
_struct_conn.ptnr1_auth_comp_id 
_struct_conn.ptnr1_auth_seq_id 
_struct_conn.ptnr2_auth_asym_id 
_struct_conn.ptnr2_auth_comp_id 
_struct_conn.ptnr2_auth_seq_id 
_struct_conn.ptnr2_symmetry 
_struct_conn.pdbx_ptnr3_label_atom_id 
_struct_conn.pdbx_ptnr3_label_seq_id 
_struct_conn.pdbx_ptnr3_label_comp_id 
_struct_conn.pdbx_ptnr3_label_asym_id 
_struct_conn.pdbx_ptnr3_label_alt_id 
_struct_conn.pdbx_ptnr3_PDB_ins_code 
_struct_conn.details 
_struct_conn.pdbx_dist_value 
_struct_conn.pdbx_value_order 
_struct_conn.pdbx_role 
disulf1 disulf ?    ? A CYS 22  SG ? ? ? 1_555 A CYS 63  SG  ? ? A CYS 22  A CYS 63  1_555 ? ? ? ? ? ? ? 2.029 ? ? 
disulf2 disulf ?    ? A CYS 56  SG ? ? ? 1_555 A CYS 96  SG  ? ? A CYS 56  A CYS 96  1_555 ? ? ? ? ? ? ? 2.066 ? ? 
disulf3 disulf ?    ? A CYS 155 SG ? ? ? 1_555 A CYS 204 SG  ? ? A CYS 155 A CYS 204 1_555 ? ? ? ? ? ? ? 2.087 ? ? 
covale1 covale none ? A CYS 25  SG ? ? ? 1_555 B POS .   C19 ? ? A CYS 25  A POS 300 1_555 ? ? ? ? ? ? ? 1.839 ? ? 
# 
loop_
_struct_conn_type.id 
_struct_conn_type.criteria 
_struct_conn_type.reference 
disulf ? ? 
covale ? ? 
# 
loop_
_pdbx_modification_feature.ordinal 
_pdbx_modification_feature.label_comp_id 
_pdbx_modification_feature.label_asym_id 
_pdbx_modification_feature.label_seq_id 
_pdbx_modification_feature.label_alt_id 
_pdbx_modification_feature.modified_residue_label_comp_id 
_pdbx_modification_feature.modified_residue_label_asym_id 
_pdbx_modification_feature.modified_residue_label_seq_id 
_pdbx_modification_feature.modified_residue_label_alt_id 
_pdbx_modification_feature.auth_comp_id 
_pdbx_modification_feature.auth_asym_id 
_pdbx_modification_feature.auth_seq_id 
_pdbx_modification_feature.PDB_ins_code 
_pdbx_modification_feature.symmetry 
_pdbx_modification_feature.modified_residue_auth_comp_id 
_pdbx_modification_feature.modified_residue_auth_asym_id 
_pdbx_modification_feature.modified_residue_auth_seq_id 
_pdbx_modification_feature.modified_residue_PDB_ins_code 
_pdbx_modification_feature.modified_residue_symmetry 
_pdbx_modification_feature.comp_id_linking_atom 
_pdbx_modification_feature.modified_residue_id_linking_atom 
_pdbx_modification_feature.modified_residue_id 
_pdbx_modification_feature.ref_pcm_id 
_pdbx_modification_feature.ref_comp_id 
_pdbx_modification_feature.type 
_pdbx_modification_feature.category 
1 POS B .   ? CYS A 25  ? POS A 300 ? 1_555 CYS A 25  ? 1_555 C19 SG CYS 1 POS None 'Covalent chemical modification' 
2 CYS A 22  ? CYS A 63  ? CYS A 22  ? 1_555 CYS A 63  ? 1_555 SG  SG .   . .   None 'Disulfide bridge'               
3 CYS A 56  ? CYS A 96  ? CYS A 56  ? 1_555 CYS A 96  ? 1_555 SG  SG .   . .   None 'Disulfide bridge'               
4 CYS A 155 ? CYS A 204 ? CYS A 155 ? 1_555 CYS A 204 ? 1_555 SG  SG .   . .   None 'Disulfide bridge'               
# 
loop_
_struct_sheet.id 
_struct_sheet.type 
_struct_sheet.number_strands 
_struct_sheet.details 
A ? 2 ? 
B ? 2 ? 
C ? 2 ? 
# 
loop_
_struct_sheet_order.sheet_id 
_struct_sheet_order.range_id_1 
_struct_sheet_order.range_id_2 
_struct_sheet_order.offset 
_struct_sheet_order.sense 
A 1 2 ? anti-parallel 
B 1 2 ? anti-parallel 
C 1 2 ? anti-parallel 
# 
loop_
_struct_sheet_range.sheet_id 
_struct_sheet_range.id 
_struct_sheet_range.beg_label_comp_id 
_struct_sheet_range.beg_label_asym_id 
_struct_sheet_range.beg_label_seq_id 
_struct_sheet_range.pdbx_beg_PDB_ins_code 
_struct_sheet_range.end_label_comp_id 
_struct_sheet_range.end_label_asym_id 
_struct_sheet_range.end_label_seq_id 
_struct_sheet_range.pdbx_end_PDB_ins_code 
_struct_sheet_range.beg_auth_comp_id 
_struct_sheet_range.beg_auth_asym_id 
_struct_sheet_range.beg_auth_seq_id 
_struct_sheet_range.end_auth_comp_id 
_struct_sheet_range.end_auth_asym_id 
_struct_sheet_range.end_auth_seq_id 
A 1 TYR A 110 ? GLU A 112 ? TYR A 110 GLU A 112 
A 2 SER A 211 ? PRO A 213 ? SER A 211 PRO A 213 
B 1 VAL A 131 ? ILE A 135 ? VAL A 131 ILE A 135 
B 2 HIS A 162 ? ALA A 166 ? HIS A 162 ALA A 166 
C 1 HIS A 177 ? LYS A 181 ? HIS A 177 LYS A 181 
C 2 TYR A 193 ? ALA A 197 ? TYR A 193 ALA A 197 
# 
loop_
_pdbx_struct_sheet_hbond.sheet_id 
_pdbx_struct_sheet_hbond.range_id_1 
_pdbx_struct_sheet_hbond.range_id_2 
_pdbx_struct_sheet_hbond.range_1_label_atom_id 
_pdbx_struct_sheet_hbond.range_1_label_comp_id 
_pdbx_struct_sheet_hbond.range_1_label_asym_id 
_pdbx_struct_sheet_hbond.range_1_label_seq_id 
_pdbx_struct_sheet_hbond.range_1_PDB_ins_code 
_pdbx_struct_sheet_hbond.range_1_auth_atom_id 
_pdbx_struct_sheet_hbond.range_1_auth_comp_id 
_pdbx_struct_sheet_hbond.range_1_auth_asym_id 
_pdbx_struct_sheet_hbond.range_1_auth_seq_id 
_pdbx_struct_sheet_hbond.range_2_label_atom_id 
_pdbx_struct_sheet_hbond.range_2_label_comp_id 
_pdbx_struct_sheet_hbond.range_2_label_asym_id 
_pdbx_struct_sheet_hbond.range_2_label_seq_id 
_pdbx_struct_sheet_hbond.range_2_PDB_ins_code 
_pdbx_struct_sheet_hbond.range_2_auth_atom_id 
_pdbx_struct_sheet_hbond.range_2_auth_comp_id 
_pdbx_struct_sheet_hbond.range_2_auth_asym_id 
_pdbx_struct_sheet_hbond.range_2_auth_seq_id 
A 1 2 O ARG A 111 ? O ARG A 111 N PHE A 212 ? N PHE A 212 
B 1 2 O VAL A 131 ? O VAL A 131 N ALA A 166 ? N ALA A 166 
C 1 2 O TRP A 178 ? O TRP A 178 N MET A 196 ? N MET A 196 
# 
_struct_site.id                   AC1 
_struct_site.pdbx_evidence_code   Software 
_struct_site.pdbx_auth_asym_id    A 
_struct_site.pdbx_auth_comp_id    POS 
_struct_site.pdbx_auth_seq_id     300 
_struct_site.pdbx_auth_ins_code   ? 
_struct_site.pdbx_num_residues    18 
_struct_site.details              'BINDING SITE FOR RESIDUE POS A 300' 
# 
loop_
_struct_site_gen.id 
_struct_site_gen.site_id 
_struct_site_gen.pdbx_num_res 
_struct_site_gen.label_comp_id 
_struct_site_gen.label_asym_id 
_struct_site_gen.label_seq_id 
_struct_site_gen.pdbx_auth_ins_code 
_struct_site_gen.auth_comp_id 
_struct_site_gen.auth_asym_id 
_struct_site_gen.auth_seq_id 
_struct_site_gen.label_atom_id 
_struct_site_gen.label_alt_id 
_struct_site_gen.symmetry 
_struct_site_gen.details 
1  AC1 18 ASN A 18  ? ASN A 18  . ? 1_555 ? 
2  AC1 18 GLN A 19  ? GLN A 19  . ? 1_555 ? 
3  AC1 18 GLY A 20  ? GLY A 20  . ? 1_555 ? 
4  AC1 18 GLY A 23  ? GLY A 23  . ? 1_555 ? 
5  AC1 18 CYS A 25  ? CYS A 25  . ? 1_555 ? 
6  AC1 18 GLY A 65  ? GLY A 65  . ? 1_555 ? 
7  AC1 18 GLY A 66  ? GLY A 66  . ? 1_555 ? 
8  AC1 18 TYR A 67  ? TYR A 67  . ? 1_555 ? 
9  AC1 18 MET A 68  ? MET A 68  . ? 1_555 ? 
10 AC1 18 ARG A 123 ? ARG A 123 . ? 3_554 ? 
11 AC1 18 ARG A 127 ? ARG A 127 . ? 3_554 ? 
12 AC1 18 ALA A 134 ? ALA A 134 . ? 1_555 ? 
13 AC1 18 LEU A 160 ? LEU A 160 . ? 1_555 ? 
14 AC1 18 ASN A 161 ? ASN A 161 . ? 1_555 ? 
15 AC1 18 HIS A 162 ? HIS A 162 . ? 1_555 ? 
16 AC1 18 ALA A 163 ? ALA A 163 . ? 1_555 ? 
17 AC1 18 TRP A 184 ? TRP A 184 . ? 1_555 ? 
18 AC1 18 LEU A 209 ? LEU A 209 . ? 1_555 ? 
# 
_pdbx_entry_details.entry_id                   1AU2 
_pdbx_entry_details.compound_details           ? 
_pdbx_entry_details.source_details             ? 
_pdbx_entry_details.nonpolymer_details         ? 
_pdbx_entry_details.sequence_details           ? 
_pdbx_entry_details.has_ligand_of_interest     ? 
_pdbx_entry_details.has_protein_modification   Y 
# 
loop_
_pdbx_validate_rmsd_bond.id 
_pdbx_validate_rmsd_bond.PDB_model_num 
_pdbx_validate_rmsd_bond.auth_atom_id_1 
_pdbx_validate_rmsd_bond.auth_asym_id_1 
_pdbx_validate_rmsd_bond.auth_comp_id_1 
_pdbx_validate_rmsd_bond.auth_seq_id_1 
_pdbx_validate_rmsd_bond.PDB_ins_code_1 
_pdbx_validate_rmsd_bond.label_alt_id_1 
_pdbx_validate_rmsd_bond.auth_atom_id_2 
_pdbx_validate_rmsd_bond.auth_asym_id_2 
_pdbx_validate_rmsd_bond.auth_comp_id_2 
_pdbx_validate_rmsd_bond.auth_seq_id_2 
_pdbx_validate_rmsd_bond.PDB_ins_code_2 
_pdbx_validate_rmsd_bond.label_alt_id_2 
_pdbx_validate_rmsd_bond.bond_value 
_pdbx_validate_rmsd_bond.bond_target_value 
_pdbx_validate_rmsd_bond.bond_deviation 
_pdbx_validate_rmsd_bond.bond_standard_deviation 
_pdbx_validate_rmsd_bond.linker_flag 
1 1 CG  A TYR 89  ? ? CD2 A TYR 89  ? ? 1.294 1.387 -0.093 0.013 N 
2 1 CE1 A TYR 89  ? ? CZ  A TYR 89  ? ? 1.259 1.381 -0.122 0.013 N 
3 1 CZ  A TYR 89  ? ? CE2 A TYR 89  ? ? 1.272 1.381 -0.109 0.013 N 
4 1 CE1 A TYR 150 ? ? CZ  A TYR 150 ? ? 1.479 1.381 0.098  0.013 N 
5 1 CZ  A TYR 150 ? ? CE2 A TYR 150 ? ? 1.488 1.381 0.107  0.013 N 
6 1 CZ  A TYR 151 ? ? CE2 A TYR 151 ? ? 1.301 1.381 -0.080 0.013 N 
7 1 CZ3 A TRP 178 ? ? CH2 A TRP 178 ? ? 1.499 1.396 0.103  0.016 N 
# 
loop_
_pdbx_validate_rmsd_angle.id 
_pdbx_validate_rmsd_angle.PDB_model_num 
_pdbx_validate_rmsd_angle.auth_atom_id_1 
_pdbx_validate_rmsd_angle.auth_asym_id_1 
_pdbx_validate_rmsd_angle.auth_comp_id_1 
_pdbx_validate_rmsd_angle.auth_seq_id_1 
_pdbx_validate_rmsd_angle.PDB_ins_code_1 
_pdbx_validate_rmsd_angle.label_alt_id_1 
_pdbx_validate_rmsd_angle.auth_atom_id_2 
_pdbx_validate_rmsd_angle.auth_asym_id_2 
_pdbx_validate_rmsd_angle.auth_comp_id_2 
_pdbx_validate_rmsd_angle.auth_seq_id_2 
_pdbx_validate_rmsd_angle.PDB_ins_code_2 
_pdbx_validate_rmsd_angle.label_alt_id_2 
_pdbx_validate_rmsd_angle.auth_atom_id_3 
_pdbx_validate_rmsd_angle.auth_asym_id_3 
_pdbx_validate_rmsd_angle.auth_comp_id_3 
_pdbx_validate_rmsd_angle.auth_seq_id_3 
_pdbx_validate_rmsd_angle.PDB_ins_code_3 
_pdbx_validate_rmsd_angle.label_alt_id_3 
_pdbx_validate_rmsd_angle.angle_value 
_pdbx_validate_rmsd_angle.angle_target_value 
_pdbx_validate_rmsd_angle.angle_deviation 
_pdbx_validate_rmsd_angle.angle_standard_deviation 
_pdbx_validate_rmsd_angle.linker_flag 
1 1 CZ  A TYR 89  ? ? CE2 A TYR 89  ? ? CD2 A TYR 89  ? ? 125.21 119.80 5.41 0.90 N 
2 1 CD1 A TYR 151 ? ? CE1 A TYR 151 ? ? CZ  A TYR 151 ? ? 125.51 119.80 5.71 0.90 N 
# 
loop_
_pdbx_validate_torsion.id 
_pdbx_validate_torsion.PDB_model_num 
_pdbx_validate_torsion.auth_comp_id 
_pdbx_validate_torsion.auth_asym_id 
_pdbx_validate_torsion.auth_seq_id 
_pdbx_validate_torsion.PDB_ins_code 
_pdbx_validate_torsion.label_alt_id 
_pdbx_validate_torsion.phi 
_pdbx_validate_torsion.psi 
1  1 SER A 4   ? ? -170.50 149.38  
2  1 GLN A 21  ? ? -104.11 55.05   
3  1 THR A 42  ? ? -168.69 -39.67  
4  1 GLN A 76  ? ? -69.65  -72.10  
5  1 LYS A 77  ? ? -48.85  -14.16  
6  1 ARG A 79  ? ? 83.77   48.33   
7  1 GLU A 94  ? ? -163.43 -165.25 
8  1 GLU A 115 ? ? -42.57  95.42   
9  1 SER A 146 ? ? -132.76 -30.65  
10 1 ASN A 159 ? ? -115.24 63.24   
11 1 GLN A 172 ? ? -130.64 -88.20  
12 1 TRP A 184 ? ? -91.80  30.53   
13 1 ASN A 199 ? ? 83.17   17.60   
14 1 LYS A 200 ? ? -104.22 63.79   
15 1 ASN A 202 ? ? 66.77   63.79   
16 1 LEU A 209 ? ? -154.52 52.52   
# 
loop_
_chem_comp_atom.comp_id 
_chem_comp_atom.atom_id 
_chem_comp_atom.type_symbol 
_chem_comp_atom.pdbx_aromatic_flag 
_chem_comp_atom.pdbx_stereo_config 
_chem_comp_atom.pdbx_ordinal 
ALA N    N N N 1   
ALA CA   C N S 2   
ALA C    C N N 3   
ALA O    O N N 4   
ALA CB   C N N 5   
ALA OXT  O N N 6   
ALA H    H N N 7   
ALA H2   H N N 8   
ALA HA   H N N 9   
ALA HB1  H N N 10  
ALA HB2  H N N 11  
ALA HB3  H N N 12  
ALA HXT  H N N 13  
ARG N    N N N 14  
ARG CA   C N S 15  
ARG C    C N N 16  
ARG O    O N N 17  
ARG CB   C N N 18  
ARG CG   C N N 19  
ARG CD   C N N 20  
ARG NE   N N N 21  
ARG CZ   C N N 22  
ARG NH1  N N N 23  
ARG NH2  N N N 24  
ARG OXT  O N N 25  
ARG H    H N N 26  
ARG H2   H N N 27  
ARG HA   H N N 28  
ARG HB2  H N N 29  
ARG HB3  H N N 30  
ARG HG2  H N N 31  
ARG HG3  H N N 32  
ARG HD2  H N N 33  
ARG HD3  H N N 34  
ARG HE   H N N 35  
ARG HH11 H N N 36  
ARG HH12 H N N 37  
ARG HH21 H N N 38  
ARG HH22 H N N 39  
ARG HXT  H N N 40  
ASN N    N N N 41  
ASN CA   C N S 42  
ASN C    C N N 43  
ASN O    O N N 44  
ASN CB   C N N 45  
ASN CG   C N N 46  
ASN OD1  O N N 47  
ASN ND2  N N N 48  
ASN OXT  O N N 49  
ASN H    H N N 50  
ASN H2   H N N 51  
ASN HA   H N N 52  
ASN HB2  H N N 53  
ASN HB3  H N N 54  
ASN HD21 H N N 55  
ASN HD22 H N N 56  
ASN HXT  H N N 57  
ASP N    N N N 58  
ASP CA   C N S 59  
ASP C    C N N 60  
ASP O    O N N 61  
ASP CB   C N N 62  
ASP CG   C N N 63  
ASP OD1  O N N 64  
ASP OD2  O N N 65  
ASP OXT  O N N 66  
ASP H    H N N 67  
ASP H2   H N N 68  
ASP HA   H N N 69  
ASP HB2  H N N 70  
ASP HB3  H N N 71  
ASP HD2  H N N 72  
ASP HXT  H N N 73  
CYS N    N N N 74  
CYS CA   C N R 75  
CYS C    C N N 76  
CYS O    O N N 77  
CYS CB   C N N 78  
CYS SG   S N N 79  
CYS OXT  O N N 80  
CYS H    H N N 81  
CYS H2   H N N 82  
CYS HA   H N N 83  
CYS HB2  H N N 84  
CYS HB3  H N N 85  
CYS HG   H N N 86  
CYS HXT  H N N 87  
GLN N    N N N 88  
GLN CA   C N S 89  
GLN C    C N N 90  
GLN O    O N N 91  
GLN CB   C N N 92  
GLN CG   C N N 93  
GLN CD   C N N 94  
GLN OE1  O N N 95  
GLN NE2  N N N 96  
GLN OXT  O N N 97  
GLN H    H N N 98  
GLN H2   H N N 99  
GLN HA   H N N 100 
GLN HB2  H N N 101 
GLN HB3  H N N 102 
GLN HG2  H N N 103 
GLN HG3  H N N 104 
GLN HE21 H N N 105 
GLN HE22 H N N 106 
GLN HXT  H N N 107 
GLU N    N N N 108 
GLU CA   C N S 109 
GLU C    C N N 110 
GLU O    O N N 111 
GLU CB   C N N 112 
GLU CG   C N N 113 
GLU CD   C N N 114 
GLU OE1  O N N 115 
GLU OE2  O N N 116 
GLU OXT  O N N 117 
GLU H    H N N 118 
GLU H2   H N N 119 
GLU HA   H N N 120 
GLU HB2  H N N 121 
GLU HB3  H N N 122 
GLU HG2  H N N 123 
GLU HG3  H N N 124 
GLU HE2  H N N 125 
GLU HXT  H N N 126 
GLY N    N N N 127 
GLY CA   C N N 128 
GLY C    C N N 129 
GLY O    O N N 130 
GLY OXT  O N N 131 
GLY H    H N N 132 
GLY H2   H N N 133 
GLY HA2  H N N 134 
GLY HA3  H N N 135 
GLY HXT  H N N 136 
HIS N    N N N 137 
HIS CA   C N S 138 
HIS C    C N N 139 
HIS O    O N N 140 
HIS CB   C N N 141 
HIS CG   C Y N 142 
HIS ND1  N Y N 143 
HIS CD2  C Y N 144 
HIS CE1  C Y N 145 
HIS NE2  N Y N 146 
HIS OXT  O N N 147 
HIS H    H N N 148 
HIS H2   H N N 149 
HIS HA   H N N 150 
HIS HB2  H N N 151 
HIS HB3  H N N 152 
HIS HD1  H N N 153 
HIS HD2  H N N 154 
HIS HE1  H N N 155 
HIS HE2  H N N 156 
HIS HXT  H N N 157 
HOH O    O N N 158 
HOH H1   H N N 159 
HOH H2   H N N 160 
ILE N    N N N 161 
ILE CA   C N S 162 
ILE C    C N N 163 
ILE O    O N N 164 
ILE CB   C N S 165 
ILE CG1  C N N 166 
ILE CG2  C N N 167 
ILE CD1  C N N 168 
ILE OXT  O N N 169 
ILE H    H N N 170 
ILE H2   H N N 171 
ILE HA   H N N 172 
ILE HB   H N N 173 
ILE HG12 H N N 174 
ILE HG13 H N N 175 
ILE HG21 H N N 176 
ILE HG22 H N N 177 
ILE HG23 H N N 178 
ILE HD11 H N N 179 
ILE HD12 H N N 180 
ILE HD13 H N N 181 
ILE HXT  H N N 182 
LEU N    N N N 183 
LEU CA   C N S 184 
LEU C    C N N 185 
LEU O    O N N 186 
LEU CB   C N N 187 
LEU CG   C N N 188 
LEU CD1  C N N 189 
LEU CD2  C N N 190 
LEU OXT  O N N 191 
LEU H    H N N 192 
LEU H2   H N N 193 
LEU HA   H N N 194 
LEU HB2  H N N 195 
LEU HB3  H N N 196 
LEU HG   H N N 197 
LEU HD11 H N N 198 
LEU HD12 H N N 199 
LEU HD13 H N N 200 
LEU HD21 H N N 201 
LEU HD22 H N N 202 
LEU HD23 H N N 203 
LEU HXT  H N N 204 
LYS N    N N N 205 
LYS CA   C N S 206 
LYS C    C N N 207 
LYS O    O N N 208 
LYS CB   C N N 209 
LYS CG   C N N 210 
LYS CD   C N N 211 
LYS CE   C N N 212 
LYS NZ   N N N 213 
LYS OXT  O N N 214 
LYS H    H N N 215 
LYS H2   H N N 216 
LYS HA   H N N 217 
LYS HB2  H N N 218 
LYS HB3  H N N 219 
LYS HG2  H N N 220 
LYS HG3  H N N 221 
LYS HD2  H N N 222 
LYS HD3  H N N 223 
LYS HE2  H N N 224 
LYS HE3  H N N 225 
LYS HZ1  H N N 226 
LYS HZ2  H N N 227 
LYS HZ3  H N N 228 
LYS HXT  H N N 229 
MET N    N N N 230 
MET CA   C N S 231 
MET C    C N N 232 
MET O    O N N 233 
MET CB   C N N 234 
MET CG   C N N 235 
MET SD   S N N 236 
MET CE   C N N 237 
MET OXT  O N N 238 
MET H    H N N 239 
MET H2   H N N 240 
MET HA   H N N 241 
MET HB2  H N N 242 
MET HB3  H N N 243 
MET HG2  H N N 244 
MET HG3  H N N 245 
MET HE1  H N N 246 
MET HE2  H N N 247 
MET HE3  H N N 248 
MET HXT  H N N 249 
PHE N    N N N 250 
PHE CA   C N S 251 
PHE C    C N N 252 
PHE O    O N N 253 
PHE CB   C N N 254 
PHE CG   C Y N 255 
PHE CD1  C Y N 256 
PHE CD2  C Y N 257 
PHE CE1  C Y N 258 
PHE CE2  C Y N 259 
PHE CZ   C Y N 260 
PHE OXT  O N N 261 
PHE H    H N N 262 
PHE H2   H N N 263 
PHE HA   H N N 264 
PHE HB2  H N N 265 
PHE HB3  H N N 266 
PHE HD1  H N N 267 
PHE HD2  H N N 268 
PHE HE1  H N N 269 
PHE HE2  H N N 270 
PHE HZ   H N N 271 
PHE HXT  H N N 272 
POS C1   C Y N 273 
POS C2   C Y N 274 
POS C3   C Y N 275 
POS C4   C Y N 276 
POS C5   C Y N 277 
POS C6   C Y N 278 
POS O7   O N N 279 
POS C8   C Y N 280 
POS C9   C Y N 281 
POS C10  C Y N 282 
POS C11  C Y N 283 
POS C12  C Y N 284 
POS C13  C Y N 285 
POS S14  S N N 286 
POS O15  O N N 287 
POS O16  O N N 288 
POS N17  N N N 289 
POS C18  C N N 290 
POS C19  C N R 291 
POS O20  O N N 292 
POS C21  C N N 293 
POS N22  N N N 294 
POS C23  C N N 295 
POS O24  O N N 296 
POS C25  C N S 297 
POS C26  C N N 298 
POS C27  C N N 299 
POS C28  C N N 300 
POS C29  C N N 301 
POS N30  N N N 302 
POS C31  C N N 303 
POS O32  O N N 304 
POS C33  C Y N 305 
POS C34  C Y N 306 
POS C35  C Y N 307 
POS N36  N Y N 308 
POS C37  C Y N 309 
POS C38  C Y N 310 
POS H2   H N N 311 
POS H3   H N N 312 
POS H4   H N N 313 
POS H5   H N N 314 
POS H6   H N N 315 
POS H9   H N N 316 
POS H10  H N N 317 
POS H12  H N N 318 
POS H13  H N N 319 
POS HN7  H N N 320 
POS H181 H N N 321 
POS H182 H N N 322 
POS H19  H N N 323 
POS H20  H N N 324 
POS H211 H N N 325 
POS H212 H N N 326 
POS HN2  H N N 327 
POS H25  H N N 328 
POS H261 H N N 329 
POS H262 H N N 330 
POS H27  H N N 331 
POS H281 H N N 332 
POS H282 H N N 333 
POS H283 H N N 334 
POS H291 H N N 335 
POS H292 H N N 336 
POS H293 H N N 337 
POS HN3  H N N 338 
POS H34  H N N 339 
POS H35  H N N 340 
POS H37  H N N 341 
POS H38  H N N 342 
PRO N    N N N 343 
PRO CA   C N S 344 
PRO C    C N N 345 
PRO O    O N N 346 
PRO CB   C N N 347 
PRO CG   C N N 348 
PRO CD   C N N 349 
PRO OXT  O N N 350 
PRO H    H N N 351 
PRO HA   H N N 352 
PRO HB2  H N N 353 
PRO HB3  H N N 354 
PRO HG2  H N N 355 
PRO HG3  H N N 356 
PRO HD2  H N N 357 
PRO HD3  H N N 358 
PRO HXT  H N N 359 
SER N    N N N 360 
SER CA   C N S 361 
SER C    C N N 362 
SER O    O N N 363 
SER CB   C N N 364 
SER OG   O N N 365 
SER OXT  O N N 366 
SER H    H N N 367 
SER H2   H N N 368 
SER HA   H N N 369 
SER HB2  H N N 370 
SER HB3  H N N 371 
SER HG   H N N 372 
SER HXT  H N N 373 
THR N    N N N 374 
THR CA   C N S 375 
THR C    C N N 376 
THR O    O N N 377 
THR CB   C N R 378 
THR OG1  O N N 379 
THR CG2  C N N 380 
THR OXT  O N N 381 
THR H    H N N 382 
THR H2   H N N 383 
THR HA   H N N 384 
THR HB   H N N 385 
THR HG1  H N N 386 
THR HG21 H N N 387 
THR HG22 H N N 388 
THR HG23 H N N 389 
THR HXT  H N N 390 
TRP N    N N N 391 
TRP CA   C N S 392 
TRP C    C N N 393 
TRP O    O N N 394 
TRP CB   C N N 395 
TRP CG   C Y N 396 
TRP CD1  C Y N 397 
TRP CD2  C Y N 398 
TRP NE1  N Y N 399 
TRP CE2  C Y N 400 
TRP CE3  C Y N 401 
TRP CZ2  C Y N 402 
TRP CZ3  C Y N 403 
TRP CH2  C Y N 404 
TRP OXT  O N N 405 
TRP H    H N N 406 
TRP H2   H N N 407 
TRP HA   H N N 408 
TRP HB2  H N N 409 
TRP HB3  H N N 410 
TRP HD1  H N N 411 
TRP HE1  H N N 412 
TRP HE3  H N N 413 
TRP HZ2  H N N 414 
TRP HZ3  H N N 415 
TRP HH2  H N N 416 
TRP HXT  H N N 417 
TYR N    N N N 418 
TYR CA   C N S 419 
TYR C    C N N 420 
TYR O    O N N 421 
TYR CB   C N N 422 
TYR CG   C Y N 423 
TYR CD1  C Y N 424 
TYR CD2  C Y N 425 
TYR CE1  C Y N 426 
TYR CE2  C Y N 427 
TYR CZ   C Y N 428 
TYR OH   O N N 429 
TYR OXT  O N N 430 
TYR H    H N N 431 
TYR H2   H N N 432 
TYR HA   H N N 433 
TYR HB2  H N N 434 
TYR HB3  H N N 435 
TYR HD1  H N N 436 
TYR HD2  H N N 437 
TYR HE1  H N N 438 
TYR HE2  H N N 439 
TYR HH   H N N 440 
TYR HXT  H N N 441 
VAL N    N N N 442 
VAL CA   C N S 443 
VAL C    C N N 444 
VAL O    O N N 445 
VAL CB   C N N 446 
VAL CG1  C N N 447 
VAL CG2  C N N 448 
VAL OXT  O N N 449 
VAL H    H N N 450 
VAL H2   H N N 451 
VAL HA   H N N 452 
VAL HB   H N N 453 
VAL HG11 H N N 454 
VAL HG12 H N N 455 
VAL HG13 H N N 456 
VAL HG21 H N N 457 
VAL HG22 H N N 458 
VAL HG23 H N N 459 
VAL HXT  H N N 460 
# 
loop_
_chem_comp_bond.comp_id 
_chem_comp_bond.atom_id_1 
_chem_comp_bond.atom_id_2 
_chem_comp_bond.value_order 
_chem_comp_bond.pdbx_aromatic_flag 
_chem_comp_bond.pdbx_stereo_config 
_chem_comp_bond.pdbx_ordinal 
ALA N   CA   sing N N 1   
ALA N   H    sing N N 2   
ALA N   H2   sing N N 3   
ALA CA  C    sing N N 4   
ALA CA  CB   sing N N 5   
ALA CA  HA   sing N N 6   
ALA C   O    doub N N 7   
ALA C   OXT  sing N N 8   
ALA CB  HB1  sing N N 9   
ALA CB  HB2  sing N N 10  
ALA CB  HB3  sing N N 11  
ALA OXT HXT  sing N N 12  
ARG N   CA   sing N N 13  
ARG N   H    sing N N 14  
ARG N   H2   sing N N 15  
ARG CA  C    sing N N 16  
ARG CA  CB   sing N N 17  
ARG CA  HA   sing N N 18  
ARG C   O    doub N N 19  
ARG C   OXT  sing N N 20  
ARG CB  CG   sing N N 21  
ARG CB  HB2  sing N N 22  
ARG CB  HB3  sing N N 23  
ARG CG  CD   sing N N 24  
ARG CG  HG2  sing N N 25  
ARG CG  HG3  sing N N 26  
ARG CD  NE   sing N N 27  
ARG CD  HD2  sing N N 28  
ARG CD  HD3  sing N N 29  
ARG NE  CZ   sing N N 30  
ARG NE  HE   sing N N 31  
ARG CZ  NH1  sing N N 32  
ARG CZ  NH2  doub N N 33  
ARG NH1 HH11 sing N N 34  
ARG NH1 HH12 sing N N 35  
ARG NH2 HH21 sing N N 36  
ARG NH2 HH22 sing N N 37  
ARG OXT HXT  sing N N 38  
ASN N   CA   sing N N 39  
ASN N   H    sing N N 40  
ASN N   H2   sing N N 41  
ASN CA  C    sing N N 42  
ASN CA  CB   sing N N 43  
ASN CA  HA   sing N N 44  
ASN C   O    doub N N 45  
ASN C   OXT  sing N N 46  
ASN CB  CG   sing N N 47  
ASN CB  HB2  sing N N 48  
ASN CB  HB3  sing N N 49  
ASN CG  OD1  doub N N 50  
ASN CG  ND2  sing N N 51  
ASN ND2 HD21 sing N N 52  
ASN ND2 HD22 sing N N 53  
ASN OXT HXT  sing N N 54  
ASP N   CA   sing N N 55  
ASP N   H    sing N N 56  
ASP N   H2   sing N N 57  
ASP CA  C    sing N N 58  
ASP CA  CB   sing N N 59  
ASP CA  HA   sing N N 60  
ASP C   O    doub N N 61  
ASP C   OXT  sing N N 62  
ASP CB  CG   sing N N 63  
ASP CB  HB2  sing N N 64  
ASP CB  HB3  sing N N 65  
ASP CG  OD1  doub N N 66  
ASP CG  OD2  sing N N 67  
ASP OD2 HD2  sing N N 68  
ASP OXT HXT  sing N N 69  
CYS N   CA   sing N N 70  
CYS N   H    sing N N 71  
CYS N   H2   sing N N 72  
CYS CA  C    sing N N 73  
CYS CA  CB   sing N N 74  
CYS CA  HA   sing N N 75  
CYS C   O    doub N N 76  
CYS C   OXT  sing N N 77  
CYS CB  SG   sing N N 78  
CYS CB  HB2  sing N N 79  
CYS CB  HB3  sing N N 80  
CYS SG  HG   sing N N 81  
CYS OXT HXT  sing N N 82  
GLN N   CA   sing N N 83  
GLN N   H    sing N N 84  
GLN N   H2   sing N N 85  
GLN CA  C    sing N N 86  
GLN CA  CB   sing N N 87  
GLN CA  HA   sing N N 88  
GLN C   O    doub N N 89  
GLN C   OXT  sing N N 90  
GLN CB  CG   sing N N 91  
GLN CB  HB2  sing N N 92  
GLN CB  HB3  sing N N 93  
GLN CG  CD   sing N N 94  
GLN CG  HG2  sing N N 95  
GLN CG  HG3  sing N N 96  
GLN CD  OE1  doub N N 97  
GLN CD  NE2  sing N N 98  
GLN NE2 HE21 sing N N 99  
GLN NE2 HE22 sing N N 100 
GLN OXT HXT  sing N N 101 
GLU N   CA   sing N N 102 
GLU N   H    sing N N 103 
GLU N   H2   sing N N 104 
GLU CA  C    sing N N 105 
GLU CA  CB   sing N N 106 
GLU CA  HA   sing N N 107 
GLU C   O    doub N N 108 
GLU C   OXT  sing N N 109 
GLU CB  CG   sing N N 110 
GLU CB  HB2  sing N N 111 
GLU CB  HB3  sing N N 112 
GLU CG  CD   sing N N 113 
GLU CG  HG2  sing N N 114 
GLU CG  HG3  sing N N 115 
GLU CD  OE1  doub N N 116 
GLU CD  OE2  sing N N 117 
GLU OE2 HE2  sing N N 118 
GLU OXT HXT  sing N N 119 
GLY N   CA   sing N N 120 
GLY N   H    sing N N 121 
GLY N   H2   sing N N 122 
GLY CA  C    sing N N 123 
GLY CA  HA2  sing N N 124 
GLY CA  HA3  sing N N 125 
GLY C   O    doub N N 126 
GLY C   OXT  sing N N 127 
GLY OXT HXT  sing N N 128 
HIS N   CA   sing N N 129 
HIS N   H    sing N N 130 
HIS N   H2   sing N N 131 
HIS CA  C    sing N N 132 
HIS CA  CB   sing N N 133 
HIS CA  HA   sing N N 134 
HIS C   O    doub N N 135 
HIS C   OXT  sing N N 136 
HIS CB  CG   sing N N 137 
HIS CB  HB2  sing N N 138 
HIS CB  HB3  sing N N 139 
HIS CG  ND1  sing Y N 140 
HIS CG  CD2  doub Y N 141 
HIS ND1 CE1  doub Y N 142 
HIS ND1 HD1  sing N N 143 
HIS CD2 NE2  sing Y N 144 
HIS CD2 HD2  sing N N 145 
HIS CE1 NE2  sing Y N 146 
HIS CE1 HE1  sing N N 147 
HIS NE2 HE2  sing N N 148 
HIS OXT HXT  sing N N 149 
HOH O   H1   sing N N 150 
HOH O   H2   sing N N 151 
ILE N   CA   sing N N 152 
ILE N   H    sing N N 153 
ILE N   H2   sing N N 154 
ILE CA  C    sing N N 155 
ILE CA  CB   sing N N 156 
ILE CA  HA   sing N N 157 
ILE C   O    doub N N 158 
ILE C   OXT  sing N N 159 
ILE CB  CG1  sing N N 160 
ILE CB  CG2  sing N N 161 
ILE CB  HB   sing N N 162 
ILE CG1 CD1  sing N N 163 
ILE CG1 HG12 sing N N 164 
ILE CG1 HG13 sing N N 165 
ILE CG2 HG21 sing N N 166 
ILE CG2 HG22 sing N N 167 
ILE CG2 HG23 sing N N 168 
ILE CD1 HD11 sing N N 169 
ILE CD1 HD12 sing N N 170 
ILE CD1 HD13 sing N N 171 
ILE OXT HXT  sing N N 172 
LEU N   CA   sing N N 173 
LEU N   H    sing N N 174 
LEU N   H2   sing N N 175 
LEU CA  C    sing N N 176 
LEU CA  CB   sing N N 177 
LEU CA  HA   sing N N 178 
LEU C   O    doub N N 179 
LEU C   OXT  sing N N 180 
LEU CB  CG   sing N N 181 
LEU CB  HB2  sing N N 182 
LEU CB  HB3  sing N N 183 
LEU CG  CD1  sing N N 184 
LEU CG  CD2  sing N N 185 
LEU CG  HG   sing N N 186 
LEU CD1 HD11 sing N N 187 
LEU CD1 HD12 sing N N 188 
LEU CD1 HD13 sing N N 189 
LEU CD2 HD21 sing N N 190 
LEU CD2 HD22 sing N N 191 
LEU CD2 HD23 sing N N 192 
LEU OXT HXT  sing N N 193 
LYS N   CA   sing N N 194 
LYS N   H    sing N N 195 
LYS N   H2   sing N N 196 
LYS CA  C    sing N N 197 
LYS CA  CB   sing N N 198 
LYS CA  HA   sing N N 199 
LYS C   O    doub N N 200 
LYS C   OXT  sing N N 201 
LYS CB  CG   sing N N 202 
LYS CB  HB2  sing N N 203 
LYS CB  HB3  sing N N 204 
LYS CG  CD   sing N N 205 
LYS CG  HG2  sing N N 206 
LYS CG  HG3  sing N N 207 
LYS CD  CE   sing N N 208 
LYS CD  HD2  sing N N 209 
LYS CD  HD3  sing N N 210 
LYS CE  NZ   sing N N 211 
LYS CE  HE2  sing N N 212 
LYS CE  HE3  sing N N 213 
LYS NZ  HZ1  sing N N 214 
LYS NZ  HZ2  sing N N 215 
LYS NZ  HZ3  sing N N 216 
LYS OXT HXT  sing N N 217 
MET N   CA   sing N N 218 
MET N   H    sing N N 219 
MET N   H2   sing N N 220 
MET CA  C    sing N N 221 
MET CA  CB   sing N N 222 
MET CA  HA   sing N N 223 
MET C   O    doub N N 224 
MET C   OXT  sing N N 225 
MET CB  CG   sing N N 226 
MET CB  HB2  sing N N 227 
MET CB  HB3  sing N N 228 
MET CG  SD   sing N N 229 
MET CG  HG2  sing N N 230 
MET CG  HG3  sing N N 231 
MET SD  CE   sing N N 232 
MET CE  HE1  sing N N 233 
MET CE  HE2  sing N N 234 
MET CE  HE3  sing N N 235 
MET OXT HXT  sing N N 236 
PHE N   CA   sing N N 237 
PHE N   H    sing N N 238 
PHE N   H2   sing N N 239 
PHE CA  C    sing N N 240 
PHE CA  CB   sing N N 241 
PHE CA  HA   sing N N 242 
PHE C   O    doub N N 243 
PHE C   OXT  sing N N 244 
PHE CB  CG   sing N N 245 
PHE CB  HB2  sing N N 246 
PHE CB  HB3  sing N N 247 
PHE CG  CD1  doub Y N 248 
PHE CG  CD2  sing Y N 249 
PHE CD1 CE1  sing Y N 250 
PHE CD1 HD1  sing N N 251 
PHE CD2 CE2  doub Y N 252 
PHE CD2 HD2  sing N N 253 
PHE CE1 CZ   doub Y N 254 
PHE CE1 HE1  sing N N 255 
PHE CE2 CZ   sing Y N 256 
PHE CE2 HE2  sing N N 257 
PHE CZ  HZ   sing N N 258 
PHE OXT HXT  sing N N 259 
POS C1  C2   doub Y N 260 
POS C1  C6   sing Y N 261 
POS C1  O7   sing N N 262 
POS C2  C3   sing Y N 263 
POS C2  H2   sing N N 264 
POS C3  C4   doub Y N 265 
POS C3  H3   sing N N 266 
POS C4  C5   sing Y N 267 
POS C4  H4   sing N N 268 
POS C5  C6   doub Y N 269 
POS C5  H5   sing N N 270 
POS C6  H6   sing N N 271 
POS O7  C8   sing N N 272 
POS C8  C9   doub Y N 273 
POS C8  C13  sing Y N 274 
POS C9  C10  sing Y N 275 
POS C9  H9   sing N N 276 
POS C10 C11  doub Y N 277 
POS C10 H10  sing N N 278 
POS C11 C12  sing Y N 279 
POS C11 S14  sing N N 280 
POS C12 C13  doub Y N 281 
POS C12 H12  sing N N 282 
POS C13 H13  sing N N 283 
POS S14 O15  doub N N 284 
POS S14 O16  doub N N 285 
POS S14 N17  sing N N 286 
POS N17 C18  sing N N 287 
POS N17 HN7  sing N N 288 
POS C18 C19  sing N N 289 
POS C18 H181 sing N N 290 
POS C18 H182 sing N N 291 
POS C19 O20  sing N N 292 
POS C19 C21  sing N N 293 
POS C19 H19  sing N N 294 
POS O20 H20  sing N N 295 
POS C21 N22  sing N N 296 
POS C21 H211 sing N N 297 
POS C21 H212 sing N N 298 
POS N22 C23  sing N N 299 
POS N22 HN2  sing N N 300 
POS C23 O24  doub N N 301 
POS C23 C25  sing N N 302 
POS C25 C26  sing N N 303 
POS C25 N30  sing N N 304 
POS C25 H25  sing N N 305 
POS C26 C27  sing N N 306 
POS C26 H261 sing N N 307 
POS C26 H262 sing N N 308 
POS C27 C28  sing N N 309 
POS C27 C29  sing N N 310 
POS C27 H27  sing N N 311 
POS C28 H281 sing N N 312 
POS C28 H282 sing N N 313 
POS C28 H283 sing N N 314 
POS C29 H291 sing N N 315 
POS C29 H292 sing N N 316 
POS C29 H293 sing N N 317 
POS N30 C31  sing N N 318 
POS N30 HN3  sing N N 319 
POS C31 O32  doub N N 320 
POS C31 C33  sing N N 321 
POS C33 C34  doub Y N 322 
POS C33 C37  sing Y N 323 
POS C34 C35  sing Y N 324 
POS C34 H34  sing N N 325 
POS C35 N36  doub Y N 326 
POS C35 H35  sing N N 327 
POS N36 C38  sing Y N 328 
POS C37 C38  doub Y N 329 
POS C37 H37  sing N N 330 
POS C38 H38  sing N N 331 
PRO N   CA   sing N N 332 
PRO N   CD   sing N N 333 
PRO N   H    sing N N 334 
PRO CA  C    sing N N 335 
PRO CA  CB   sing N N 336 
PRO CA  HA   sing N N 337 
PRO C   O    doub N N 338 
PRO C   OXT  sing N N 339 
PRO CB  CG   sing N N 340 
PRO CB  HB2  sing N N 341 
PRO CB  HB3  sing N N 342 
PRO CG  CD   sing N N 343 
PRO CG  HG2  sing N N 344 
PRO CG  HG3  sing N N 345 
PRO CD  HD2  sing N N 346 
PRO CD  HD3  sing N N 347 
PRO OXT HXT  sing N N 348 
SER N   CA   sing N N 349 
SER N   H    sing N N 350 
SER N   H2   sing N N 351 
SER CA  C    sing N N 352 
SER CA  CB   sing N N 353 
SER CA  HA   sing N N 354 
SER C   O    doub N N 355 
SER C   OXT  sing N N 356 
SER CB  OG   sing N N 357 
SER CB  HB2  sing N N 358 
SER CB  HB3  sing N N 359 
SER OG  HG   sing N N 360 
SER OXT HXT  sing N N 361 
THR N   CA   sing N N 362 
THR N   H    sing N N 363 
THR N   H2   sing N N 364 
THR CA  C    sing N N 365 
THR CA  CB   sing N N 366 
THR CA  HA   sing N N 367 
THR C   O    doub N N 368 
THR C   OXT  sing N N 369 
THR CB  OG1  sing N N 370 
THR CB  CG2  sing N N 371 
THR CB  HB   sing N N 372 
THR OG1 HG1  sing N N 373 
THR CG2 HG21 sing N N 374 
THR CG2 HG22 sing N N 375 
THR CG2 HG23 sing N N 376 
THR OXT HXT  sing N N 377 
TRP N   CA   sing N N 378 
TRP N   H    sing N N 379 
TRP N   H2   sing N N 380 
TRP CA  C    sing N N 381 
TRP CA  CB   sing N N 382 
TRP CA  HA   sing N N 383 
TRP C   O    doub N N 384 
TRP C   OXT  sing N N 385 
TRP CB  CG   sing N N 386 
TRP CB  HB2  sing N N 387 
TRP CB  HB3  sing N N 388 
TRP CG  CD1  doub Y N 389 
TRP CG  CD2  sing Y N 390 
TRP CD1 NE1  sing Y N 391 
TRP CD1 HD1  sing N N 392 
TRP CD2 CE2  doub Y N 393 
TRP CD2 CE3  sing Y N 394 
TRP NE1 CE2  sing Y N 395 
TRP NE1 HE1  sing N N 396 
TRP CE2 CZ2  sing Y N 397 
TRP CE3 CZ3  doub Y N 398 
TRP CE3 HE3  sing N N 399 
TRP CZ2 CH2  doub Y N 400 
TRP CZ2 HZ2  sing N N 401 
TRP CZ3 CH2  sing Y N 402 
TRP CZ3 HZ3  sing N N 403 
TRP CH2 HH2  sing N N 404 
TRP OXT HXT  sing N N 405 
TYR N   CA   sing N N 406 
TYR N   H    sing N N 407 
TYR N   H2   sing N N 408 
TYR CA  C    sing N N 409 
TYR CA  CB   sing N N 410 
TYR CA  HA   sing N N 411 
TYR C   O    doub N N 412 
TYR C   OXT  sing N N 413 
TYR CB  CG   sing N N 414 
TYR CB  HB2  sing N N 415 
TYR CB  HB3  sing N N 416 
TYR CG  CD1  doub Y N 417 
TYR CG  CD2  sing Y N 418 
TYR CD1 CE1  sing Y N 419 
TYR CD1 HD1  sing N N 420 
TYR CD2 CE2  doub Y N 421 
TYR CD2 HD2  sing N N 422 
TYR CE1 CZ   doub Y N 423 
TYR CE1 HE1  sing N N 424 
TYR CE2 CZ   sing Y N 425 
TYR CE2 HE2  sing N N 426 
TYR CZ  OH   sing N N 427 
TYR OH  HH   sing N N 428 
TYR OXT HXT  sing N N 429 
VAL N   CA   sing N N 430 
VAL N   H    sing N N 431 
VAL N   H2   sing N N 432 
VAL CA  C    sing N N 433 
VAL CA  CB   sing N N 434 
VAL CA  HA   sing N N 435 
VAL C   O    doub N N 436 
VAL C   OXT  sing N N 437 
VAL CB  CG1  sing N N 438 
VAL CB  CG2  sing N N 439 
VAL CB  HB   sing N N 440 
VAL CG1 HG11 sing N N 441 
VAL CG1 HG12 sing N N 442 
VAL CG1 HG13 sing N N 443 
VAL CG2 HG21 sing N N 444 
VAL CG2 HG22 sing N N 445 
VAL CG2 HG23 sing N N 446 
VAL OXT HXT  sing N N 447 
# 
_pdbx_initial_refinement_model.id               1 
_pdbx_initial_refinement_model.entity_id_list   ? 
_pdbx_initial_refinement_model.type             'experimental model' 
_pdbx_initial_refinement_model.source_name      PDB 
_pdbx_initial_refinement_model.accession_code   1ATK 
_pdbx_initial_refinement_model.details          ? 
# 
_atom_sites.entry_id                    1AU2 
_atom_sites.fract_transf_matrix[1][1]   -0.00229561 
_atom_sites.fract_transf_matrix[1][2]   0.01163995 
_atom_sites.fract_transf_matrix[1][3]   0.01241171 
_atom_sites.fract_transf_matrix[2][1]   0.01701467 
_atom_sites.fract_transf_matrix[2][2]   0.00171759 
_atom_sites.fract_transf_matrix[2][3]   0.00153617 
_atom_sites.fract_transf_matrix[3][1]   -0.00008853 
_atom_sites.fract_transf_matrix[3][2]   0.00552994 
_atom_sites.fract_transf_matrix[3][3]   -0.00520246 
_atom_sites.fract_transf_vector[1]      0.064395 
_atom_sites.fract_transf_vector[2]      0.617800 
_atom_sites.fract_transf_vector[3]      0.597715 
# 
loop_
_atom_type.symbol 
C 
N 
O 
S 
# 
loop_
_atom_site.group_PDB 
_atom_site.id 
_atom_site.type_symbol 
_atom_site.label_atom_id 
_atom_site.label_alt_id 
_atom_site.label_comp_id 
_atom_site.label_asym_id 
_atom_site.label_entity_id 
_atom_site.label_seq_id 
_atom_site.pdbx_PDB_ins_code 
_atom_site.Cartn_x 
_atom_site.Cartn_y 
_atom_site.Cartn_z 
_atom_site.occupancy 
_atom_site.B_iso_or_equiv 
_atom_site.pdbx_formal_charge 
_atom_site.auth_seq_id 
_atom_site.auth_comp_id 
_atom_site.auth_asym_id 
_atom_site.auth_atom_id 
_atom_site.pdbx_PDB_model_num 
ATOM   1    N N   . ALA A 1 1   ? -19.850 -2.275  -18.366 1.00 15.00 ? 1   ALA A N   1 
ATOM   2    C CA  . ALA A 1 1   ? -19.360 -2.446  -16.965 1.00 15.00 ? 1   ALA A CA  1 
ATOM   3    C C   . ALA A 1 1   ? -19.749 -1.227  -16.123 1.00 15.00 ? 1   ALA A C   1 
ATOM   4    O O   . ALA A 1 1   ? -20.137 -0.195  -16.678 1.00 15.00 ? 1   ALA A O   1 
ATOM   5    C CB  . ALA A 1 1   ? -17.826 -2.637  -16.947 1.00 15.00 ? 1   ALA A CB  1 
ATOM   6    N N   . PRO A 1 2   ? -19.752 -1.373  -14.784 1.00 15.00 ? 2   PRO A N   1 
ATOM   7    C CA  . PRO A 1 2   ? -20.103 -0.263  -13.889 1.00 15.00 ? 2   PRO A CA  1 
ATOM   8    C C   . PRO A 1 2   ? -18.810 0.445   -13.523 1.00 15.00 ? 2   PRO A C   1 
ATOM   9    O O   . PRO A 1 2   ? -17.763 0.243   -14.139 1.00 15.00 ? 2   PRO A O   1 
ATOM   10   C CB  . PRO A 1 2   ? -20.657 -0.998  -12.662 1.00 15.00 ? 2   PRO A CB  1 
ATOM   11   C CG  . PRO A 1 2   ? -19.701 -2.159  -12.590 1.00 15.00 ? 2   PRO A CG  1 
ATOM   12   C CD  . PRO A 1 2   ? -19.704 -2.644  -14.027 1.00 15.00 ? 2   PRO A CD  1 
ATOM   13   N N   . ASP A 1 3   ? -18.884 1.258   -12.489 1.00 15.00 ? 3   ASP A N   1 
ATOM   14   C CA  . ASP A 1 3   ? -17.715 1.953   -11.987 1.00 15.00 ? 3   ASP A CA  1 
ATOM   15   C C   . ASP A 1 3   ? -16.924 0.890   -11.240 1.00 15.00 ? 3   ASP A C   1 
ATOM   16   O O   . ASP A 1 3   ? -17.381 0.358   -10.210 1.00 15.00 ? 3   ASP A O   1 
ATOM   17   C CB  . ASP A 1 3   ? -18.150 3.033   -10.979 1.00 15.00 ? 3   ASP A CB  1 
ATOM   18   C CG  . ASP A 1 3   ? -18.188 4.427   -11.582 1.00 15.00 ? 3   ASP A CG  1 
ATOM   19   O OD1 . ASP A 1 3   ? -18.847 4.622   -12.642 1.00 15.00 ? 3   ASP A OD1 1 
ATOM   20   O OD2 . ASP A 1 3   ? -17.576 5.341   -10.997 1.00 15.00 ? 3   ASP A OD2 1 
ATOM   21   N N   . SER A 1 4   ? -15.765 0.543   -11.784 1.00 15.00 ? 4   SER A N   1 
ATOM   22   C CA  . SER A 1 4   ? -14.896 -0.439  -11.141 1.00 15.00 ? 4   SER A CA  1 
ATOM   23   C C   . SER A 1 4   ? -13.567 -0.453  -11.857 1.00 15.00 ? 4   SER A C   1 
ATOM   24   O O   . SER A 1 4   ? -13.496 -0.169  -13.058 1.00 15.00 ? 4   SER A O   1 
ATOM   25   C CB  . SER A 1 4   ? -15.563 -1.834  -11.152 1.00 15.00 ? 4   SER A CB  1 
ATOM   26   O OG  . SER A 1 4   ? -16.015 -2.188  -12.437 1.00 15.00 ? 4   SER A OG  1 
ATOM   27   N N   . VAL A 1 5   ? -12.515 -0.755  -11.110 1.00 15.00 ? 5   VAL A N   1 
ATOM   28   C CA  . VAL A 1 5   ? -11.211 -0.826  -11.708 1.00 15.00 ? 5   VAL A CA  1 
ATOM   29   C C   . VAL A 1 5   ? -10.321 -1.809  -10.880 1.00 15.00 ? 5   VAL A C   1 
ATOM   30   O O   . VAL A 1 5   ? -10.366 -1.880  -9.666  1.00 15.00 ? 5   VAL A O   1 
ATOM   31   C CB  . VAL A 1 5   ? -10.621 0.619   -11.870 1.00 15.00 ? 5   VAL A CB  1 
ATOM   32   C CG1 . VAL A 1 5   ? -10.485 1.283   -10.567 1.00 15.00 ? 5   VAL A CG1 1 
ATOM   33   C CG2 . VAL A 1 5   ? -9.286  0.591   -12.559 1.00 15.00 ? 5   VAL A CG2 1 
ATOM   34   N N   . ASP A 1 6   ? -9.605  -2.661  -11.590 1.00 15.00 ? 6   ASP A N   1 
ATOM   35   C CA  . ASP A 1 6   ? -8.675  -3.627  -11.019 1.00 15.00 ? 6   ASP A CA  1 
ATOM   36   C C   . ASP A 1 6   ? -7.323  -3.441  -11.717 1.00 15.00 ? 6   ASP A C   1 
ATOM   37   O O   . ASP A 1 6   ? -7.160  -3.705  -12.919 1.00 15.00 ? 6   ASP A O   1 
ATOM   38   C CB  . ASP A 1 6   ? -9.235  -5.038  -11.194 1.00 15.00 ? 6   ASP A CB  1 
ATOM   39   C CG  . ASP A 1 6   ? -8.368  -6.141  -10.552 1.00 15.00 ? 6   ASP A CG  1 
ATOM   40   O OD1 . ASP A 1 6   ? -7.530  -5.858  -9.675  1.00 15.00 ? 6   ASP A OD1 1 
ATOM   41   O OD2 . ASP A 1 6   ? -8.552  -7.325  -10.946 1.00 15.00 ? 6   ASP A OD2 1 
ATOM   42   N N   . TYR A 1 7   ? -6.367  -2.902  -10.977 1.00 15.00 ? 7   TYR A N   1 
ATOM   43   C CA  . TYR A 1 7   ? -5.061  -2.645  -11.550 1.00 15.00 ? 7   TYR A CA  1 
ATOM   44   C C   . TYR A 1 7   ? -4.121  -3.815  -11.739 1.00 15.00 ? 7   TYR A C   1 
ATOM   45   O O   . TYR A 1 7   ? -3.059  -3.675  -12.352 1.00 15.00 ? 7   TYR A O   1 
ATOM   46   C CB  . TYR A 1 7   ? -4.373  -1.530  -10.780 1.00 15.00 ? 7   TYR A CB  1 
ATOM   47   C CG  . TYR A 1 7   ? -4.933  -0.130  -11.069 1.00 15.00 ? 7   TYR A CG  1 
ATOM   48   C CD1 . TYR A 1 7   ? -4.792  0.479   -12.280 1.00 15.00 ? 7   TYR A CD1 1 
ATOM   49   C CD2 . TYR A 1 7   ? -5.609  0.585   -10.138 1.00 15.00 ? 7   TYR A CD2 1 
ATOM   50   C CE1 . TYR A 1 7   ? -5.323  1.755   -12.518 1.00 15.00 ? 7   TYR A CE1 1 
ATOM   51   C CE2 . TYR A 1 7   ? -6.113  1.836   -10.416 1.00 15.00 ? 7   TYR A CE2 1 
ATOM   52   C CZ  . TYR A 1 7   ? -5.974  2.409   -11.588 1.00 15.00 ? 7   TYR A CZ  1 
ATOM   53   O OH  . TYR A 1 7   ? -6.497  3.651   -11.848 1.00 15.00 ? 7   TYR A OH  1 
ATOM   54   N N   . ARG A 1 8   ? -4.506  -4.978  -11.233 1.00 15.00 ? 8   ARG A N   1 
ATOM   55   C CA  . ARG A 1 8   ? -3.666  -6.172  -11.342 1.00 15.00 ? 8   ARG A CA  1 
ATOM   56   C C   . ARG A 1 8   ? -3.645  -6.645  -12.774 1.00 15.00 ? 8   ARG A C   1 
ATOM   57   O O   . ARG A 1 8   ? -2.609  -7.013  -13.318 1.00 15.00 ? 8   ARG A O   1 
ATOM   58   C CB  . ARG A 1 8   ? -4.177  -7.259  -10.406 1.00 15.00 ? 8   ARG A CB  1 
ATOM   59   C CG  . ARG A 1 8   ? -4.247  -6.808  -8.918  1.00 15.00 ? 8   ARG A CG  1 
ATOM   60   C CD  . ARG A 1 8   ? -4.795  -7.890  -8.030  1.00 15.00 ? 8   ARG A CD  1 
ATOM   61   N NE  . ARG A 1 8   ? -6.162  -8.210  -8.402  1.00 15.00 ? 8   ARG A NE  1 
ATOM   62   C CZ  . ARG A 1 8   ? -7.054  -8.760  -7.580  1.00 15.00 ? 8   ARG A CZ  1 
ATOM   63   N NH1 . ARG A 1 8   ? -6.697  -9.053  -6.340  1.00 15.00 ? 8   ARG A NH1 1 
ATOM   64   N NH2 . ARG A 1 8   ? -8.323  -8.922  -7.952  1.00 15.00 ? 8   ARG A NH2 1 
ATOM   65   N N   . LYS A 1 9   ? -4.787  -6.499  -13.415 1.00 15.00 ? 9   LYS A N   1 
ATOM   66   C CA  . LYS A 1 9   ? -4.917  -6.877  -14.804 1.00 15.00 ? 9   LYS A CA  1 
ATOM   67   C C   . LYS A 1 9   ? -4.028  -5.964  -15.647 1.00 15.00 ? 9   LYS A C   1 
ATOM   68   O O   . LYS A 1 9   ? -3.202  -6.409  -16.448 1.00 15.00 ? 9   LYS A O   1 
ATOM   69   C CB  . LYS A 1 9   ? -6.370  -6.717  -15.240 1.00 15.00 ? 9   LYS A CB  1 
ATOM   70   C CG  . LYS A 1 9   ? -7.312  -7.557  -14.422 1.00 15.00 ? 9   LYS A CG  1 
ATOM   71   C CD  . LYS A 1 9   ? -8.687  -7.508  -15.003 1.00 15.00 ? 9   LYS A CD  1 
ATOM   72   C CE  . LYS A 1 9   ? -9.748  -8.010  -14.036 1.00 15.00 ? 9   LYS A CE  1 
ATOM   73   N NZ  . LYS A 1 9   ? -11.139 -7.693  -14.515 1.00 15.00 ? 9   LYS A NZ  1 
ATOM   74   N N   . LYS A 1 10  ? -4.148  -4.685  -15.356 1.00 15.00 ? 10  LYS A N   1 
ATOM   75   C CA  . LYS A 1 10  ? -3.460  -3.616  -16.027 1.00 15.00 ? 10  LYS A CA  1 
ATOM   76   C C   . LYS A 1 10  ? -1.969  -3.803  -16.069 1.00 15.00 ? 10  LYS A C   1 
ATOM   77   O O   . LYS A 1 10  ? -1.368  -3.705  -17.109 1.00 15.00 ? 10  LYS A O   1 
ATOM   78   C CB  . LYS A 1 10  ? -3.840  -2.311  -15.317 1.00 15.00 ? 10  LYS A CB  1 
ATOM   79   C CG  . LYS A 1 10  ? -5.311  -2.221  -15.041 1.00 15.00 ? 10  LYS A CG  1 
ATOM   80   C CD  . LYS A 1 10  ? -6.087  -1.982  -16.282 1.00 15.00 ? 10  LYS A CD  1 
ATOM   81   C CE  . LYS A 1 10  ? -5.888  -0.582  -16.777 1.00 15.00 ? 10  LYS A CE  1 
ATOM   82   N NZ  . LYS A 1 10  ? -5.978  0.442   -15.697 1.00 15.00 ? 10  LYS A NZ  1 
ATOM   83   N N   . GLY A 1 11  ? -1.371  -4.109  -14.930 1.00 15.00 ? 11  GLY A N   1 
ATOM   84   C CA  . GLY A 1 11  ? 0.069   -4.310  -14.865 1.00 15.00 ? 11  GLY A CA  1 
ATOM   85   C C   . GLY A 1 11  ? 0.739   -3.385  -13.866 1.00 15.00 ? 11  GLY A C   1 
ATOM   86   O O   . GLY A 1 11  ? 1.986   -3.344  -13.745 1.00 15.00 ? 11  GLY A O   1 
ATOM   87   N N   . TYR A 1 12  ? -0.087  -2.627  -13.135 1.00 15.00 ? 12  TYR A N   1 
ATOM   88   C CA  . TYR A 1 12  ? 0.453   -1.677  -12.173 1.00 15.00 ? 12  TYR A CA  1 
ATOM   89   C C   . TYR A 1 12  ? 0.773   -2.317  -10.805 1.00 15.00 ? 12  TYR A C   1 
ATOM   90   O O   . TYR A 1 12  ? 1.109   -1.625  -9.860  1.00 15.00 ? 12  TYR A O   1 
ATOM   91   C CB  . TYR A 1 12  ? -0.515  -0.505  -11.935 1.00 15.00 ? 12  TYR A CB  1 
ATOM   92   C CG  . TYR A 1 12  ? -0.860  0.412   -13.104 1.00 15.00 ? 12  TYR A CG  1 
ATOM   93   C CD1 . TYR A 1 12  ? -1.067  -0.088  -14.359 1.00 15.00 ? 12  TYR A CD1 1 
ATOM   94   C CD2 . TYR A 1 12  ? -1.032  1.769   -12.934 1.00 15.00 ? 12  TYR A CD2 1 
ATOM   95   C CE1 . TYR A 1 12  ? -1.430  0.742   -15.420 1.00 15.00 ? 12  TYR A CE1 1 
ATOM   96   C CE2 . TYR A 1 12  ? -1.406  2.607   -13.994 1.00 15.00 ? 12  TYR A CE2 1 
ATOM   97   C CZ  . TYR A 1 12  ? -1.597  2.071   -15.208 1.00 15.00 ? 12  TYR A CZ  1 
ATOM   98   O OH  . TYR A 1 12  ? -1.975  2.910   -16.262 1.00 15.00 ? 12  TYR A OH  1 
ATOM   99   N N   . VAL A 1 13  ? 0.606   -3.629  -10.684 1.00 15.00 ? 13  VAL A N   1 
ATOM   100  C CA  . VAL A 1 13  ? 0.828   -4.294  -9.406  1.00 15.00 ? 13  VAL A CA  1 
ATOM   101  C C   . VAL A 1 13  ? 1.874   -5.388  -9.416  1.00 15.00 ? 13  VAL A C   1 
ATOM   102  O O   . VAL A 1 13  ? 1.939   -6.240  -10.278 1.00 15.00 ? 13  VAL A O   1 
ATOM   103  C CB  . VAL A 1 13  ? -0.478  -4.869  -8.772  1.00 15.00 ? 13  VAL A CB  1 
ATOM   104  C CG1 . VAL A 1 13  ? -0.158  -5.366  -7.388  1.00 15.00 ? 13  VAL A CG1 1 
ATOM   105  C CG2 . VAL A 1 13  ? -1.558  -3.796  -8.681  1.00 15.00 ? 13  VAL A CG2 1 
ATOM   106  N N   . THR A 1 14  ? 2.719   -5.332  -8.410  1.00 15.00 ? 14  THR A N   1 
ATOM   107  C CA  . THR A 1 14  ? 3.769   -6.328  -8.283  1.00 15.00 ? 14  THR A CA  1 
ATOM   108  C C   . THR A 1 14  ? 3.334   -7.503  -7.445  1.00 15.00 ? 14  THR A C   1 
ATOM   109  O O   . THR A 1 14  ? 2.548   -7.359  -6.520  1.00 15.00 ? 14  THR A O   1 
ATOM   110  C CB  . THR A 1 14  ? 5.033   -5.718  -7.753  1.00 15.00 ? 14  THR A CB  1 
ATOM   111  O OG1 . THR A 1 14  ? 4.775   -5.008  -6.544  1.00 15.00 ? 14  THR A OG1 1 
ATOM   112  C CG2 . THR A 1 14  ? 5.501   -4.741  -8.774  1.00 15.00 ? 14  THR A CG2 1 
ATOM   113  N N   . PRO A 1 15  ? 3.905   -8.687  -7.722  1.00 15.00 ? 15  PRO A N   1 
ATOM   114  C CA  . PRO A 1 15  ? 3.509   -9.856  -6.936  1.00 15.00 ? 15  PRO A CA  1 
ATOM   115  C C   . PRO A 1 15  ? 3.556   -9.683  -5.414  1.00 15.00 ? 15  PRO A C   1 
ATOM   116  O O   . PRO A 1 15  ? 4.383   -8.950  -4.878  1.00 15.00 ? 15  PRO A O   1 
ATOM   117  C CB  . PRO A 1 15  ? 4.425   -10.936 -7.480  1.00 15.00 ? 15  PRO A CB  1 
ATOM   118  C CG  . PRO A 1 15  ? 5.669   -10.131 -7.833  1.00 15.00 ? 15  PRO A CG  1 
ATOM   119  C CD  . PRO A 1 15  ? 5.047   -9.024  -8.590  1.00 15.00 ? 15  PRO A CD  1 
ATOM   120  N N   . VAL A 1 16  ? 2.650   -10.403 -4.747  1.00 15.00 ? 16  VAL A N   1 
ATOM   121  C CA  . VAL A 1 16  ? 2.512   -10.324 -3.298  1.00 15.00 ? 16  VAL A CA  1 
ATOM   122  C C   . VAL A 1 16  ? 3.794   -10.689 -2.579  1.00 15.00 ? 16  VAL A C   1 
ATOM   123  O O   . VAL A 1 16  ? 4.503   -11.634 -2.969  1.00 15.00 ? 16  VAL A O   1 
ATOM   124  C CB  . VAL A 1 16  ? 1.381   -11.205 -2.808  1.00 15.00 ? 16  VAL A CB  1 
ATOM   125  C CG1 . VAL A 1 16  ? 1.100   -10.874 -1.368  1.00 15.00 ? 16  VAL A CG1 1 
ATOM   126  C CG2 . VAL A 1 16  ? 0.107   -11.007 -3.615  1.00 15.00 ? 16  VAL A CG2 1 
ATOM   127  N N   . LYS A 1 17  ? 4.065   -10.014 -1.466  1.00 15.00 ? 17  LYS A N   1 
ATOM   128  C CA  . LYS A 1 17  ? 5.272   -10.264 -0.667  1.00 15.00 ? 17  LYS A CA  1 
ATOM   129  C C   . LYS A 1 17  ? 4.891   -10.506 0.808   1.00 15.00 ? 17  LYS A C   1 
ATOM   130  O O   . LYS A 1 17  ? 3.717   -10.347 1.169   1.00 15.00 ? 17  LYS A O   1 
ATOM   131  C CB  . LYS A 1 17  ? 6.195   -9.043  -0.711  1.00 15.00 ? 17  LYS A CB  1 
ATOM   132  C CG  . LYS A 1 17  ? 6.362   -8.414  -2.088  1.00 15.00 ? 17  LYS A CG  1 
ATOM   133  C CD  . LYS A 1 17  ? 7.136   -9.310  -3.056  1.00 15.00 ? 17  LYS A CD  1 
ATOM   134  C CE  . LYS A 1 17  ? 7.490   -8.657  -4.308  1.00 15.00 ? 17  LYS A CE  1 
ATOM   135  N NZ  . LYS A 1 17  ? 8.498   -9.455  -5.039  1.00 15.00 ? 17  LYS A NZ  1 
ATOM   136  N N   . ASN A 1 18  ? 5.854   -10.956 1.621   1.00 15.00 ? 18  ASN A N   1 
ATOM   137  C CA  . ASN A 1 18  ? 5.641   -11.188 3.039   1.00 15.00 ? 18  ASN A CA  1 
ATOM   138  C C   . ASN A 1 18  ? 6.595   -10.324 3.852   1.00 15.00 ? 18  ASN A C   1 
ATOM   139  O O   . ASN A 1 18  ? 7.816   -10.358 3.649   1.00 15.00 ? 18  ASN A O   1 
ATOM   140  C CB  . ASN A 1 18  ? 5.934   -12.641 3.389   1.00 15.00 ? 18  ASN A CB  1 
ATOM   141  C CG  . ASN A 1 18  ? 5.384   -13.058 4.767   1.00 15.00 ? 18  ASN A CG  1 
ATOM   142  O OD1 . ASN A 1 18  ? 5.908   -12.677 5.816   1.00 15.00 ? 18  ASN A OD1 1 
ATOM   143  N ND2 . ASN A 1 18  ? 4.276   -13.783 4.753   1.00 15.00 ? 18  ASN A ND2 1 
ATOM   144  N N   . GLN A 1 19  ? 6.043   -9.606  4.825   1.00 15.00 ? 19  GLN A N   1 
ATOM   145  C CA  . GLN A 1 19  ? 6.900   -8.756  5.662   1.00 15.00 ? 19  GLN A CA  1 
ATOM   146  C C   . GLN A 1 19  ? 7.679   -9.607  6.650   1.00 15.00 ? 19  GLN A C   1 
ATOM   147  O O   . GLN A 1 19  ? 8.852   -9.335  6.908   1.00 15.00 ? 19  GLN A O   1 
ATOM   148  C CB  . GLN A 1 19  ? 6.155   -7.636  6.399   1.00 15.00 ? 19  GLN A CB  1 
ATOM   149  C CG  . GLN A 1 19  ? 4.696   -7.888  6.570   1.00 15.00 ? 19  GLN A CG  1 
ATOM   150  C CD  . GLN A 1 19  ? 4.050   -6.906  7.526   1.00 15.00 ? 19  GLN A CD  1 
ATOM   151  O OE1 . GLN A 1 19  ? 2.908   -6.488  7.336   1.00 15.00 ? 19  GLN A OE1 1 
ATOM   152  N NE2 . GLN A 1 19  ? 4.793   -6.504  8.546   1.00 15.00 ? 19  GLN A NE2 1 
ATOM   153  N N   . GLY A 1 20  ? 7.052   -10.669 7.158   1.00 15.00 ? 20  GLY A N   1 
ATOM   154  C CA  . GLY A 1 20  ? 7.729   -11.565 8.072   1.00 15.00 ? 20  GLY A CA  1 
ATOM   155  C C   . GLY A 1 20  ? 7.560   -11.080 9.495   1.00 15.00 ? 20  GLY A C   1 
ATOM   156  O O   . GLY A 1 20  ? 6.443   -10.832 9.919   1.00 15.00 ? 20  GLY A O   1 
ATOM   157  N N   . GLN A 1 21  ? 8.643   -11.042 10.261  1.00 15.00 ? 21  GLN A N   1 
ATOM   158  C CA  . GLN A 1 21  ? 8.596   -10.590 11.670  1.00 15.00 ? 21  GLN A CA  1 
ATOM   159  C C   . GLN A 1 21  ? 9.164   -9.178  11.806  1.00 15.00 ? 21  GLN A C   1 
ATOM   160  O O   . GLN A 1 21  ? 10.085  -8.906  12.608  1.00 15.00 ? 21  GLN A O   1 
ATOM   161  C CB  . GLN A 1 21  ? 9.431   -11.557 12.536  1.00 15.00 ? 21  GLN A CB  1 
ATOM   162  C CG  . GLN A 1 21  ? 9.243   -13.029 12.227  1.00 15.00 ? 21  GLN A CG  1 
ATOM   163  C CD  . GLN A 1 21  ? 7.929   -13.584 12.659  1.00 15.00 ? 21  GLN A CD  1 
ATOM   164  O OE1 . GLN A 1 21  ? 7.593   -13.549 13.821  1.00 15.00 ? 21  GLN A OE1 1 
ATOM   165  N NE2 . GLN A 1 21  ? 7.137   -14.059 11.708  1.00 15.00 ? 21  GLN A NE2 1 
ATOM   166  N N   . CYS A 1 22  ? 8.607   -8.273  11.038  1.00 15.00 ? 22  CYS A N   1 
ATOM   167  C CA  . CYS A 1 22  ? 9.086   -6.930  11.016  1.00 15.00 ? 22  CYS A CA  1 
ATOM   168  C C   . CYS A 1 22  ? 7.877   -6.089  10.719  1.00 15.00 ? 22  CYS A C   1 
ATOM   169  O O   . CYS A 1 22  ? 7.045   -6.471  9.911   1.00 15.00 ? 22  CYS A O   1 
ATOM   170  C CB  . CYS A 1 22  ? 10.154  -6.822  9.914   1.00 15.00 ? 22  CYS A CB  1 
ATOM   171  S SG  . CYS A 1 22  ? 10.774  -5.135  9.489   1.00 15.00 ? 22  CYS A SG  1 
ATOM   172  N N   . GLY A 1 23  ? 7.683   -5.018  11.475  1.00 15.00 ? 23  GLY A N   1 
ATOM   173  C CA  . GLY A 1 23  ? 6.508   -4.199  11.257  1.00 15.00 ? 23  GLY A CA  1 
ATOM   174  C C   . GLY A 1 23  ? 6.843   -3.243  10.132  1.00 15.00 ? 23  GLY A C   1 
ATOM   175  O O   . GLY A 1 23  ? 6.736   -2.066  10.317  1.00 15.00 ? 23  GLY A O   1 
ATOM   176  N N   . SER A 1 24  ? 7.169   -3.748  8.949   1.00 15.00 ? 24  SER A N   1 
ATOM   177  C CA  . SER A 1 24  ? 7.546   -2.900  7.828   1.00 15.00 ? 24  SER A CA  1 
ATOM   178  C C   . SER A 1 24  ? 6.392   -2.885  6.842   1.00 15.00 ? 24  SER A C   1 
ATOM   179  O O   . SER A 1 24  ? 6.582   -2.653  5.654   1.00 15.00 ? 24  SER A O   1 
ATOM   180  C CB  . SER A 1 24  ? 8.834   -3.425  7.197   1.00 15.00 ? 24  SER A CB  1 
ATOM   181  O OG  . SER A 1 24  ? 8.704   -4.787  6.981   1.00 15.00 ? 24  SER A OG  1 
ATOM   182  N N   . CYS A 1 25  ? 5.190   -3.063  7.369   1.00 15.00 ? 25  CYS A N   1 
ATOM   183  C CA  . CYS A 1 25  ? 4.036   -3.108  6.522   1.00 15.00 ? 25  CYS A CA  1 
ATOM   184  C C   . CYS A 1 25  ? 3.882   -1.757  5.824   1.00 15.00 ? 25  CYS A C   1 
ATOM   185  O O   . CYS A 1 25  ? 3.352   -1.671  4.718   1.00 15.00 ? 25  CYS A O   1 
ATOM   186  C CB  . CYS A 1 25  ? 2.782   -3.474  7.345   1.00 15.00 ? 25  CYS A CB  1 
ATOM   187  S SG  . CYS A 1 25  ? 2.435   -2.323  8.628   1.00 15.00 ? 25  CYS A SG  1 
ATOM   188  N N   . TRP A 1 26  ? 4.468   -0.721  6.424   1.00 15.00 ? 26  TRP A N   1 
ATOM   189  C CA  . TRP A 1 26  ? 4.386   0.652   5.861   1.00 15.00 ? 26  TRP A CA  1 
ATOM   190  C C   . TRP A 1 26  ? 5.310   0.833   4.670   1.00 15.00 ? 26  TRP A C   1 
ATOM   191  O O   . TRP A 1 26  ? 5.017   1.609   3.787   1.00 15.00 ? 26  TRP A O   1 
ATOM   192  C CB  . TRP A 1 26  ? 4.759   1.697   6.922   1.00 15.00 ? 26  TRP A CB  1 
ATOM   193  C CG  . TRP A 1 26  ? 6.105   1.575   7.491   1.00 15.00 ? 26  TRP A CG  1 
ATOM   194  C CD1 . TRP A 1 26  ? 6.496   0.787   8.523   1.00 15.00 ? 26  TRP A CD1 1 
ATOM   195  C CD2 . TRP A 1 26  ? 7.278   2.260   7.044   1.00 15.00 ? 26  TRP A CD2 1 
ATOM   196  N NE1 . TRP A 1 26  ? 7.842   0.909   8.735   1.00 15.00 ? 26  TRP A NE1 1 
ATOM   197  C CE2 . TRP A 1 26  ? 8.349   1.820   7.849   1.00 15.00 ? 26  TRP A CE2 1 
ATOM   198  C CE3 . TRP A 1 26  ? 7.528   3.208   6.032   1.00 15.00 ? 26  TRP A CE3 1 
ATOM   199  C CZ2 . TRP A 1 26  ? 9.652   2.290   7.685   1.00 15.00 ? 26  TRP A CZ2 1 
ATOM   200  C CZ3 . TRP A 1 26  ? 8.801   3.663   5.859   1.00 15.00 ? 26  TRP A CZ3 1 
ATOM   201  C CH2 . TRP A 1 26  ? 9.871   3.206   6.689   1.00 15.00 ? 26  TRP A CH2 1 
ATOM   202  N N   . ALA A 1 27  ? 6.494   0.221   4.737   1.00 15.00 ? 27  ALA A N   1 
ATOM   203  C CA  . ALA A 1 27  ? 7.532   0.292   3.685   1.00 15.00 ? 27  ALA A CA  1 
ATOM   204  C C   . ALA A 1 27  ? 7.063   -0.479  2.466   1.00 15.00 ? 27  ALA A C   1 
ATOM   205  O O   . ALA A 1 27  ? 7.431   -0.184  1.342   1.00 15.00 ? 27  ALA A O   1 
ATOM   206  C CB  . ALA A 1 27  ? 8.848   -0.262  4.210   1.00 15.00 ? 27  ALA A CB  1 
ATOM   207  N N   . PHE A 1 28  ? 6.266   -1.506  2.724   1.00 15.00 ? 28  PHE A N   1 
ATOM   208  C CA  . PHE A 1 28  ? 5.701   -2.283  1.677   1.00 15.00 ? 28  PHE A CA  1 
ATOM   209  C C   . PHE A 1 28  ? 4.572   -1.469  1.040   1.00 15.00 ? 28  PHE A C   1 
ATOM   210  O O   . PHE A 1 28  ? 4.407   -1.513  -0.169  1.00 15.00 ? 28  PHE A O   1 
ATOM   211  C CB  . PHE A 1 28  ? 5.195   -3.638  2.222   1.00 15.00 ? 28  PHE A CB  1 
ATOM   212  C CG  . PHE A 1 28  ? 6.260   -4.728  2.333   1.00 15.00 ? 28  PHE A CG  1 
ATOM   213  C CD1 . PHE A 1 28  ? 7.005   -4.873  3.470   1.00 15.00 ? 28  PHE A CD1 1 
ATOM   214  C CD2 . PHE A 1 28  ? 6.483   -5.637  1.264   1.00 15.00 ? 28  PHE A CD2 1 
ATOM   215  C CE1 . PHE A 1 28  ? 7.945   -5.910  3.528   1.00 15.00 ? 28  PHE A CE1 1 
ATOM   216  C CE2 . PHE A 1 28  ? 7.434   -6.703  1.294   1.00 15.00 ? 28  PHE A CE2 1 
ATOM   217  C CZ  . PHE A 1 28  ? 8.155   -6.842  2.419   1.00 15.00 ? 28  PHE A CZ  1 
ATOM   218  N N   . SER A 1 29  ? 3.778   -0.741  1.830   1.00 15.00 ? 29  SER A N   1 
ATOM   219  C CA  . SER A 1 29  ? 2.661   0.007   1.219   1.00 15.00 ? 29  SER A CA  1 
ATOM   220  C C   . SER A 1 29  ? 3.099   1.186   0.328   1.00 15.00 ? 29  SER A C   1 
ATOM   221  O O   . SER A 1 29  ? 2.623   1.321   -0.790  1.00 15.00 ? 29  SER A O   1 
ATOM   222  C CB  . SER A 1 29  ? 1.650   0.478   2.255   1.00 15.00 ? 29  SER A CB  1 
ATOM   223  O OG  . SER A 1 29  ? 0.582   1.179   1.683   1.00 15.00 ? 29  SER A OG  1 
ATOM   224  N N   . SER A 1 30  ? 4.144   1.896   0.749   1.00 15.00 ? 30  SER A N   1 
ATOM   225  C CA  . SER A 1 30  ? 4.683   3.055   0.014   1.00 15.00 ? 30  SER A CA  1 
ATOM   226  C C   . SER A 1 30  ? 5.329   2.548   -1.259  1.00 15.00 ? 30  SER A C   1 
ATOM   227  O O   . SER A 1 30  ? 5.085   3.072   -2.329  1.00 15.00 ? 30  SER A O   1 
ATOM   228  C CB  . SER A 1 30  ? 5.718   3.797   0.860   1.00 15.00 ? 30  SER A CB  1 
ATOM   229  O OG  . SER A 1 30  ? 5.269   3.936   2.204   1.00 15.00 ? 30  SER A OG  1 
ATOM   230  N N   . VAL A 1 31  ? 6.076   1.468   -1.146  1.00 15.00 ? 31  VAL A N   1 
ATOM   231  C CA  . VAL A 1 31  ? 6.719   0.923   -2.326  1.00 15.00 ? 31  VAL A CA  1 
ATOM   232  C C   . VAL A 1 31  ? 5.691   0.547   -3.395  1.00 15.00 ? 31  VAL A C   1 
ATOM   233  O O   . VAL A 1 31  ? 6.001   0.565   -4.573  1.00 15.00 ? 31  VAL A O   1 
ATOM   234  C CB  . VAL A 1 31  ? 7.605   -0.264  -1.952  1.00 15.00 ? 31  VAL A CB  1 
ATOM   235  C CG1 . VAL A 1 31  ? 7.340   -1.476  -2.839  1.00 15.00 ? 31  VAL A CG1 1 
ATOM   236  C CG2 . VAL A 1 31  ? 9.051   0.123   -2.065  1.00 15.00 ? 31  VAL A CG2 1 
ATOM   237  N N   . GLY A 1 32  ? 4.479   0.168   -2.987  1.00 15.00 ? 32  GLY A N   1 
ATOM   238  C CA  . GLY A 1 32  ? 3.471   -0.244  -3.956  1.00 15.00 ? 32  GLY A CA  1 
ATOM   239  C C   . GLY A 1 32  ? 2.878   0.869   -4.767  1.00 15.00 ? 32  GLY A C   1 
ATOM   240  O O   . GLY A 1 32  ? 2.525   0.672   -5.927  1.00 15.00 ? 32  GLY A O   1 
ATOM   241  N N   . ALA A 1 33  ? 2.785   2.042   -4.156  1.00 15.00 ? 33  ALA A N   1 
ATOM   242  C CA  . ALA A 1 33  ? 2.272   3.255   -4.763  1.00 15.00 ? 33  ALA A CA  1 
ATOM   243  C C   . ALA A 1 33  ? 3.320   3.682   -5.772  1.00 15.00 ? 33  ALA A C   1 
ATOM   244  O O   . ALA A 1 33  ? 3.035   4.009   -6.939  1.00 15.00 ? 33  ALA A O   1 
ATOM   245  C CB  . ALA A 1 33  ? 2.131   4.307   -3.690  1.00 15.00 ? 33  ALA A CB  1 
ATOM   246  N N   . LEU A 1 34  ? 4.563   3.641   -5.307  1.00 15.00 ? 34  LEU A N   1 
ATOM   247  C CA  . LEU A 1 34  ? 5.703   4.004   -6.117  1.00 15.00 ? 34  LEU A CA  1 
ATOM   248  C C   . LEU A 1 34  ? 5.766   3.202   -7.396  1.00 15.00 ? 34  LEU A C   1 
ATOM   249  O O   . LEU A 1 34  ? 6.096   3.746   -8.428  1.00 15.00 ? 34  LEU A O   1 
ATOM   250  C CB  . LEU A 1 34  ? 6.999   3.907   -5.354  1.00 15.00 ? 34  LEU A CB  1 
ATOM   251  C CG  . LEU A 1 34  ? 7.380   5.062   -4.416  1.00 15.00 ? 34  LEU A CG  1 
ATOM   252  C CD1 . LEU A 1 34  ? 8.758   4.883   -3.889  1.00 15.00 ? 34  LEU A CD1 1 
ATOM   253  C CD2 . LEU A 1 34  ? 7.349   6.310   -5.324  1.00 15.00 ? 34  LEU A CD2 1 
ATOM   254  N N   . GLU A 1 35  ? 5.464   1.909   -7.310  1.00 15.00 ? 35  GLU A N   1 
ATOM   255  C CA  . GLU A 1 35  ? 5.455   1.017   -8.475  1.00 15.00 ? 35  GLU A CA  1 
ATOM   256  C C   . GLU A 1 35  ? 4.284   1.331   -9.397  1.00 15.00 ? 35  GLU A C   1 
ATOM   257  O O   . GLU A 1 35  ? 4.478   1.436   -10.607 1.00 15.00 ? 35  GLU A O   1 
ATOM   258  C CB  . GLU A 1 35  ? 5.407   -0.459  -8.054  1.00 15.00 ? 35  GLU A CB  1 
ATOM   259  C CG  . GLU A 1 35  ? 6.628   -0.901  -7.280  1.00 15.00 ? 35  GLU A CG  1 
ATOM   260  C CD  . GLU A 1 35  ? 6.429   -2.153  -6.468  1.00 15.00 ? 35  GLU A CD  1 
ATOM   261  O OE1 . GLU A 1 35  ? 5.267   -2.454  -6.174  1.00 15.00 ? 35  GLU A OE1 1 
ATOM   262  O OE2 . GLU A 1 35  ? 7.422   -2.844  -6.124  1.00 15.00 ? 35  GLU A OE2 1 
ATOM   263  N N   . GLY A 1 36  ? 3.094   1.556   -8.828  1.00 15.00 ? 36  GLY A N   1 
ATOM   264  C CA  . GLY A 1 36  ? 1.919   1.865   -9.643  1.00 15.00 ? 36  GLY A CA  1 
ATOM   265  C C   . GLY A 1 36  ? 2.266   2.995   -10.571 1.00 15.00 ? 36  GLY A C   1 
ATOM   266  O O   . GLY A 1 36  ? 2.041   2.895   -11.771 1.00 15.00 ? 36  GLY A O   1 
ATOM   267  N N   . GLN A 1 37  ? 2.884   4.034   -10.023 1.00 15.00 ? 37  GLN A N   1 
ATOM   268  C CA  . GLN A 1 37  ? 3.257   5.180   -10.845 1.00 15.00 ? 37  GLN A CA  1 
ATOM   269  C C   . GLN A 1 37  ? 4.328   4.793   -11.857 1.00 15.00 ? 37  GLN A C   1 
ATOM   270  O O   . GLN A 1 37  ? 4.103   4.953   -13.040 1.00 15.00 ? 37  GLN A O   1 
ATOM   271  C CB  . GLN A 1 37  ? 3.781   6.319   -9.989  1.00 15.00 ? 37  GLN A CB  1 
ATOM   272  C CG  . GLN A 1 37  ? 2.771   6.915   -9.073  1.00 15.00 ? 37  GLN A CG  1 
ATOM   273  C CD  . GLN A 1 37  ? 1.490   7.209   -9.788  1.00 15.00 ? 37  GLN A CD  1 
ATOM   274  O OE1 . GLN A 1 37  ? 1.427   8.123   -10.647 1.00 15.00 ? 37  GLN A OE1 1 
ATOM   275  N NE2 . GLN A 1 37  ? 0.453   6.434   -9.471  1.00 15.00 ? 37  GLN A NE2 1 
ATOM   276  N N   . LEU A 1 38  ? 5.461   4.276   -11.386 1.00 15.00 ? 38  LEU A N   1 
ATOM   277  C CA  . LEU A 1 38  ? 6.555   3.857   -12.274 1.00 15.00 ? 38  LEU A CA  1 
ATOM   278  C C   . LEU A 1 38  ? 6.068   3.072   -13.510 1.00 15.00 ? 38  LEU A C   1 
ATOM   279  O O   . LEU A 1 38  ? 6.656   3.198   -14.576 1.00 15.00 ? 38  LEU A O   1 
ATOM   280  C CB  . LEU A 1 38  ? 7.577   3.069   -11.465 1.00 15.00 ? 38  LEU A CB  1 
ATOM   281  C CG  . LEU A 1 38  ? 8.832   2.524   -12.155 1.00 15.00 ? 38  LEU A CG  1 
ATOM   282  C CD1 . LEU A 1 38  ? 9.797   3.628   -12.566 1.00 15.00 ? 38  LEU A CD1 1 
ATOM   283  C CD2 . LEU A 1 38  ? 9.542   1.474   -11.272 1.00 15.00 ? 38  LEU A CD2 1 
ATOM   284  N N   . LYS A 1 39  ? 4.966   2.342   -13.391 1.00 15.00 ? 39  LYS A N   1 
ATOM   285  C CA  . LYS A 1 39  ? 4.422   1.659   -14.545 1.00 15.00 ? 39  LYS A CA  1 
ATOM   286  C C   . LYS A 1 39  ? 3.726   2.778   -15.354 1.00 15.00 ? 39  LYS A C   1 
ATOM   287  O O   . LYS A 1 39  ? 4.088   3.038   -16.493 1.00 15.00 ? 39  LYS A O   1 
ATOM   288  C CB  . LYS A 1 39  ? 3.395   0.621   -14.104 1.00 15.00 ? 39  LYS A CB  1 
ATOM   289  C CG  . LYS A 1 39  ? 2.508   0.101   -15.196 1.00 15.00 ? 39  LYS A CG  1 
ATOM   290  C CD  . LYS A 1 39  ? 3.276   -0.705  -16.248 1.00 15.00 ? 39  LYS A CD  1 
ATOM   291  C CE  . LYS A 1 39  ? 2.276   -1.397  -17.129 1.00 15.00 ? 39  LYS A CE  1 
ATOM   292  N NZ  . LYS A 1 39  ? 2.819   -2.092  -18.284 1.00 15.00 ? 39  LYS A NZ  1 
ATOM   293  N N   . LYS A 1 40  ? 2.699   3.397   -14.772 1.00 15.00 ? 40  LYS A N   1 
ATOM   294  C CA  . LYS A 1 40  ? 1.948   4.464   -15.416 1.00 15.00 ? 40  LYS A CA  1 
ATOM   295  C C   . LYS A 1 40  ? 2.801   5.523   -16.139 1.00 15.00 ? 40  LYS A C   1 
ATOM   296  O O   . LYS A 1 40  ? 2.482   5.901   -17.254 1.00 15.00 ? 40  LYS A O   1 
ATOM   297  C CB  . LYS A 1 40  ? 1.054   5.167   -14.388 1.00 15.00 ? 40  LYS A CB  1 
ATOM   298  C CG  . LYS A 1 40  ? 0.193   6.276   -14.940 1.00 15.00 ? 40  LYS A CG  1 
ATOM   299  C CD  . LYS A 1 40  ? -0.261  7.197   -13.838 1.00 15.00 ? 40  LYS A CD  1 
ATOM   300  C CE  . LYS A 1 40  ? -1.171  8.311   -14.359 1.00 15.00 ? 40  LYS A CE  1 
ATOM   301  N NZ  . LYS A 1 40  ? -2.510  7.777   -14.612 1.00 15.00 ? 40  LYS A NZ  1 
ATOM   302  N N   . LYS A 1 41  ? 3.932   5.903   -15.559 1.00 15.00 ? 41  LYS A N   1 
ATOM   303  C CA  . LYS A 1 41  ? 4.787   6.930   -16.140 1.00 15.00 ? 41  LYS A CA  1 
ATOM   304  C C   . LYS A 1 41  ? 6.111   6.371   -16.662 1.00 15.00 ? 41  LYS A C   1 
ATOM   305  O O   . LYS A 1 41  ? 7.165   6.966   -16.411 1.00 15.00 ? 41  LYS A O   1 
ATOM   306  C CB  . LYS A 1 41  ? 5.044   8.051   -15.120 1.00 15.00 ? 41  LYS A CB  1 
ATOM   307  C CG  . LYS A 1 41  ? 3.763   8.540   -14.500 1.00 15.00 ? 41  LYS A CG  1 
ATOM   308  C CD  . LYS A 1 41  ? 3.860   9.916   -13.850 1.00 15.00 ? 41  LYS A CD  1 
ATOM   309  C CE  . LYS A 1 41  ? 2.483   10.366  -13.490 1.00 15.00 ? 41  LYS A CE  1 
ATOM   310  N NZ  . LYS A 1 41  ? 1.599   10.422  -14.699 1.00 15.00 ? 41  LYS A NZ  1 
ATOM   311  N N   . THR A 1 42  ? 6.061   5.213   -17.335 1.00 15.00 ? 42  THR A N   1 
ATOM   312  C CA  . THR A 1 42  ? 7.264   4.578   -17.916 1.00 15.00 ? 42  THR A CA  1 
ATOM   313  C C   . THR A 1 42  ? 6.882   3.427   -18.859 1.00 15.00 ? 42  THR A C   1 
ATOM   314  O O   . THR A 1 42  ? 7.478   3.239   -19.919 1.00 15.00 ? 42  THR A O   1 
ATOM   315  C CB  . THR A 1 42  ? 8.287   4.085   -16.843 1.00 15.00 ? 42  THR A CB  1 
ATOM   316  O OG1 . THR A 1 42  ? 8.975   5.208   -16.303 1.00 15.00 ? 42  THR A OG1 1 
ATOM   317  C CG2 . THR A 1 42  ? 9.345   3.167   -17.483 1.00 15.00 ? 42  THR A CG2 1 
ATOM   318  N N   . GLY A 1 43  ? 5.874   2.666   -18.456 1.00 15.00 ? 43  GLY A N   1 
ATOM   319  C CA  . GLY A 1 43  ? 5.367   1.563   -19.248 1.00 15.00 ? 43  GLY A CA  1 
ATOM   320  C C   . GLY A 1 43  ? 5.855   0.235   -18.710 1.00 15.00 ? 43  GLY A C   1 
ATOM   321  O O   . GLY A 1 43  ? 5.276   -0.831  -18.929 1.00 15.00 ? 43  GLY A O   1 
ATOM   322  N N   . LYS A 1 44  ? 6.929   0.305   -17.949 1.00 15.00 ? 44  LYS A N   1 
ATOM   323  C CA  . LYS A 1 44  ? 7.513   -0.900  -17.366 1.00 15.00 ? 44  LYS A CA  1 
ATOM   324  C C   . LYS A 1 44  ? 7.393   -0.869  -15.849 1.00 15.00 ? 44  LYS A C   1 
ATOM   325  O O   . LYS A 1 44  ? 7.621   0.179   -15.223 1.00 15.00 ? 44  LYS A O   1 
ATOM   326  C CB  . LYS A 1 44  ? 8.976   -0.988  -17.765 1.00 15.00 ? 44  LYS A CB  1 
ATOM   327  C CG  . LYS A 1 44  ? 9.195   -1.233  -19.271 1.00 15.00 ? 44  LYS A CG  1 
ATOM   328  C CD  . LYS A 1 44  ? 10.604  -0.993  -19.678 1.00 15.00 ? 44  LYS A CD  1 
ATOM   329  C CE  . LYS A 1 44  ? 10.891  0.446   -19.927 1.00 15.00 ? 44  LYS A CE  1 
ATOM   330  N NZ  . LYS A 1 44  ? 12.347  0.632   -20.270 1.00 15.00 ? 44  LYS A NZ  1 
ATOM   331  N N   . LEU A 1 45  ? 6.816   -1.941  -15.302 1.00 15.00 ? 45  LEU A N   1 
ATOM   332  C CA  . LEU A 1 45  ? 6.692   -2.070  -13.847 1.00 15.00 ? 45  LEU A CA  1 
ATOM   333  C C   . LEU A 1 45  ? 8.003   -2.737  -13.434 1.00 15.00 ? 45  LEU A C   1 
ATOM   334  O O   . LEU A 1 45  ? 8.599   -3.451  -14.223 1.00 15.00 ? 45  LEU A O   1 
ATOM   335  C CB  . LEU A 1 45  ? 5.529   -3.014  -13.504 1.00 15.00 ? 45  LEU A CB  1 
ATOM   336  C CG  . LEU A 1 45  ? 5.248   -3.407  -12.048 1.00 15.00 ? 45  LEU A CG  1 
ATOM   337  C CD1 . LEU A 1 45  ? 4.680   -2.223  -11.329 1.00 15.00 ? 45  LEU A CD1 1 
ATOM   338  C CD2 . LEU A 1 45  ? 4.254   -4.598  -12.045 1.00 15.00 ? 45  LEU A CD2 1 
ATOM   339  N N   . LEU A 1 46  ? 8.447   -2.465  -12.217 1.00 15.00 ? 46  LEU A N   1 
ATOM   340  C CA  . LEU A 1 46  ? 9.664   -3.035  -11.651 1.00 15.00 ? 46  LEU A CA  1 
ATOM   341  C C   . LEU A 1 46  ? 9.507   -3.042  -10.124 1.00 15.00 ? 46  LEU A C   1 
ATOM   342  O O   . LEU A 1 46  ? 8.789   -2.201  -9.561  1.00 15.00 ? 46  LEU A O   1 
ATOM   343  C CB  . LEU A 1 46  ? 10.897  -2.204  -12.025 1.00 15.00 ? 46  LEU A CB  1 
ATOM   344  C CG  . LEU A 1 46  ? 12.238  -2.828  -11.601 1.00 15.00 ? 46  LEU A CG  1 
ATOM   345  C CD1 . LEU A 1 46  ? 12.436  -4.187  -12.308 1.00 15.00 ? 46  LEU A CD1 1 
ATOM   346  C CD2 . LEU A 1 46  ? 13.345  -1.891  -11.946 1.00 15.00 ? 46  LEU A CD2 1 
ATOM   347  N N   . ASN A 1 47  ? 10.128  -4.030  -9.482  1.00 15.00 ? 47  ASN A N   1 
ATOM   348  C CA  . ASN A 1 47  ? 10.094  -4.146  -8.025  1.00 15.00 ? 47  ASN A CA  1 
ATOM   349  C C   . ASN A 1 47  ? 10.953  -3.153  -7.298  1.00 15.00 ? 47  ASN A C   1 
ATOM   350  O O   . ASN A 1 47  ? 12.182  -3.238  -7.379  1.00 15.00 ? 47  ASN A O   1 
ATOM   351  C CB  . ASN A 1 47  ? 10.537  -5.539  -7.605  1.00 15.00 ? 47  ASN A CB  1 
ATOM   352  C CG  . ASN A 1 47  ? 9.407   -6.539  -7.646  1.00 15.00 ? 47  ASN A CG  1 
ATOM   353  O OD1 . ASN A 1 47  ? 9.328   -7.371  -8.548  1.00 15.00 ? 47  ASN A OD1 1 
ATOM   354  N ND2 . ASN A 1 47  ? 8.533   -6.471  -6.662  1.00 15.00 ? 47  ASN A ND2 1 
ATOM   355  N N   . LEU A 1 48  ? 10.333  -2.347  -6.442  1.00 15.00 ? 48  LEU A N   1 
ATOM   356  C CA  . LEU A 1 48  ? 11.079  -1.355  -5.699  1.00 15.00 ? 48  LEU A CA  1 
ATOM   357  C C   . LEU A 1 48  ? 11.430  -1.892  -4.298  1.00 15.00 ? 48  LEU A C   1 
ATOM   358  O O   . LEU A 1 48  ? 10.851  -2.864  -3.821  1.00 15.00 ? 48  LEU A O   1 
ATOM   359  C CB  . LEU A 1 48  ? 10.314  -0.045  -5.645  1.00 15.00 ? 48  LEU A CB  1 
ATOM   360  C CG  . LEU A 1 48  ? 10.346  0.767   -6.938  1.00 15.00 ? 48  LEU A CG  1 
ATOM   361  C CD1 . LEU A 1 48  ? 9.606   2.096   -6.790  1.00 15.00 ? 48  LEU A CD1 1 
ATOM   362  C CD2 . LEU A 1 48  ? 11.773  1.027   -7.318  1.00 15.00 ? 48  LEU A CD2 1 
ATOM   363  N N   . SER A 1 49  ? 12.396  -1.241  -3.678  1.00 15.00 ? 49  SER A N   1 
ATOM   364  C CA  . SER A 1 49  ? 12.939  -1.685  -2.415  1.00 15.00 ? 49  SER A CA  1 
ATOM   365  C C   . SER A 1 49  ? 12.328  -1.258  -1.055  1.00 15.00 ? 49  SER A C   1 
ATOM   366  O O   . SER A 1 49  ? 12.479  -0.115  -0.600  1.00 15.00 ? 49  SER A O   1 
ATOM   367  C CB  . SER A 1 49  ? 14.428  -1.343  -2.469  1.00 15.00 ? 49  SER A CB  1 
ATOM   368  O OG  . SER A 1 49  ? 15.165  -1.860  -1.386  1.00 15.00 ? 49  SER A OG  1 
ATOM   369  N N   . PRO A 1 50  ? 11.627  -2.189  -0.380  1.00 15.00 ? 50  PRO A N   1 
ATOM   370  C CA  . PRO A 1 50  ? 11.031  -1.866  0.919   1.00 15.00 ? 50  PRO A CA  1 
ATOM   371  C C   . PRO A 1 50  ? 12.135  -1.732  1.988   1.00 15.00 ? 50  PRO A C   1 
ATOM   372  O O   . PRO A 1 50  ? 12.034  -0.966  2.946   1.00 15.00 ? 50  PRO A O   1 
ATOM   373  C CB  . PRO A 1 50  ? 10.169  -3.100  1.207   1.00 15.00 ? 50  PRO A CB  1 
ATOM   374  C CG  . PRO A 1 50  ? 9.926   -3.684  -0.130  1.00 15.00 ? 50  PRO A CG  1 
ATOM   375  C CD  . PRO A 1 50  ? 11.203  -3.526  -0.819  1.00 15.00 ? 50  PRO A CD  1 
ATOM   376  N N   . GLN A 1 51  ? 13.159  -2.579  1.856   1.00 15.00 ? 51  GLN A N   1 
ATOM   377  C CA  . GLN A 1 51  ? 14.292  -2.591  2.781   1.00 15.00 ? 51  GLN A CA  1 
ATOM   378  C C   . GLN A 1 51  ? 14.990  -1.229  2.811   1.00 15.00 ? 51  GLN A C   1 
ATOM   379  O O   . GLN A 1 51  ? 15.400  -0.755  3.881   1.00 15.00 ? 51  GLN A O   1 
ATOM   380  C CB  . GLN A 1 51  ? 15.316  -3.670  2.416   1.00 15.00 ? 51  GLN A CB  1 
ATOM   381  C CG  . GLN A 1 51  ? 16.474  -3.861  3.415   1.00 15.00 ? 51  GLN A CG  1 
ATOM   382  C CD  . GLN A 1 51  ? 15.999  -4.583  4.664   1.00 15.00 ? 51  GLN A CD  1 
ATOM   383  O OE1 . GLN A 1 51  ? 15.451  -5.702  4.623   1.00 15.00 ? 51  GLN A OE1 1 
ATOM   384  N NE2 . GLN A 1 51  ? 16.177  -3.928  5.790   1.00 15.00 ? 51  GLN A NE2 1 
ATOM   385  N N   . ASN A 1 52  ? 15.141  -0.618  1.637   1.00 15.00 ? 52  ASN A N   1 
ATOM   386  C CA  . ASN A 1 52  ? 15.759  0.687   1.506   1.00 15.00 ? 52  ASN A CA  1 
ATOM   387  C C   . ASN A 1 52  ? 15.005  1.667   2.433   1.00 15.00 ? 52  ASN A C   1 
ATOM   388  O O   . ASN A 1 52  ? 15.636  2.328   3.248   1.00 15.00 ? 52  ASN A O   1 
ATOM   389  C CB  . ASN A 1 52  ? 15.702  1.123   0.032   1.00 15.00 ? 52  ASN A CB  1 
ATOM   390  C CG  . ASN A 1 52  ? 16.530  2.383   -0.280  1.00 15.00 ? 52  ASN A CG  1 
ATOM   391  O OD1 . ASN A 1 52  ? 16.866  2.628   -1.451  1.00 15.00 ? 52  ASN A OD1 1 
ATOM   392  N ND2 . ASN A 1 52  ? 16.846  3.181   0.725   1.00 15.00 ? 52  ASN A ND2 1 
ATOM   393  N N   . LEU A 1 53  ? 13.675  1.695   2.358   1.00 15.00 ? 53  LEU A N   1 
ATOM   394  C CA  . LEU A 1 53  ? 12.943  2.626   3.212   1.00 15.00 ? 53  LEU A CA  1 
ATOM   395  C C   . LEU A 1 53  ? 13.031  2.275   4.688   1.00 15.00 ? 53  LEU A C   1 
ATOM   396  O O   . LEU A 1 53  ? 13.136  3.161   5.508   1.00 15.00 ? 53  LEU A O   1 
ATOM   397  C CB  . LEU A 1 53  ? 11.494  2.810   2.789   1.00 15.00 ? 53  LEU A CB  1 
ATOM   398  C CG  . LEU A 1 53  ? 11.293  3.205   1.333   1.00 15.00 ? 53  LEU A CG  1 
ATOM   399  C CD1 . LEU A 1 53  ? 9.833   3.249   0.965   1.00 15.00 ? 53  LEU A CD1 1 
ATOM   400  C CD2 . LEU A 1 53  ? 11.947  4.536   1.011   1.00 15.00 ? 53  LEU A CD2 1 
ATOM   401  N N   . VAL A 1 54  ? 13.008  0.986   4.987   1.00 15.00 ? 54  VAL A N   1 
ATOM   402  C CA  . VAL A 1 54  ? 13.165  0.520   6.341   1.00 15.00 ? 54  VAL A CA  1 
ATOM   403  C C   . VAL A 1 54  ? 14.488  1.021   6.996   1.00 15.00 ? 54  VAL A C   1 
ATOM   404  O O   . VAL A 1 54  ? 14.434  1.506   8.109   1.00 15.00 ? 54  VAL A O   1 
ATOM   405  C CB  . VAL A 1 54  ? 13.045  -1.039  6.463   1.00 15.00 ? 54  VAL A CB  1 
ATOM   406  C CG1 . VAL A 1 54  ? 13.180  -1.491  7.939   1.00 15.00 ? 54  VAL A CG1 1 
ATOM   407  C CG2 . VAL A 1 54  ? 11.711  -1.519  5.961   1.00 15.00 ? 54  VAL A CG2 1 
ATOM   408  N N   . ASP A 1 55  ? 15.627  0.928   6.312   1.00 15.00 ? 55  ASP A N   1 
ATOM   409  C CA  . ASP A 1 55  ? 16.869  1.378   6.897   1.00 15.00 ? 55  ASP A CA  1 
ATOM   410  C C   . ASP A 1 55  ? 17.117  2.909   6.860   1.00 15.00 ? 55  ASP A C   1 
ATOM   411  O O   . ASP A 1 55  ? 17.527  3.486   7.916   1.00 15.00 ? 55  ASP A O   1 
ATOM   412  C CB  . ASP A 1 55  ? 18.052  0.738   6.177   1.00 15.00 ? 55  ASP A CB  1 
ATOM   413  C CG  . ASP A 1 55  ? 18.101  -0.755  6.273   1.00 15.00 ? 55  ASP A CG  1 
ATOM   414  O OD1 . ASP A 1 55  ? 17.517  -1.279  7.226   1.00 15.00 ? 55  ASP A OD1 1 
ATOM   415  O OD2 . ASP A 1 55  ? 18.722  -1.383  5.385   1.00 15.00 ? 55  ASP A OD2 1 
ATOM   416  N N   . CYS A 1 56  ? 16.895  3.575   5.709   1.00 15.00 ? 56  CYS A N   1 
ATOM   417  C CA  . CYS A 1 56  ? 17.190  5.003   5.630   1.00 15.00 ? 56  CYS A CA  1 
ATOM   418  C C   . CYS A 1 56  ? 16.205  6.065   6.067   1.00 15.00 ? 56  CYS A C   1 
ATOM   419  O O   . CYS A 1 56  ? 16.603  7.207   6.373   1.00 15.00 ? 56  CYS A O   1 
ATOM   420  C CB  . CYS A 1 56  ? 17.630  5.332   4.257   1.00 15.00 ? 56  CYS A CB  1 
ATOM   421  S SG  . CYS A 1 56  ? 18.549  3.987   3.430   1.00 15.00 ? 56  CYS A SG  1 
ATOM   422  N N   . VAL A 1 57  ? 14.921  5.738   6.152   1.00 15.00 ? 57  VAL A N   1 
ATOM   423  C CA  . VAL A 1 57  ? 13.923  6.733   6.579   1.00 15.00 ? 57  VAL A CA  1 
ATOM   424  C C   . VAL A 1 57  ? 13.992  6.841   8.113   1.00 15.00 ? 57  VAL A C   1 
ATOM   425  O O   . VAL A 1 57  ? 13.259  6.133   8.843   1.00 15.00 ? 57  VAL A O   1 
ATOM   426  C CB  . VAL A 1 57  ? 12.474  6.406   6.114   1.00 15.00 ? 57  VAL A CB  1 
ATOM   427  C CG1 . VAL A 1 57  ? 11.537  7.582   6.412   1.00 15.00 ? 57  VAL A CG1 1 
ATOM   428  C CG2 . VAL A 1 57  ? 12.484  6.054   4.606   1.00 15.00 ? 57  VAL A CG2 1 
ATOM   429  N N   . SER A 1 58  ? 14.916  7.682   8.588   1.00 15.00 ? 58  SER A N   1 
ATOM   430  C CA  . SER A 1 58  ? 15.055  7.873   10.013  1.00 15.00 ? 58  SER A CA  1 
ATOM   431  C C   . SER A 1 58  ? 13.815  8.498   10.599  1.00 15.00 ? 58  SER A C   1 
ATOM   432  O O   . SER A 1 58  ? 13.545  8.358   11.773  1.00 15.00 ? 58  SER A O   1 
ATOM   433  C CB  . SER A 1 58  ? 16.277  8.726   10.327  1.00 15.00 ? 58  SER A CB  1 
ATOM   434  O OG  . SER A 1 58  ? 16.460  9.768   9.376   1.00 15.00 ? 58  SER A OG  1 
ATOM   435  N N   . GLU A 1 59  ? 13.034  9.198   9.798   1.00 15.00 ? 59  GLU A N   1 
ATOM   436  C CA  . GLU A 1 59  ? 11.860  9.791   10.407  1.00 15.00 ? 59  GLU A CA  1 
ATOM   437  C C   . GLU A 1 59  ? 10.926  8.715   10.932  1.00 15.00 ? 59  GLU A C   1 
ATOM   438  O O   . GLU A 1 59  ? 9.956   9.033   11.607  1.00 15.00 ? 59  GLU A O   1 
ATOM   439  C CB  . GLU A 1 59  ? 11.113  10.711  9.444   1.00 15.00 ? 59  GLU A CB  1 
ATOM   440  C CG  . GLU A 1 59  ? 11.885  11.880  8.922   1.00 15.00 ? 59  GLU A CG  1 
ATOM   441  C CD  . GLU A 1 59  ? 13.091  11.469  8.137   1.00 15.00 ? 59  GLU A CD  1 
ATOM   442  O OE1 . GLU A 1 59  ? 12.947  10.701  7.170   1.00 15.00 ? 59  GLU A OE1 1 
ATOM   443  O OE2 . GLU A 1 59  ? 14.216  11.803  8.545   1.00 15.00 ? 59  GLU A OE2 1 
ATOM   444  N N   . ASN A 1 60  ? 11.184  7.455   10.598  1.00 15.00 ? 60  ASN A N   1 
ATOM   445  C CA  . ASN A 1 60  ? 10.326  6.368   11.053  1.00 15.00 ? 60  ASN A CA  1 
ATOM   446  C C   . ASN A 1 60  ? 11.050  5.377   11.983  1.00 15.00 ? 60  ASN A C   1 
ATOM   447  O O   . ASN A 1 60  ? 12.251  5.489   12.220  1.00 15.00 ? 60  ASN A O   1 
ATOM   448  C CB  . ASN A 1 60  ? 9.653   5.678   9.849   1.00 15.00 ? 60  ASN A CB  1 
ATOM   449  C CG  . ASN A 1 60  ? 8.597   6.590   9.142   1.00 15.00 ? 60  ASN A CG  1 
ATOM   450  O OD1 . ASN A 1 60  ? 7.798   6.134   8.316   1.00 15.00 ? 60  ASN A OD1 1 
ATOM   451  N ND2 . ASN A 1 60  ? 8.536   7.856   9.572   1.00 15.00 ? 60  ASN A ND2 1 
ATOM   452  N N   . ASP A 1 61  ? 10.312  4.404   12.505  1.00 15.00 ? 61  ASP A N   1 
ATOM   453  C CA  . ASP A 1 61  ? 10.858  3.459   13.468  1.00 15.00 ? 61  ASP A CA  1 
ATOM   454  C C   . ASP A 1 61  ? 11.530  2.175   12.977  1.00 15.00 ? 61  ASP A C   1 
ATOM   455  O O   . ASP A 1 61  ? 11.827  1.301   13.805  1.00 15.00 ? 61  ASP A O   1 
ATOM   456  C CB  . ASP A 1 61  ? 9.754   3.102   14.492  1.00 15.00 ? 61  ASP A CB  1 
ATOM   457  C CG  . ASP A 1 61  ? 10.256  3.069   15.929  1.00 15.00 ? 61  ASP A CG  1 
ATOM   458  O OD1 . ASP A 1 61  ? 11.353  2.532   16.230  1.00 15.00 ? 61  ASP A OD1 1 
ATOM   459  O OD2 . ASP A 1 61  ? 9.535   3.556   16.792  1.00 15.00 ? 61  ASP A OD2 1 
ATOM   460  N N   . GLY A 1 62  ? 11.832  2.029   11.681  1.00 15.00 ? 62  GLY A N   1 
ATOM   461  C CA  . GLY A 1 62  ? 12.451  0.782   11.223  1.00 15.00 ? 62  GLY A CA  1 
ATOM   462  C C   . GLY A 1 62  ? 11.351  -0.249  11.226  1.00 15.00 ? 62  GLY A C   1 
ATOM   463  O O   . GLY A 1 62  ? 10.222  0.064   10.793  1.00 15.00 ? 62  GLY A O   1 
ATOM   464  N N   . CYS A 1 63  ? 11.653  -1.470  11.663  1.00 15.00 ? 63  CYS A N   1 
ATOM   465  C CA  . CYS A 1 63  ? 10.653  -2.510  11.761  1.00 15.00 ? 63  CYS A CA  1 
ATOM   466  C C   . CYS A 1 63  ? 9.652   -2.136  12.838  1.00 15.00 ? 63  CYS A C   1 
ATOM   467  O O   . CYS A 1 63  ? 8.678   -2.861  13.057  1.00 15.00 ? 63  CYS A O   1 
ATOM   468  C CB  . CYS A 1 63  ? 11.290  -3.820  12.211  1.00 15.00 ? 63  CYS A CB  1 
ATOM   469  S SG  . CYS A 1 63  ? 12.171  -4.727  10.903  1.00 15.00 ? 63  CYS A SG  1 
ATOM   470  N N   . GLY A 1 64  ? 9.954   -1.084  13.596  1.00 15.00 ? 64  GLY A N   1 
ATOM   471  C CA  . GLY A 1 64  ? 9.017   -0.654  14.623  1.00 15.00 ? 64  GLY A CA  1 
ATOM   472  C C   . GLY A 1 64  ? 7.758   0.099   14.186  1.00 15.00 ? 64  GLY A C   1 
ATOM   473  O O   . GLY A 1 64  ? 6.854   0.326   14.975  1.00 15.00 ? 64  GLY A O   1 
ATOM   474  N N   . GLY A 1 65  ? 7.716   0.501   12.920  1.00 15.00 ? 65  GLY A N   1 
ATOM   475  C CA  . GLY A 1 65  ? 6.574   1.214   12.364  1.00 15.00 ? 65  GLY A CA  1 
ATOM   476  C C   . GLY A 1 65  ? 7.023   2.463   11.584  1.00 15.00 ? 65  GLY A C   1 
ATOM   477  O O   . GLY A 1 65  ? 8.224   2.861   11.593  1.00 15.00 ? 65  GLY A O   1 
ATOM   478  N N   . GLY A 1 66  ? 6.062   3.123   10.945  1.00 15.00 ? 66  GLY A N   1 
ATOM   479  C CA  . GLY A 1 66  ? 6.377   4.329   10.218  1.00 15.00 ? 66  GLY A CA  1 
ATOM   480  C C   . GLY A 1 66  ? 5.169   4.712   9.427   1.00 15.00 ? 66  GLY A C   1 
ATOM   481  O O   . GLY A 1 66  ? 4.320   3.889   9.245   1.00 15.00 ? 66  GLY A O   1 
ATOM   482  N N   . TYR A 1 67  ? 5.059   5.983   9.048   1.00 15.00 ? 67  TYR A N   1 
ATOM   483  C CA  . TYR A 1 67  ? 3.947   6.488   8.226   1.00 15.00 ? 67  TYR A CA  1 
ATOM   484  C C   . TYR A 1 67  ? 4.374   6.343   6.783   1.00 15.00 ? 67  TYR A C   1 
ATOM   485  O O   . TYR A 1 67  ? 5.541   6.224   6.475   1.00 15.00 ? 67  TYR A O   1 
ATOM   486  C CB  . TYR A 1 67  ? 3.683   7.944   8.525   1.00 15.00 ? 67  TYR A CB  1 
ATOM   487  C CG  . TYR A 1 67  ? 3.193   8.243   9.926   1.00 15.00 ? 67  TYR A CG  1 
ATOM   488  C CD1 . TYR A 1 67  ? 1.805   8.215   10.242  1.00 15.00 ? 67  TYR A CD1 1 
ATOM   489  C CD2 . TYR A 1 67  ? 4.112   8.558   10.926  1.00 15.00 ? 67  TYR A CD2 1 
ATOM   490  C CE1 . TYR A 1 67  ? 1.359   8.479   11.509  1.00 15.00 ? 67  TYR A CE1 1 
ATOM   491  C CE2 . TYR A 1 67  ? 3.686   8.834   12.201  1.00 15.00 ? 67  TYR A CE2 1 
ATOM   492  C CZ  . TYR A 1 67  ? 2.303   8.784   12.480  1.00 15.00 ? 67  TYR A CZ  1 
ATOM   493  O OH  . TYR A 1 67  ? 1.884   9.022   13.760  1.00 15.00 ? 67  TYR A OH  1 
ATOM   494  N N   . MET A 1 68  ? 3.418   6.430   5.869   1.00 15.00 ? 68  MET A N   1 
ATOM   495  C CA  . MET A 1 68  ? 3.765   6.328   4.432   1.00 15.00 ? 68  MET A CA  1 
ATOM   496  C C   . MET A 1 68  ? 4.169   7.689   3.867   1.00 15.00 ? 68  MET A C   1 
ATOM   497  O O   . MET A 1 68  ? 5.120   7.786   3.081   1.00 15.00 ? 68  MET A O   1 
ATOM   498  C CB  . MET A 1 68  ? 2.649   5.734   3.578   1.00 15.00 ? 68  MET A CB  1 
ATOM   499  C CG  . MET A 1 68  ? 2.231   4.327   3.994   1.00 15.00 ? 68  MET A CG  1 
ATOM   500  S SD  . MET A 1 68  ? 1.043   4.305   5.361   1.00 15.00 ? 68  MET A SD  1 
ATOM   501  C CE  . MET A 1 68  ? -0.488  4.306   4.380   1.00 15.00 ? 68  MET A CE  1 
ATOM   502  N N   . THR A 1 69  ? 3.483   8.749   4.277   1.00 15.00 ? 69  THR A N   1 
ATOM   503  C CA  . THR A 1 69  ? 3.882   10.073  3.769   1.00 15.00 ? 69  THR A CA  1 
ATOM   504  C C   . THR A 1 69  ? 5.351   10.379  4.049   1.00 15.00 ? 69  THR A C   1 
ATOM   505  O O   . THR A 1 69  ? 5.987   11.081  3.270   1.00 15.00 ? 69  THR A O   1 
ATOM   506  C CB  . THR A 1 69  ? 3.079   11.173  4.389   1.00 15.00 ? 69  THR A CB  1 
ATOM   507  O OG1 . THR A 1 69  ? 3.267   11.110  5.795   1.00 15.00 ? 69  THR A OG1 1 
ATOM   508  C CG2 . THR A 1 69  ? 1.631   11.013  4.051   1.00 15.00 ? 69  THR A CG2 1 
ATOM   509  N N   . ASN A 1 70  ? 5.834   9.876   5.187   1.00 15.00 ? 70  ASN A N   1 
ATOM   510  C CA  . ASN A 1 70  ? 7.203   10.072  5.648   1.00 15.00 ? 70  ASN A CA  1 
ATOM   511  C C   . ASN A 1 70  ? 8.103   9.295   4.718   1.00 15.00 ? 70  ASN A C   1 
ATOM   512  O O   . ASN A 1 70  ? 9.249   9.703   4.498   1.00 15.00 ? 70  ASN A O   1 
ATOM   513  C CB  . ASN A 1 70  ? 7.388   9.536   7.073   1.00 15.00 ? 70  ASN A CB  1 
ATOM   514  C CG  . ASN A 1 70  ? 7.233   10.596  8.175   1.00 15.00 ? 70  ASN A CG  1 
ATOM   515  O OD1 . ASN A 1 70  ? 7.268   10.229  9.340   1.00 15.00 ? 70  ASN A OD1 1 
ATOM   516  N ND2 . ASN A 1 70  ? 7.103   11.867  7.833   1.00 15.00 ? 70  ASN A ND2 1 
ATOM   517  N N   . ALA A 1 71  ? 7.594   8.201   4.145   1.00 15.00 ? 71  ALA A N   1 
ATOM   518  C CA  . ALA A 1 71  ? 8.374   7.402   3.194   1.00 15.00 ? 71  ALA A CA  1 
ATOM   519  C C   . ALA A 1 71  ? 8.568   8.173   1.866   1.00 15.00 ? 71  ALA A C   1 
ATOM   520  O O   . ALA A 1 71  ? 9.600   8.124   1.248   1.00 15.00 ? 71  ALA A O   1 
ATOM   521  C CB  . ALA A 1 71  ? 7.663   6.140   2.902   1.00 15.00 ? 71  ALA A CB  1 
ATOM   522  N N   . PHE A 1 72  ? 7.549   8.884   1.414   1.00 15.00 ? 72  PHE A N   1 
ATOM   523  C CA  . PHE A 1 72  ? 7.604   9.625   0.174   1.00 15.00 ? 72  PHE A CA  1 
ATOM   524  C C   . PHE A 1 72  ? 8.562   10.786  0.337   1.00 15.00 ? 72  PHE A C   1 
ATOM   525  O O   . PHE A 1 72  ? 9.515   10.913  -0.438  1.00 15.00 ? 72  PHE A O   1 
ATOM   526  C CB  . PHE A 1 72  ? 6.183   10.015  -0.259  1.00 15.00 ? 72  PHE A CB  1 
ATOM   527  C CG  . PHE A 1 72  ? 5.315   8.830   -0.511  1.00 15.00 ? 72  PHE A CG  1 
ATOM   528  C CD1 . PHE A 1 72  ? 5.838   7.700   -1.177  1.00 15.00 ? 72  PHE A CD1 1 
ATOM   529  C CD2 . PHE A 1 72  ? 4.031   8.769   0.008   1.00 15.00 ? 72  PHE A CD2 1 
ATOM   530  C CE1 . PHE A 1 72  ? 5.095   6.542   -1.310  1.00 15.00 ? 72  PHE A CE1 1 
ATOM   531  C CE2 . PHE A 1 72  ? 3.256   7.618   -0.110  1.00 15.00 ? 72  PHE A CE2 1 
ATOM   532  C CZ  . PHE A 1 72  ? 3.777   6.494   -0.771  1.00 15.00 ? 72  PHE A CZ  1 
ATOM   533  N N   . GLN A 1 73  ? 8.378   11.602  1.362   1.00 15.00 ? 73  GLN A N   1 
ATOM   534  C CA  . GLN A 1 73  ? 9.303   12.708  1.595   1.00 15.00 ? 73  GLN A CA  1 
ATOM   535  C C   . GLN A 1 73  ? 10.789  12.264  1.423   1.00 15.00 ? 73  GLN A C   1 
ATOM   536  O O   . GLN A 1 73  ? 11.594  13.027  0.885   1.00 15.00 ? 73  GLN A O   1 
ATOM   537  C CB  . GLN A 1 73  ? 9.044   13.277  3.003   1.00 15.00 ? 73  GLN A CB  1 
ATOM   538  C CG  . GLN A 1 73  ? 8.528   14.719  3.010   1.00 15.00 ? 73  GLN A CG  1 
ATOM   539  C CD  . GLN A 1 73  ? 7.875   15.118  4.355   1.00 15.00 ? 73  GLN A CD  1 
ATOM   540  O OE1 . GLN A 1 73  ? 8.277   14.629  5.424   1.00 15.00 ? 73  GLN A OE1 1 
ATOM   541  N NE2 . GLN A 1 73  ? 6.822   15.956  4.297   1.00 15.00 ? 73  GLN A NE2 1 
ATOM   542  N N   . TYR A 1 74  ? 11.147  11.065  1.903   1.00 15.00 ? 74  TYR A N   1 
ATOM   543  C CA  . TYR A 1 74  ? 12.522  10.567  1.800   1.00 15.00 ? 74  TYR A CA  1 
ATOM   544  C C   . TYR A 1 74  ? 12.991  10.259  0.393   1.00 15.00 ? 74  TYR A C   1 
ATOM   545  O O   . TYR A 1 74  ? 14.137  10.542  0.031   1.00 15.00 ? 74  TYR A O   1 
ATOM   546  C CB  . TYR A 1 74  ? 12.752  9.300   2.660   1.00 15.00 ? 74  TYR A CB  1 
ATOM   547  C CG  . TYR A 1 74  ? 14.034  8.486   2.297   1.00 15.00 ? 74  TYR A CG  1 
ATOM   548  C CD1 . TYR A 1 74  ? 15.282  8.841   2.714   1.00 15.00 ? 74  TYR A CD1 1 
ATOM   549  C CD2 . TYR A 1 74  ? 13.974  7.385   1.506   1.00 15.00 ? 74  TYR A CD2 1 
ATOM   550  C CE1 . TYR A 1 74  ? 16.403  8.126   2.356   1.00 15.00 ? 74  TYR A CE1 1 
ATOM   551  C CE2 . TYR A 1 74  ? 15.156  6.666   1.140   1.00 15.00 ? 74  TYR A CE2 1 
ATOM   552  C CZ  . TYR A 1 74  ? 16.365  7.048   1.577   1.00 15.00 ? 74  TYR A CZ  1 
ATOM   553  O OH  . TYR A 1 74  ? 17.504  6.346   1.242   1.00 15.00 ? 74  TYR A OH  1 
ATOM   554  N N   . VAL A 1 75  ? 12.119  9.633   -0.391  1.00 15.00 ? 75  VAL A N   1 
ATOM   555  C CA  . VAL A 1 75  ? 12.416  9.297   -1.786  1.00 15.00 ? 75  VAL A CA  1 
ATOM   556  C C   . VAL A 1 75  ? 12.714  10.599  -2.513  1.00 15.00 ? 75  VAL A C   1 
ATOM   557  O O   . VAL A 1 75  ? 13.702  10.717  -3.232  1.00 15.00 ? 75  VAL A O   1 
ATOM   558  C CB  . VAL A 1 75  ? 11.219  8.549   -2.423  1.00 15.00 ? 75  VAL A CB  1 
ATOM   559  C CG1 . VAL A 1 75  ? 11.619  8.171   -3.849  1.00 15.00 ? 75  VAL A CG1 1 
ATOM   560  C CG2 . VAL A 1 75  ? 10.896  7.318   -1.540  1.00 15.00 ? 75  VAL A CG2 1 
ATOM   561  N N   . GLN A 1 76  ? 11.935  11.620  -2.203  1.00 15.00 ? 76  GLN A N   1 
ATOM   562  C CA  . GLN A 1 76  ? 12.135  12.915  -2.827  1.00 15.00 ? 76  GLN A CA  1 
ATOM   563  C C   . GLN A 1 76  ? 13.459  13.525  -2.301  1.00 15.00 ? 76  GLN A C   1 
ATOM   564  O O   . GLN A 1 76  ? 14.502  13.475  -2.949  1.00 15.00 ? 76  GLN A O   1 
ATOM   565  C CB  . GLN A 1 76  ? 10.948  13.819  -2.504  1.00 15.00 ? 76  GLN A CB  1 
ATOM   566  C CG  . GLN A 1 76  ? 10.904  15.151  -3.252  1.00 15.00 ? 76  GLN A CG  1 
ATOM   567  C CD  . GLN A 1 76  ? 9.978   16.167  -2.565  1.00 15.00 ? 76  GLN A CD  1 
ATOM   568  O OE1 . GLN A 1 76  ? 8.985   15.797  -1.922  1.00 15.00 ? 76  GLN A OE1 1 
ATOM   569  N NE2 . GLN A 1 76  ? 10.326  17.450  -2.660  1.00 15.00 ? 76  GLN A NE2 1 
ATOM   570  N N   . LYS A 1 77  ? 13.467  13.961  -1.048  1.00 15.00 ? 77  LYS A N   1 
ATOM   571  C CA  . LYS A 1 77  ? 14.656  14.565  -0.457  1.00 15.00 ? 77  LYS A CA  1 
ATOM   572  C C   . LYS A 1 77  ? 15.955  13.758  -0.661  1.00 15.00 ? 77  LYS A C   1 
ATOM   573  O O   . LYS A 1 77  ? 17.060  14.288  -0.456  1.00 15.00 ? 77  LYS A O   1 
ATOM   574  C CB  . LYS A 1 77  ? 14.392  14.848  1.038   1.00 15.00 ? 77  LYS A CB  1 
ATOM   575  C CG  . LYS A 1 77  ? 15.657  15.132  1.866   1.00 15.00 ? 77  LYS A CG  1 
ATOM   576  C CD  . LYS A 1 77  ? 15.355  15.032  3.356   1.00 15.00 ? 77  LYS A CD  1 
ATOM   577  C CE  . LYS A 1 77  ? 16.626  15.137  4.154   1.00 15.00 ? 77  LYS A CE  1 
ATOM   578  N NZ  . LYS A 1 77  ? 17.564  14.018  3.815   1.00 15.00 ? 77  LYS A NZ  1 
ATOM   579  N N   . ASN A 1 78  ? 15.839  12.495  -1.077  1.00 15.00 ? 78  ASN A N   1 
ATOM   580  C CA  . ASN A 1 78  ? 17.017  11.655  -1.303  1.00 15.00 ? 78  ASN A CA  1 
ATOM   581  C C   . ASN A 1 78  ? 17.309  11.682  -2.801  1.00 15.00 ? 78  ASN A C   1 
ATOM   582  O O   . ASN A 1 78  ? 18.474  11.666  -3.215  1.00 15.00 ? 78  ASN A O   1 
ATOM   583  C CB  . ASN A 1 78  ? 16.766  10.203  -0.894  1.00 15.00 ? 78  ASN A CB  1 
ATOM   584  C CG  . ASN A 1 78  ? 18.013  9.361   -0.940  1.00 15.00 ? 78  ASN A CG  1 
ATOM   585  O OD1 . ASN A 1 78  ? 18.943  9.619   -0.222  1.00 15.00 ? 78  ASN A OD1 1 
ATOM   586  N ND2 . ASN A 1 78  ? 18.030  8.357   -1.795  1.00 15.00 ? 78  ASN A ND2 1 
ATOM   587  N N   . ARG A 1 79  ? 16.238  11.700  -3.593  1.00 15.00 ? 79  ARG A N   1 
ATOM   588  C CA  . ARG A 1 79  ? 16.290  11.742  -5.061  1.00 15.00 ? 79  ARG A CA  1 
ATOM   589  C C   . ARG A 1 79  ? 16.470  10.371  -5.728  1.00 15.00 ? 79  ARG A C   1 
ATOM   590  O O   . ARG A 1 79  ? 17.241  10.226  -6.685  1.00 15.00 ? 79  ARG A O   1 
ATOM   591  C CB  . ARG A 1 79  ? 17.336  12.757  -5.555  1.00 15.00 ? 79  ARG A CB  1 
ATOM   592  C CG  . ARG A 1 79  ? 17.111  14.149  -4.931  1.00 15.00 ? 79  ARG A CG  1 
ATOM   593  C CD  . ARG A 1 79  ? 18.188  15.196  -5.276  1.00 15.00 ? 79  ARG A CD  1 
ATOM   594  N NE  . ARG A 1 79  ? 18.254  15.505  -6.704  1.00 15.00 ? 79  ARG A NE  1 
ATOM   595  C CZ  . ARG A 1 79  ? 17.274  16.070  -7.404  1.00 15.00 ? 79  ARG A CZ  1 
ATOM   596  N NH1 . ARG A 1 79  ? 16.126  16.398  -6.818  1.00 15.00 ? 79  ARG A NH1 1 
ATOM   597  N NH2 . ARG A 1 79  ? 17.454  16.359  -8.687  1.00 15.00 ? 79  ARG A NH2 1 
ATOM   598  N N   . GLY A 1 80  ? 15.660  9.399   -5.301  1.00 15.00 ? 80  GLY A N   1 
ATOM   599  C CA  . GLY A 1 80  ? 15.756  8.074   -5.877  1.00 15.00 ? 80  GLY A CA  1 
ATOM   600  C C   . GLY A 1 80  ? 15.648  7.005   -4.806  1.00 15.00 ? 80  GLY A C   1 
ATOM   601  O O   . GLY A 1 80  ? 15.948  7.264   -3.623  1.00 15.00 ? 80  GLY A O   1 
ATOM   602  N N   . ILE A 1 81  ? 15.268  5.792   -5.217  1.00 15.00 ? 81  ILE A N   1 
ATOM   603  C CA  . ILE A 1 81  ? 15.079  4.625   -4.344  1.00 15.00 ? 81  ILE A CA  1 
ATOM   604  C C   . ILE A 1 81  ? 15.535  3.402   -5.126  1.00 15.00 ? 81  ILE A C   1 
ATOM   605  O O   . ILE A 1 81  ? 15.431  3.386   -6.355  1.00 15.00 ? 81  ILE A O   1 
ATOM   606  C CB  . ILE A 1 81  ? 13.598  4.443   -3.913  1.00 15.00 ? 81  ILE A CB  1 
ATOM   607  C CG1 . ILE A 1 81  ? 13.424  3.149   -3.087  1.00 15.00 ? 81  ILE A CG1 1 
ATOM   608  C CG2 . ILE A 1 81  ? 12.693  4.404   -5.124  1.00 15.00 ? 81  ILE A CG2 1 
ATOM   609  C CD1 . ILE A 1 81  ? 12.073  3.117   -2.410  1.00 15.00 ? 81  ILE A CD1 1 
ATOM   610  N N   . ASP A 1 82  ? 16.041  2.384   -4.429  1.00 15.00 ? 82  ASP A N   1 
ATOM   611  C CA  . ASP A 1 82  ? 16.550  1.179   -5.071  1.00 15.00 ? 82  ASP A CA  1 
ATOM   612  C C   . ASP A 1 82  ? 15.538  0.148   -5.539  1.00 15.00 ? 82  ASP A C   1 
ATOM   613  O O   . ASP A 1 82  ? 14.345  0.194   -5.235  1.00 15.00 ? 82  ASP A O   1 
ATOM   614  C CB  . ASP A 1 82  ? 17.557  0.482   -4.164  1.00 15.00 ? 82  ASP A CB  1 
ATOM   615  C CG  . ASP A 1 82  ? 18.930  1.135   -4.207  1.00 15.00 ? 82  ASP A CG  1 
ATOM   616  O OD1 . ASP A 1 82  ? 19.325  1.568   -5.317  1.00 15.00 ? 82  ASP A OD1 1 
ATOM   617  O OD2 . ASP A 1 82  ? 19.639  1.205   -3.175  1.00 15.00 ? 82  ASP A OD2 1 
ATOM   618  N N   . SER A 1 83  ? 16.025  -0.766  -6.354  1.00 15.00 ? 83  SER A N   1 
ATOM   619  C CA  . SER A 1 83  ? 15.161  -1.813  -6.837  1.00 15.00 ? 83  SER A CA  1 
ATOM   620  C C   . SER A 1 83  ? 15.414  -2.965  -5.879  1.00 15.00 ? 83  SER A C   1 
ATOM   621  O O   . SER A 1 83  ? 16.396  -2.951  -5.114  1.00 15.00 ? 83  SER A O   1 
ATOM   622  C CB  . SER A 1 83  ? 15.546  -2.199  -8.256  1.00 15.00 ? 83  SER A CB  1 
ATOM   623  O OG  . SER A 1 83  ? 16.951  -2.438  -8.313  1.00 15.00 ? 83  SER A OG  1 
ATOM   624  N N   . GLU A 1 84  ? 14.518  -3.946  -5.891  1.00 15.00 ? 84  GLU A N   1 
ATOM   625  C CA  . GLU A 1 84  ? 14.675  -5.087  -5.000  1.00 15.00 ? 84  GLU A CA  1 
ATOM   626  C C   . GLU A 1 84  ? 16.048  -5.685  -5.221  1.00 15.00 ? 84  GLU A C   1 
ATOM   627  O O   . GLU A 1 84  ? 16.937  -5.504  -4.379  1.00 15.00 ? 84  GLU A O   1 
ATOM   628  C CB  . GLU A 1 84  ? 13.583  -6.148  -5.200  1.00 15.00 ? 84  GLU A CB  1 
ATOM   629  C CG  . GLU A 1 84  ? 13.583  -7.282  -4.140  1.00 15.00 ? 84  GLU A CG  1 
ATOM   630  C CD  . GLU A 1 84  ? 13.031  -6.834  -2.793  1.00 15.00 ? 84  GLU A CD  1 
ATOM   631  O OE1 . GLU A 1 84  ? 13.728  -6.090  -2.084  1.00 15.00 ? 84  GLU A OE1 1 
ATOM   632  O OE2 . GLU A 1 84  ? 11.930  -7.272  -2.401  1.00 15.00 ? 84  GLU A OE2 1 
ATOM   633  N N   . ASP A 1 85  ? 16.263  -6.289  -6.386  1.00 15.00 ? 85  ASP A N   1 
ATOM   634  C CA  . ASP A 1 85  ? 17.520  -6.942  -6.746  1.00 15.00 ? 85  ASP A CA  1 
ATOM   635  C C   . ASP A 1 85  ? 18.727  -6.139  -6.260  1.00 15.00 ? 85  ASP A C   1 
ATOM   636  O O   . ASP A 1 85  ? 19.637  -6.724  -5.661  1.00 15.00 ? 85  ASP A O   1 
ATOM   637  C CB  . ASP A 1 85  ? 17.528  -7.300  -8.243  1.00 15.00 ? 85  ASP A CB  1 
ATOM   638  C CG  . ASP A 1 85  ? 18.869  -6.993  -8.939  1.00 15.00 ? 85  ASP A CG  1 
ATOM   639  O OD1 . ASP A 1 85  ? 19.952  -7.510  -8.521  1.00 15.00 ? 85  ASP A OD1 1 
ATOM   640  O OD2 . ASP A 1 85  ? 18.815  -6.264  -9.976  1.00 15.00 ? 85  ASP A OD2 1 
ATOM   641  N N   . ALA A 1 86  ? 18.680  -4.817  -6.394  1.00 15.00 ? 86  ALA A N   1 
ATOM   642  C CA  . ALA A 1 86  ? 19.747  -3.939  -5.953  1.00 15.00 ? 86  ALA A CA  1 
ATOM   643  C C   . ALA A 1 86  ? 19.867  -3.902  -4.442  1.00 15.00 ? 86  ALA A C   1 
ATOM   644  O O   . ALA A 1 86  ? 20.994  -3.976  -3.907  1.00 15.00 ? 86  ALA A O   1 
ATOM   645  C CB  . ALA A 1 86  ? 19.501  -2.575  -6.485  1.00 15.00 ? 86  ALA A CB  1 
ATOM   646  N N   . TYR A 1 87  ? 18.740  -3.721  -3.756  1.00 15.00 ? 87  TYR A N   1 
ATOM   647  C CA  . TYR A 1 87  ? 18.741  -3.673  -2.292  1.00 15.00 ? 87  TYR A CA  1 
ATOM   648  C C   . TYR A 1 87  ? 17.791  -4.767  -1.816  1.00 15.00 ? 87  TYR A C   1 
ATOM   649  O O   . TYR A 1 87  ? 16.594  -4.552  -1.729  1.00 15.00 ? 87  TYR A O   1 
ATOM   650  C CB  . TYR A 1 87  ? 18.252  -2.302  -1.814  1.00 15.00 ? 87  TYR A CB  1 
ATOM   651  C CG  . TYR A 1 87  ? 18.803  -1.850  -0.505  1.00 15.00 ? 87  TYR A CG  1 
ATOM   652  C CD1 . TYR A 1 87  ? 19.048  -2.744  0.529   1.00 15.00 ? 87  TYR A CD1 1 
ATOM   653  C CD2 . TYR A 1 87  ? 18.999  -0.507  -0.281  1.00 15.00 ? 87  TYR A CD2 1 
ATOM   654  C CE1 . TYR A 1 87  ? 19.473  -2.304  1.762   1.00 15.00 ? 87  TYR A CE1 1 
ATOM   655  C CE2 . TYR A 1 87  ? 19.398  -0.047  0.935   1.00 15.00 ? 87  TYR A CE2 1 
ATOM   656  C CZ  . TYR A 1 87  ? 19.637  -0.940  1.959   1.00 15.00 ? 87  TYR A CZ  1 
ATOM   657  O OH  . TYR A 1 87  ? 20.034  -0.373  3.163   1.00 15.00 ? 87  TYR A OH  1 
ATOM   658  N N   . PRO A 1 88  ? 18.295  -5.993  -1.621  1.00 15.00 ? 88  PRO A N   1 
ATOM   659  C CA  . PRO A 1 88  ? 17.462  -7.114  -1.172  1.00 15.00 ? 88  PRO A CA  1 
ATOM   660  C C   . PRO A 1 88  ? 16.722  -6.927  0.152   1.00 15.00 ? 88  PRO A C   1 
ATOM   661  O O   . PRO A 1 88  ? 17.136  -6.172  1.000   1.00 15.00 ? 88  PRO A O   1 
ATOM   662  C CB  . PRO A 1 88  ? 18.465  -8.271  -1.107  1.00 15.00 ? 88  PRO A CB  1 
ATOM   663  C CG  . PRO A 1 88  ? 19.404  -7.945  -2.230  1.00 15.00 ? 88  PRO A CG  1 
ATOM   664  C CD  . PRO A 1 88  ? 19.628  -6.466  -2.027  1.00 15.00 ? 88  PRO A CD  1 
ATOM   665  N N   . TYR A 1 89  ? 15.607  -7.620  0.304   1.00 15.00 ? 89  TYR A N   1 
ATOM   666  C CA  . TYR A 1 89  ? 14.822  -7.578  1.511   1.00 15.00 ? 89  TYR A CA  1 
ATOM   667  C C   . TYR A 1 89  ? 15.194  -8.698  2.507   1.00 15.00 ? 89  TYR A C   1 
ATOM   668  O O   . TYR A 1 89  ? 14.890  -9.891  2.275   1.00 15.00 ? 89  TYR A O   1 
ATOM   669  C CB  . TYR A 1 89  ? 13.331  -7.671  1.179   1.00 15.00 ? 89  TYR A CB  1 
ATOM   670  C CG  . TYR A 1 89  ? 12.470  -7.426  2.424   1.00 15.00 ? 89  TYR A CG  1 
ATOM   671  C CD1 . TYR A 1 89  ? 12.404  -6.244  3.031   1.00 15.00 ? 89  TYR A CD1 1 
ATOM   672  C CD2 . TYR A 1 89  ? 11.817  -8.366  3.027   1.00 15.00 ? 89  TYR A CD2 1 
ATOM   673  C CE1 . TYR A 1 89  ? 11.691  -6.046  4.229   1.00 15.00 ? 89  TYR A CE1 1 
ATOM   674  C CE2 . TYR A 1 89  ? 11.113  -8.099  4.224   1.00 15.00 ? 89  TYR A CE2 1 
ATOM   675  C CZ  . TYR A 1 89  ? 11.057  -6.968  4.805   1.00 15.00 ? 89  TYR A CZ  1 
ATOM   676  O OH  . TYR A 1 89  ? 10.391  -6.792  5.931   1.00 15.00 ? 89  TYR A OH  1 
ATOM   677  N N   . VAL A 1 90  ? 15.841  -8.294  3.599   1.00 15.00 ? 90  VAL A N   1 
ATOM   678  C CA  . VAL A 1 90  ? 16.226  -9.210  4.665   1.00 15.00 ? 90  VAL A CA  1 
ATOM   679  C C   . VAL A 1 90  ? 15.260  -9.192  5.874   1.00 15.00 ? 90  VAL A C   1 
ATOM   680  O O   . VAL A 1 90  ? 15.538  -9.834  6.873   1.00 15.00 ? 90  VAL A O   1 
ATOM   681  C CB  . VAL A 1 90  ? 17.669  -8.911  5.149   1.00 15.00 ? 90  VAL A CB  1 
ATOM   682  C CG1 . VAL A 1 90  ? 18.571  -8.735  3.960   1.00 15.00 ? 90  VAL A CG1 1 
ATOM   683  C CG2 . VAL A 1 90  ? 17.736  -7.706  6.070   1.00 15.00 ? 90  VAL A CG2 1 
ATOM   684  N N   . GLY A 1 91  ? 14.184  -8.403  5.798   1.00 15.00 ? 91  GLY A N   1 
ATOM   685  C CA  . GLY A 1 91  ? 13.235  -8.292  6.891   1.00 15.00 ? 91  GLY A CA  1 
ATOM   686  C C   . GLY A 1 91  ? 13.884  -8.066  8.248   1.00 15.00 ? 91  GLY A C   1 
ATOM   687  O O   . GLY A 1 91  ? 13.671  -8.871  9.148   1.00 15.00 ? 91  GLY A O   1 
ATOM   688  N N   . GLN A 1 92  ? 14.720  -7.036  8.390   1.00 15.00 ? 92  GLN A N   1 
ATOM   689  C CA  . GLN A 1 92  ? 15.360  -6.776  9.684   1.00 15.00 ? 92  GLN A CA  1 
ATOM   690  C C   . GLN A 1 92  ? 16.055  -5.408  9.590   1.00 15.00 ? 92  GLN A C   1 
ATOM   691  O O   . GLN A 1 92  ? 16.429  -4.989  8.498   1.00 15.00 ? 92  GLN A O   1 
ATOM   692  C CB  . GLN A 1 92  ? 16.385  -7.875  9.933   1.00 15.00 ? 92  GLN A CB  1 
ATOM   693  C CG  . GLN A 1 92  ? 17.348  -7.689  11.046  1.00 15.00 ? 92  GLN A CG  1 
ATOM   694  C CD  . GLN A 1 92  ? 18.378  -8.813  11.062  1.00 15.00 ? 92  GLN A CD  1 
ATOM   695  O OE1 . GLN A 1 92  ? 19.562  -8.623  11.428  1.00 15.00 ? 92  GLN A OE1 1 
ATOM   696  N NE2 . GLN A 1 92  ? 17.934  -10.006 10.657  1.00 15.00 ? 92  GLN A NE2 1 
ATOM   697  N N   . GLU A 1 93  ? 16.172  -4.681  10.700  1.00 15.00 ? 93  GLU A N   1 
ATOM   698  C CA  . GLU A 1 93  ? 16.822  -3.391  10.657  1.00 15.00 ? 93  GLU A CA  1 
ATOM   699  C C   . GLU A 1 93  ? 18.313  -3.604  10.569  1.00 15.00 ? 93  GLU A C   1 
ATOM   700  O O   . GLU A 1 93  ? 18.838  -4.583  11.067  1.00 15.00 ? 93  GLU A O   1 
ATOM   701  C CB  . GLU A 1 93  ? 16.517  -2.555  11.899  1.00 15.00 ? 93  GLU A CB  1 
ATOM   702  C CG  . GLU A 1 93  ? 15.079  -2.038  12.081  1.00 15.00 ? 93  GLU A CG  1 
ATOM   703  C CD  . GLU A 1 93  ? 14.874  -1.446  13.478  1.00 15.00 ? 93  GLU A CD  1 
ATOM   704  O OE1 . GLU A 1 93  ? 15.795  -0.787  14.030  1.00 15.00 ? 93  GLU A OE1 1 
ATOM   705  O OE2 . GLU A 1 93  ? 13.791  -1.642  14.039  1.00 15.00 ? 93  GLU A OE2 1 
ATOM   706  N N   . GLU A 1 94  ? 18.987  -2.681  9.897   1.00 15.00 ? 94  GLU A N   1 
ATOM   707  C CA  . GLU A 1 94  ? 20.435  -2.702  9.698   1.00 15.00 ? 94  GLU A CA  1 
ATOM   708  C C   . GLU A 1 94  ? 20.873  -1.296  9.256   1.00 15.00 ? 94  GLU A C   1 
ATOM   709  O O   . GLU A 1 94  ? 20.069  -0.342  9.323   1.00 15.00 ? 94  GLU A O   1 
ATOM   710  C CB  . GLU A 1 94  ? 20.780  -3.754  8.656   1.00 15.00 ? 94  GLU A CB  1 
ATOM   711  C CG  . GLU A 1 94  ? 19.792  -3.714  7.498   1.00 15.00 ? 94  GLU A CG  1 
ATOM   712  C CD  . GLU A 1 94  ? 20.208  -4.623  6.346   1.00 15.00 ? 94  GLU A CD  1 
ATOM   713  O OE1 . GLU A 1 94  ? 21.090  -5.493  6.577   1.00 15.00 ? 94  GLU A OE1 1 
ATOM   714  O OE2 . GLU A 1 94  ? 19.683  -4.435  5.215   1.00 15.00 ? 94  GLU A OE2 1 
ATOM   715  N N   . SER A 1 95  ? 22.097  -1.178  8.734   1.00 15.00 ? 95  SER A N   1 
ATOM   716  C CA  . SER A 1 95  ? 22.633  0.111   8.276   1.00 15.00 ? 95  SER A CA  1 
ATOM   717  C C   . SER A 1 95  ? 22.002  0.561   6.952   1.00 15.00 ? 95  SER A C   1 
ATOM   718  O O   . SER A 1 95  ? 21.661  -0.305  6.111   1.00 15.00 ? 95  SER A O   1 
ATOM   719  C CB  . SER A 1 95  ? 24.136  -0.015  8.056   1.00 15.00 ? 95  SER A CB  1 
ATOM   720  O OG  . SER A 1 95  ? 24.677  -0.918  9.002   1.00 15.00 ? 95  SER A OG  1 
ATOM   721  N N   . CYS A 1 96  ? 21.784  1.869   6.774   1.00 15.00 ? 96  CYS A N   1 
ATOM   722  C CA  . CYS A 1 96  ? 21.222  2.306   5.522   1.00 15.00 ? 96  CYS A CA  1 
ATOM   723  C C   . CYS A 1 96  ? 22.375  2.277   4.545   1.00 15.00 ? 96  CYS A C   1 
ATOM   724  O O   . CYS A 1 96  ? 23.436  2.911   4.758   1.00 15.00 ? 96  CYS A O   1 
ATOM   725  C CB  . CYS A 1 96  ? 20.640  3.685   5.618   1.00 15.00 ? 96  CYS A CB  1 
ATOM   726  S SG  . CYS A 1 96  ? 20.496  4.450   3.942   1.00 15.00 ? 96  CYS A SG  1 
ATOM   727  N N   . MET A 1 97  ? 22.186  1.491   3.490   1.00 15.00 ? 97  MET A N   1 
ATOM   728  C CA  . MET A 1 97  ? 23.211  1.340   2.462   1.00 15.00 ? 97  MET A CA  1 
ATOM   729  C C   . MET A 1 97  ? 22.672  1.515   1.055   1.00 15.00 ? 97  MET A C   1 
ATOM   730  O O   . MET A 1 97  ? 22.808  0.615   0.215   1.00 15.00 ? 97  MET A O   1 
ATOM   731  C CB  . MET A 1 97  ? 23.833  -0.037  2.647   1.00 15.00 ? 97  MET A CB  1 
ATOM   732  C CG  . MET A 1 97  ? 22.895  -0.973  3.395   1.00 15.00 ? 97  MET A CG  1 
ATOM   733  S SD  . MET A 1 97  ? 23.431  -2.641  3.625   1.00 15.00 ? 97  MET A SD  1 
ATOM   734  C CE  . MET A 1 97  ? 24.289  -2.400  5.179   1.00 15.00 ? 97  MET A CE  1 
ATOM   735  N N   . TYR A 1 98  ? 22.164  2.714   0.783   1.00 15.00 ? 98  TYR A N   1 
ATOM   736  C CA  . TYR A 1 98  ? 21.615  3.085   -0.510  1.00 15.00 ? 98  TYR A CA  1 
ATOM   737  C C   . TYR A 1 98  ? 22.634  3.063   -1.679  1.00 15.00 ? 98  TYR A C   1 
ATOM   738  O O   . TYR A 1 98  ? 23.614  3.784   -1.663  1.00 15.00 ? 98  TYR A O   1 
ATOM   739  C CB  . TYR A 1 98  ? 21.025  4.481   -0.361  1.00 15.00 ? 98  TYR A CB  1 
ATOM   740  C CG  . TYR A 1 98  ? 20.499  5.084   -1.608  1.00 15.00 ? 98  TYR A CG  1 
ATOM   741  C CD1 . TYR A 1 98  ? 19.632  4.399   -2.425  1.00 15.00 ? 98  TYR A CD1 1 
ATOM   742  C CD2 . TYR A 1 98  ? 20.905  6.336   -1.997  1.00 15.00 ? 98  TYR A CD2 1 
ATOM   743  C CE1 . TYR A 1 98  ? 19.188  4.949   -3.614  1.00 15.00 ? 98  TYR A CE1 1 
ATOM   744  C CE2 . TYR A 1 98  ? 20.450  6.897   -3.213  1.00 15.00 ? 98  TYR A CE2 1 
ATOM   745  C CZ  . TYR A 1 98  ? 19.606  6.180   -3.992  1.00 15.00 ? 98  TYR A CZ  1 
ATOM   746  O OH  . TYR A 1 98  ? 19.222  6.695   -5.196  1.00 15.00 ? 98  TYR A OH  1 
ATOM   747  N N   . ASN A 1 99  ? 22.390  2.211   -2.670  1.00 15.00 ? 99  ASN A N   1 
ATOM   748  C CA  . ASN A 1 99  ? 23.257  2.105   -3.866  1.00 15.00 ? 99  ASN A CA  1 
ATOM   749  C C   . ASN A 1 99  ? 22.663  2.959   -4.985  1.00 15.00 ? 99  ASN A C   1 
ATOM   750  O O   . ASN A 1 99  ? 21.774  2.494   -5.705  1.00 15.00 ? 99  ASN A O   1 
ATOM   751  C CB  . ASN A 1 99  ? 23.347  0.629   -4.365  1.00 15.00 ? 99  ASN A CB  1 
ATOM   752  C CG  . ASN A 1 99  ? 24.022  0.503   -5.754  1.00 15.00 ? 99  ASN A CG  1 
ATOM   753  O OD1 . ASN A 1 99  ? 23.410  0.842   -6.771  1.00 15.00 ? 99  ASN A OD1 1 
ATOM   754  N ND2 . ASN A 1 99  ? 25.252  0.005   -5.800  1.00 15.00 ? 99  ASN A ND2 1 
ATOM   755  N N   . PRO A 1 100 ? 23.167  4.206   -5.160  1.00 15.00 ? 100 PRO A N   1 
ATOM   756  C CA  . PRO A 1 100 ? 22.656  5.103   -6.202  1.00 15.00 ? 100 PRO A CA  1 
ATOM   757  C C   . PRO A 1 100 ? 22.714  4.481   -7.598  1.00 15.00 ? 100 PRO A C   1 
ATOM   758  O O   . PRO A 1 100 ? 21.897  4.776   -8.469  1.00 15.00 ? 100 PRO A O   1 
ATOM   759  C CB  . PRO A 1 100 ? 23.588  6.303   -6.100  1.00 15.00 ? 100 PRO A CB  1 
ATOM   760  C CG  . PRO A 1 100 ? 24.835  5.686   -5.663  1.00 15.00 ? 100 PRO A CG  1 
ATOM   761  C CD  . PRO A 1 100 ? 24.384  4.791   -4.577  1.00 15.00 ? 100 PRO A CD  1 
ATOM   762  N N   . THR A 1 101 ? 23.636  3.559   -7.794  1.00 15.00 ? 101 THR A N   1 
ATOM   763  C CA  . THR A 1 101 ? 23.811  2.898   -9.075  1.00 15.00 ? 101 THR A CA  1 
ATOM   764  C C   . THR A 1 101 ? 22.559  2.142   -9.504  1.00 15.00 ? 101 THR A C   1 
ATOM   765  O O   . THR A 1 101 ? 22.308  1.969   -10.715 1.00 15.00 ? 101 THR A O   1 
ATOM   766  C CB  . THR A 1 101 ? 24.958  1.885   -8.982  1.00 15.00 ? 101 THR A CB  1 
ATOM   767  O OG1 . THR A 1 101 ? 26.139  2.487   -8.427  1.00 15.00 ? 101 THR A OG1 1 
ATOM   768  C CG2 . THR A 1 101 ? 25.274  1.281   -10.329 1.00 15.00 ? 101 THR A CG2 1 
ATOM   769  N N   . GLY A 1 102 ? 21.835  1.626   -8.509  1.00 15.00 ? 102 GLY A N   1 
ATOM   770  C CA  . GLY A 1 102 ? 20.636  0.849   -8.772  1.00 15.00 ? 102 GLY A CA  1 
ATOM   771  C C   . GLY A 1 102 ? 19.381  1.655   -8.507  1.00 15.00 ? 102 GLY A C   1 
ATOM   772  O O   . GLY A 1 102 ? 18.293  1.070   -8.295  1.00 15.00 ? 102 GLY A O   1 
ATOM   773  N N   . LYS A 1 103 ? 19.509  2.983   -8.491  1.00 15.00 ? 103 LYS A N   1 
ATOM   774  C CA  . LYS A 1 103 ? 18.317  3.816   -8.276  1.00 15.00 ? 103 LYS A CA  1 
ATOM   775  C C   . LYS A 1 103 ? 17.322  3.465   -9.372  1.00 15.00 ? 103 LYS A C   1 
ATOM   776  O O   . LYS A 1 103 ? 17.613  3.623   -10.545 1.00 15.00 ? 103 LYS A O   1 
ATOM   777  C CB  . LYS A 1 103 ? 18.648  5.317   -8.342  1.00 15.00 ? 103 LYS A CB  1 
ATOM   778  C CG  . LYS A 1 103 ? 17.389  6.194   -8.485  1.00 15.00 ? 103 LYS A CG  1 
ATOM   779  C CD  . LYS A 1 103 ? 17.648  7.552   -9.150  1.00 15.00 ? 103 LYS A CD  1 
ATOM   780  C CE  . LYS A 1 103 ? 17.959  7.444   -10.646 1.00 15.00 ? 103 LYS A CE  1 
ATOM   781  N NZ  . LYS A 1 103 ? 16.777  7.093   -11.516 1.00 15.00 ? 103 LYS A NZ  1 
ATOM   782  N N   . ALA A 1 104 ? 16.138  3.026   -8.973  1.00 15.00 ? 104 ALA A N   1 
ATOM   783  C CA  . ALA A 1 104 ? 15.127  2.596   -9.940  1.00 15.00 ? 104 ALA A CA  1 
ATOM   784  C C   . ALA A 1 104 ? 13.924  3.505   -10.133 1.00 15.00 ? 104 ALA A C   1 
ATOM   785  O O   . ALA A 1 104 ? 13.210  3.359   -11.113 1.00 15.00 ? 104 ALA A O   1 
ATOM   786  C CB  . ALA A 1 104 ? 14.656  1.190   -9.580  1.00 15.00 ? 104 ALA A CB  1 
ATOM   787  N N   . ALA A 1 105 ? 13.714  4.458   -9.244  1.00 15.00 ? 105 ALA A N   1 
ATOM   788  C CA  . ALA A 1 105 ? 12.553  5.289   -9.408  1.00 15.00 ? 105 ALA A CA  1 
ATOM   789  C C   . ALA A 1 105 ? 12.757  6.544   -8.572  1.00 15.00 ? 105 ALA A C   1 
ATOM   790  O O   . ALA A 1 105 ? 13.804  6.728   -7.902  1.00 15.00 ? 105 ALA A O   1 
ATOM   791  C CB  . ALA A 1 105 ? 11.354  4.536   -8.918  1.00 15.00 ? 105 ALA A CB  1 
ATOM   792  N N   . LYS A 1 106 ? 11.759  7.415   -8.576  1.00 15.00 ? 106 LYS A N   1 
ATOM   793  C CA  . LYS A 1 106 ? 11.857  8.619   -7.763  1.00 15.00 ? 106 LYS A CA  1 
ATOM   794  C C   . LYS A 1 106 ? 10.495  9.306   -7.816  1.00 15.00 ? 106 LYS A C   1 
ATOM   795  O O   . LYS A 1 106 ? 9.600   8.892   -8.562  1.00 15.00 ? 106 LYS A O   1 
ATOM   796  C CB  . LYS A 1 106 ? 12.985  9.568   -8.242  1.00 15.00 ? 106 LYS A CB  1 
ATOM   797  C CG  . LYS A 1 106 ? 12.778  10.217  -9.578  1.00 15.00 ? 106 LYS A CG  1 
ATOM   798  C CD  . LYS A 1 106 ? 14.101  10.853  -10.002 1.00 15.00 ? 106 LYS A CD  1 
ATOM   799  C CE  . LYS A 1 106 ? 14.554  11.897  -8.977  1.00 15.00 ? 106 LYS A CE  1 
ATOM   800  N NZ  . LYS A 1 106 ? 15.836  12.572  -9.425  1.00 15.00 ? 106 LYS A NZ  1 
ATOM   801  N N   . CYS A 1 107 ? 10.277  10.198  -6.859  1.00 15.00 ? 107 CYS A N   1 
ATOM   802  C CA  . CYS A 1 107 ? 9.046   10.957  -6.860  1.00 15.00 ? 107 CYS A CA  1 
ATOM   803  C C   . CYS A 1 107 ? 9.322   12.407  -6.526  1.00 15.00 ? 107 CYS A C   1 
ATOM   804  O O   . CYS A 1 107 ? 10.419  12.752  -6.083  1.00 15.00 ? 107 CYS A O   1 
ATOM   805  C CB  . CYS A 1 107 ? 8.016   10.393  -5.911  1.00 15.00 ? 107 CYS A CB  1 
ATOM   806  S SG  . CYS A 1 107 ? 8.299   10.775  -4.210  1.00 15.00 ? 107 CYS A SG  1 
ATOM   807  N N   . ARG A 1 108 ? 8.337   13.263  -6.764  1.00 15.00 ? 108 ARG A N   1 
ATOM   808  C CA  . ARG A 1 108 ? 8.507   14.691  -6.503  1.00 15.00 ? 108 ARG A CA  1 
ATOM   809  C C   . ARG A 1 108 ? 7.492   15.223  -5.496  1.00 15.00 ? 108 ARG A C   1 
ATOM   810  O O   . ARG A 1 108 ? 7.037   16.367  -5.615  1.00 15.00 ? 108 ARG A O   1 
ATOM   811  C CB  . ARG A 1 108 ? 8.421   15.495  -7.808  1.00 15.00 ? 108 ARG A CB  1 
ATOM   812  C CG  . ARG A 1 108 ? 7.250   15.088  -8.722  1.00 15.00 ? 108 ARG A CG  1 
ATOM   813  C CD  . ARG A 1 108 ? 6.799   16.258  -9.636  1.00 15.00 ? 108 ARG A CD  1 
ATOM   814  N NE  . ARG A 1 108 ? 5.697   15.900  -10.531 1.00 15.00 ? 108 ARG A NE  1 
ATOM   815  C CZ  . ARG A 1 108 ? 4.417   16.212  -10.332 1.00 15.00 ? 108 ARG A CZ  1 
ATOM   816  N NH1 . ARG A 1 108 ? 4.046   16.905  -9.267  1.00 15.00 ? 108 ARG A NH1 1 
ATOM   817  N NH2 . ARG A 1 108 ? 3.500   15.788  -11.186 1.00 15.00 ? 108 ARG A NH2 1 
ATOM   818  N N   . GLY A 1 109 ? 7.141   14.398  -4.510  1.00 15.00 ? 109 GLY A N   1 
ATOM   819  C CA  . GLY A 1 109 ? 6.168   14.795  -3.519  1.00 15.00 ? 109 GLY A CA  1 
ATOM   820  C C   . GLY A 1 109 ? 5.086   13.774  -3.299  1.00 15.00 ? 109 GLY A C   1 
ATOM   821  O O   . GLY A 1 109 ? 5.227   12.618  -3.663  1.00 15.00 ? 109 GLY A O   1 
ATOM   822  N N   . TYR A 1 110 ? 3.986   14.228  -2.716  1.00 15.00 ? 110 TYR A N   1 
ATOM   823  C CA  . TYR A 1 110 ? 2.825   13.383  -2.461  1.00 15.00 ? 110 TYR A CA  1 
ATOM   824  C C   . TYR A 1 110 ? 1.554   14.191  -2.193  1.00 15.00 ? 110 TYR A C   1 
ATOM   825  O O   . TYR A 1 110 ? 1.626   15.409  -2.103  1.00 15.00 ? 110 TYR A O   1 
ATOM   826  C CB  . TYR A 1 110 ? 3.072   12.506  -1.241  1.00 15.00 ? 110 TYR A CB  1 
ATOM   827  C CG  . TYR A 1 110 ? 3.224   13.244  0.065   1.00 15.00 ? 110 TYR A CG  1 
ATOM   828  C CD1 . TYR A 1 110 ? 4.453   13.698  0.504   1.00 15.00 ? 110 TYR A CD1 1 
ATOM   829  C CD2 . TYR A 1 110 ? 2.134   13.499  0.863   1.00 15.00 ? 110 TYR A CD2 1 
ATOM   830  C CE1 . TYR A 1 110 ? 4.571   14.386  1.718   1.00 15.00 ? 110 TYR A CE1 1 
ATOM   831  C CE2 . TYR A 1 110 ? 2.272   14.180  2.062   1.00 15.00 ? 110 TYR A CE2 1 
ATOM   832  C CZ  . TYR A 1 110 ? 3.482   14.609  2.468   1.00 15.00 ? 110 TYR A CZ  1 
ATOM   833  O OH  . TYR A 1 110 ? 3.542   15.274  3.638   1.00 15.00 ? 110 TYR A OH  1 
ATOM   834  N N   . ARG A 1 111 ? 0.433   13.492  -1.984  1.00 15.00 ? 111 ARG A N   1 
ATOM   835  C CA  . ARG A 1 111 ? -0.852  14.092  -1.708  1.00 15.00 ? 111 ARG A CA  1 
ATOM   836  C C   . ARG A 1 111 ? -1.832  13.178  -0.937  1.00 15.00 ? 111 ARG A C   1 
ATOM   837  O O   . ARG A 1 111 ? -2.157  12.079  -1.394  1.00 15.00 ? 111 ARG A O   1 
ATOM   838  C CB  . ARG A 1 111 ? -1.495  14.545  -3.018  1.00 15.00 ? 111 ARG A CB  1 
ATOM   839  C CG  . ARG A 1 111 ? -1.229  15.953  -3.319  1.00 15.00 ? 111 ARG A CG  1 
ATOM   840  C CD  . ARG A 1 111 ? -2.226  16.448  -4.323  1.00 15.00 ? 111 ARG A CD  1 
ATOM   841  N NE  . ARG A 1 111 ? -2.137  17.877  -4.559  1.00 15.00 ? 111 ARG A NE  1 
ATOM   842  C CZ  . ARG A 1 111 ? -3.036  18.772  -4.156  1.00 15.00 ? 111 ARG A CZ  1 
ATOM   843  N NH1 . ARG A 1 111 ? -4.106  18.429  -3.437  1.00 15.00 ? 111 ARG A NH1 1 
ATOM   844  N NH2 . ARG A 1 111 ? -2.829  20.040  -4.463  1.00 15.00 ? 111 ARG A NH2 1 
ATOM   845  N N   . GLU A 1 112 ? -2.246  13.629  0.247   1.00 15.00 ? 112 GLU A N   1 
ATOM   846  C CA  . GLU A 1 112 ? -3.187  12.924  1.111   1.00 15.00 ? 112 GLU A CA  1 
ATOM   847  C C   . GLU A 1 112 ? -4.604  13.204  0.633   1.00 15.00 ? 112 GLU A C   1 
ATOM   848  O O   . GLU A 1 112 ? -4.901  14.275  0.100   1.00 15.00 ? 112 GLU A O   1 
ATOM   849  C CB  . GLU A 1 112 ? -3.025  13.315  2.614   1.00 15.00 ? 112 GLU A CB  1 
ATOM   850  C CG  . GLU A 1 112 ? -2.022  12.475  3.410   1.00 15.00 ? 112 GLU A CG  1 
ATOM   851  C CD  . GLU A 1 112 ? -2.604  11.901  4.710   1.00 15.00 ? 112 GLU A CD  1 
ATOM   852  O OE1 . GLU A 1 112 ? -3.464  10.994  4.620   1.00 15.00 ? 112 GLU A OE1 1 
ATOM   853  O OE2 . GLU A 1 112 ? -2.210  12.357  5.809   1.00 15.00 ? 112 GLU A OE2 1 
ATOM   854  N N   . ILE A 1 113 ? -5.486  12.229  0.850   1.00 15.00 ? 113 ILE A N   1 
ATOM   855  C CA  . ILE A 1 113 ? -6.911  12.323  0.488   1.00 15.00 ? 113 ILE A CA  1 
ATOM   856  C C   . ILE A 1 113 ? -7.574  12.923  1.753   1.00 15.00 ? 113 ILE A C   1 
ATOM   857  O O   . ILE A 1 113 ? -6.953  12.897  2.817   1.00 15.00 ? 113 ILE A O   1 
ATOM   858  C CB  . ILE A 1 113 ? -7.488  10.912  0.173   1.00 15.00 ? 113 ILE A CB  1 
ATOM   859  C CG1 . ILE A 1 113 ? -6.804  10.262  -1.010  1.00 15.00 ? 113 ILE A CG1 1 
ATOM   860  C CG2 . ILE A 1 113 ? -8.958  10.934  -0.015  1.00 15.00 ? 113 ILE A CG2 1 
ATOM   861  C CD1 . ILE A 1 113 ? -5.400  9.811   -0.746  1.00 15.00 ? 113 ILE A CD1 1 
ATOM   862  N N   . PRO A 1 114 ? -8.737  13.623  1.609   1.00 15.00 ? 114 PRO A N   1 
ATOM   863  C CA  . PRO A 1 114 ? -9.447  14.221  2.753   1.00 15.00 ? 114 PRO A CA  1 
ATOM   864  C C   . PRO A 1 114 ? -9.826  13.201  3.823   1.00 15.00 ? 114 PRO A C   1 
ATOM   865  O O   . PRO A 1 114 ? -10.598 12.275  3.554   1.00 15.00 ? 114 PRO A O   1 
ATOM   866  C CB  . PRO A 1 114 ? -10.727 14.716  2.108   1.00 15.00 ? 114 PRO A CB  1 
ATOM   867  C CG  . PRO A 1 114 ? -10.224 15.196  0.830   1.00 15.00 ? 114 PRO A CG  1 
ATOM   868  C CD  . PRO A 1 114 ? -9.270  14.202  0.354   1.00 15.00 ? 114 PRO A CD  1 
ATOM   869  N N   . GLU A 1 115 ? -9.310  13.394  5.039   1.00 15.00 ? 115 GLU A N   1 
ATOM   870  C CA  . GLU A 1 115 ? -9.578  12.493  6.165   1.00 15.00 ? 115 GLU A CA  1 
ATOM   871  C C   . GLU A 1 115 ? -11.015 12.035  6.299   1.00 15.00 ? 115 GLU A C   1 
ATOM   872  O O   . GLU A 1 115 ? -11.809 12.741  6.877   1.00 15.00 ? 115 GLU A O   1 
ATOM   873  C CB  . GLU A 1 115 ? -9.187  13.144  7.485   1.00 15.00 ? 115 GLU A CB  1 
ATOM   874  C CG  . GLU A 1 115 ? -7.694  13.090  7.765   1.00 15.00 ? 115 GLU A CG  1 
ATOM   875  C CD  . GLU A 1 115 ? -7.340  12.729  9.213   1.00 15.00 ? 115 GLU A CD  1 
ATOM   876  O OE1 . GLU A 1 115 ? -8.198  12.815  10.119  1.00 15.00 ? 115 GLU A OE1 1 
ATOM   877  O OE2 . GLU A 1 115 ? -6.171  12.340  9.442   1.00 15.00 ? 115 GLU A OE2 1 
ATOM   878  N N   . GLY A 1 116 ? -11.337 10.866  5.757   1.00 15.00 ? 116 GLY A N   1 
ATOM   879  C CA  . GLY A 1 116 ? -12.671 10.300  5.883   1.00 15.00 ? 116 GLY A CA  1 
ATOM   880  C C   . GLY A 1 116 ? -13.569 10.353  4.667   1.00 15.00 ? 116 GLY A C   1 
ATOM   881  O O   . GLY A 1 116 ? -14.636 9.707   4.668   1.00 15.00 ? 116 GLY A O   1 
ATOM   882  N N   . ASN A 1 117 ? -13.098 10.992  3.603   1.00 15.00 ? 117 ASN A N   1 
ATOM   883  C CA  . ASN A 1 117 ? -13.854 11.133  2.379   1.00 15.00 ? 117 ASN A CA  1 
ATOM   884  C C   . ASN A 1 117 ? -13.643 9.922   1.493   1.00 15.00 ? 117 ASN A C   1 
ATOM   885  O O   . ASN A 1 117 ? -12.605 9.807   0.842   1.00 15.00 ? 117 ASN A O   1 
ATOM   886  C CB  . ASN A 1 117 ? -13.380 12.394  1.706   1.00 15.00 ? 117 ASN A CB  1 
ATOM   887  C CG  . ASN A 1 117 ? -14.208 12.767  0.518   1.00 15.00 ? 117 ASN A CG  1 
ATOM   888  O OD1 . ASN A 1 117 ? -14.746 11.926  -0.205  1.00 15.00 ? 117 ASN A OD1 1 
ATOM   889  N ND2 . ASN A 1 117 ? -14.258 14.045  0.257   1.00 15.00 ? 117 ASN A ND2 1 
ATOM   890  N N   . GLU A 1 118 ? -14.600 8.997   1.480   1.00 15.00 ? 118 GLU A N   1 
ATOM   891  C CA  . GLU A 1 118 ? -14.462 7.809   0.638   1.00 15.00 ? 118 GLU A CA  1 
ATOM   892  C C   . GLU A 1 118 ? -14.527 8.151   -0.846  1.00 15.00 ? 118 GLU A C   1 
ATOM   893  O O   . GLU A 1 118 ? -13.786 7.608   -1.625  1.00 15.00 ? 118 GLU A O   1 
ATOM   894  C CB  . GLU A 1 118 ? -15.466 6.714   1.014   1.00 15.00 ? 118 GLU A CB  1 
ATOM   895  C CG  . GLU A 1 118 ? -14.850 5.418   1.422   1.00 15.00 ? 118 GLU A CG  1 
ATOM   896  C CD  . GLU A 1 118 ? -15.874 4.296   1.541   1.00 15.00 ? 118 GLU A CD  1 
ATOM   897  O OE1 . GLU A 1 118 ? -16.156 3.653   0.514   1.00 15.00 ? 118 GLU A OE1 1 
ATOM   898  O OE2 . GLU A 1 118 ? -16.408 4.093   2.654   1.00 15.00 ? 118 GLU A OE2 1 
ATOM   899  N N   . LYS A 1 119 ? -15.396 9.082   -1.223  1.00 15.00 ? 119 LYS A N   1 
ATOM   900  C CA  . LYS A 1 119 ? -15.516 9.445   -2.617  1.00 15.00 ? 119 LYS A CA  1 
ATOM   901  C C   . LYS A 1 119 ? -14.247 10.055  -3.171  1.00 15.00 ? 119 LYS A C   1 
ATOM   902  O O   . LYS A 1 119 ? -13.857 9.731   -4.293  1.00 15.00 ? 119 LYS A O   1 
ATOM   903  C CB  . LYS A 1 119 ? -16.712 10.330  -2.850  1.00 15.00 ? 119 LYS A CB  1 
ATOM   904  C CG  . LYS A 1 119 ? -18.081 9.580   -2.755  1.00 15.00 ? 119 LYS A CG  1 
ATOM   905  C CD  . LYS A 1 119 ? -18.110 8.285   -3.613  1.00 15.00 ? 119 LYS A CD  1 
ATOM   906  C CE  . LYS A 1 119 ? -19.485 7.573   -3.684  1.00 15.00 ? 119 LYS A CE  1 
ATOM   907  N NZ  . LYS A 1 119 ? -19.485 6.344   -4.560  1.00 15.00 ? 119 LYS A NZ  1 
ATOM   908  N N   . ALA A 1 120 ? -13.542 10.821  -2.345  1.00 15.00 ? 120 ALA A N   1 
ATOM   909  C CA  . ALA A 1 120 ? -12.291 11.450  -2.754  1.00 15.00 ? 120 ALA A CA  1 
ATOM   910  C C   . ALA A 1 120 ? -11.224 10.399  -2.992  1.00 15.00 ? 120 ALA A C   1 
ATOM   911  O O   . ALA A 1 120 ? -10.301 10.604  -3.805  1.00 15.00 ? 120 ALA A O   1 
ATOM   912  C CB  . ALA A 1 120 ? -11.824 12.419  -1.690  1.00 15.00 ? 120 ALA A CB  1 
ATOM   913  N N   . LEU A 1 121 ? -11.350 9.290   -2.245  1.00 15.00 ? 121 LEU A N   1 
ATOM   914  C CA  . LEU A 1 121 ? -10.429 8.121   -2.354  1.00 15.00 ? 121 LEU A CA  1 
ATOM   915  C C   . LEU A 1 121 ? -10.677 7.406   -3.689  1.00 15.00 ? 121 LEU A C   1 
ATOM   916  O O   . LEU A 1 121 ? -9.760  7.157   -4.454  1.00 15.00 ? 121 LEU A O   1 
ATOM   917  C CB  . LEU A 1 121 ? -10.668 7.111   -1.201  1.00 15.00 ? 121 LEU A CB  1 
ATOM   918  C CG  . LEU A 1 121 ? -9.861  5.783   -1.103  1.00 15.00 ? 121 LEU A CG  1 
ATOM   919  C CD1 . LEU A 1 121 ? -8.436  6.086   -0.735  1.00 15.00 ? 121 LEU A CD1 1 
ATOM   920  C CD2 . LEU A 1 121 ? -10.402 4.763   -0.122  1.00 15.00 ? 121 LEU A CD2 1 
ATOM   921  N N   . LYS A 1 122 ? -11.938 7.089   -3.951  1.00 15.00 ? 122 LYS A N   1 
ATOM   922  C CA  . LYS A 1 122 ? -12.352 6.444   -5.188  1.00 15.00 ? 122 LYS A CA  1 
ATOM   923  C C   . LYS A 1 122 ? -11.879 7.142   -6.445  1.00 15.00 ? 122 LYS A C   1 
ATOM   924  O O   . LYS A 1 122 ? -11.605 6.460   -7.455  1.00 15.00 ? 122 LYS A O   1 
ATOM   925  C CB  . LYS A 1 122 ? -13.853 6.403   -5.247  1.00 15.00 ? 122 LYS A CB  1 
ATOM   926  C CG  . LYS A 1 122 ? -14.389 5.723   -6.449  1.00 15.00 ? 122 LYS A CG  1 
ATOM   927  C CD  . LYS A 1 122 ? -15.859 5.895   -6.478  1.00 15.00 ? 122 LYS A CD  1 
ATOM   928  C CE  . LYS A 1 122 ? -16.182 7.395   -6.326  1.00 15.00 ? 122 LYS A CE  1 
ATOM   929  N NZ  . LYS A 1 122 ? -17.603 7.702   -6.660  1.00 15.00 ? 122 LYS A NZ  1 
ATOM   930  N N   . ARG A 1 123 ? -11.892 8.489   -6.425  1.00 15.00 ? 123 ARG A N   1 
ATOM   931  C CA  . ARG A 1 123 ? -11.454 9.296   -7.566  1.00 15.00 ? 123 ARG A CA  1 
ATOM   932  C C   . ARG A 1 123 ? -9.952  9.176   -7.639  1.00 15.00 ? 123 ARG A C   1 
ATOM   933  O O   . ARG A 1 123 ? -9.405  8.854   -8.692  1.00 15.00 ? 123 ARG A O   1 
ATOM   934  C CB  . ARG A 1 123 ? -11.892 10.751  -7.431  1.00 15.00 ? 123 ARG A CB  1 
ATOM   935  C CG  . ARG A 1 123 ? -13.369 10.969  -7.594  1.00 15.00 ? 123 ARG A CG  1 
ATOM   936  C CD  . ARG A 1 123 ? -13.696 12.459  -7.427  1.00 15.00 ? 123 ARG A CD  1 
ATOM   937  N NE  . ARG A 1 123 ? -13.104 12.991  -6.187  1.00 15.00 ? 123 ARG A NE  1 
ATOM   938  C CZ  . ARG A 1 123 ? -13.017 14.275  -5.853  1.00 15.00 ? 123 ARG A CZ  1 
ATOM   939  N NH1 . ARG A 1 123 ? -13.482 15.220  -6.676  1.00 15.00 ? 123 ARG A NH1 1 
ATOM   940  N NH2 . ARG A 1 123 ? -12.496 14.589  -4.671  1.00 15.00 ? 123 ARG A NH2 1 
ATOM   941  N N   . ALA A 1 124 ? -9.272  9.369   -6.515  1.00 15.00 ? 124 ALA A N   1 
ATOM   942  C CA  . ALA A 1 124 ? -7.816  9.203   -6.516  1.00 15.00 ? 124 ALA A CA  1 
ATOM   943  C C   . ALA A 1 124 ? -7.480  7.835   -7.146  1.00 15.00 ? 124 ALA A C   1 
ATOM   944  O O   . ALA A 1 124 ? -6.767  7.793   -8.151  1.00 15.00 ? 124 ALA A O   1 
ATOM   945  C CB  . ALA A 1 124 ? -7.262  9.304   -5.119  1.00 15.00 ? 124 ALA A CB  1 
ATOM   946  N N   . VAL A 1 125 ? -8.101  6.753   -6.657  1.00 15.00 ? 125 VAL A N   1 
ATOM   947  C CA  . VAL A 1 125 ? -7.814  5.394   -7.181  1.00 15.00 ? 125 VAL A CA  1 
ATOM   948  C C   . VAL A 1 125 ? -8.011  5.280   -8.686  1.00 15.00 ? 125 VAL A C   1 
ATOM   949  O O   . VAL A 1 125 ? -7.172  4.714   -9.350  1.00 15.00 ? 125 VAL A O   1 
ATOM   950  C CB  . VAL A 1 125 ? -8.659  4.261   -6.492  1.00 15.00 ? 125 VAL A CB  1 
ATOM   951  C CG1 . VAL A 1 125 ? -8.303  2.914   -7.026  1.00 15.00 ? 125 VAL A CG1 1 
ATOM   952  C CG2 . VAL A 1 125 ? -8.353  4.210   -5.037  1.00 15.00 ? 125 VAL A CG2 1 
ATOM   953  N N   . ALA A 1 126 ? -9.073  5.895   -9.215  1.00 15.00 ? 126 ALA A N   1 
ATOM   954  C CA  . ALA A 1 126 ? -9.389  5.877   -10.646 1.00 15.00 ? 126 ALA A CA  1 
ATOM   955  C C   . ALA A 1 126 ? -8.566  6.773   -11.578 1.00 15.00 ? 126 ALA A C   1 
ATOM   956  O O   . ALA A 1 126 ? -8.384  6.429   -12.737 1.00 15.00 ? 126 ALA A O   1 
ATOM   957  C CB  . ALA A 1 126 ? -10.875 6.130   -10.872 1.00 15.00 ? 126 ALA A CB  1 
ATOM   958  N N   . ARG A 1 127 ? -8.109  7.925   -11.067 1.00 15.00 ? 127 ARG A N   1 
ATOM   959  C CA  . ARG A 1 127 ? -7.332  8.913   -11.832 1.00 15.00 ? 127 ARG A CA  1 
ATOM   960  C C   . ARG A 1 127 ? -5.826  8.907   -11.587 1.00 15.00 ? 127 ARG A C   1 
ATOM   961  O O   . ARG A 1 127 ? -5.089  9.514   -12.341 1.00 15.00 ? 127 ARG A O   1 
ATOM   962  C CB  . ARG A 1 127 ? -7.868  10.335  -11.507 1.00 15.00 ? 127 ARG A CB  1 
ATOM   963  C CG  . ARG A 1 127 ? -9.337  10.495  -11.801 1.00 15.00 ? 127 ARG A CG  1 
ATOM   964  C CD  . ARG A 1 127 ? -9.939  11.823  -11.311 1.00 15.00 ? 127 ARG A CD  1 
ATOM   965  N NE  . ARG A 1 127 ? -11.356 11.813  -11.666 1.00 15.00 ? 127 ARG A NE  1 
ATOM   966  C CZ  . ARG A 1 127 ? -12.311 12.544  -11.096 1.00 15.00 ? 127 ARG A CZ  1 
ATOM   967  N NH1 . ARG A 1 127 ? -11.978 13.476  -10.241 1.00 15.00 ? 127 ARG A NH1 1 
ATOM   968  N NH2 . ARG A 1 127 ? -13.587 12.414  -11.464 1.00 15.00 ? 127 ARG A NH2 1 
ATOM   969  N N   . VAL A 1 128 ? -5.407  8.277   -10.494 1.00 15.00 ? 128 VAL A N   1 
ATOM   970  C CA  . VAL A 1 128 ? -3.991  8.226   -10.096 1.00 15.00 ? 128 VAL A CA  1 
ATOM   971  C C   . VAL A 1 128 ? -3.352  6.835   -10.168 1.00 15.00 ? 128 VAL A C   1 
ATOM   972  O O   . VAL A 1 128 ? -2.247  6.707   -10.613 1.00 15.00 ? 128 VAL A O   1 
ATOM   973  C CB  . VAL A 1 128 ? -3.843  8.665   -8.632  1.00 15.00 ? 128 VAL A CB  1 
ATOM   974  C CG1 . VAL A 1 128 ? -2.394  8.653   -8.231  1.00 15.00 ? 128 VAL A CG1 1 
ATOM   975  C CG2 . VAL A 1 128 ? -4.375  10.011  -8.451  1.00 15.00 ? 128 VAL A CG2 1 
ATOM   976  N N   . GLY A 1 129 ? -4.052  5.821   -9.650  1.00 15.00 ? 129 GLY A N   1 
ATOM   977  C CA  . GLY A 1 129 ? -3.569  4.439   -9.642  1.00 15.00 ? 129 GLY A CA  1 
ATOM   978  C C   . GLY A 1 129 ? -3.587  4.019   -8.186  1.00 15.00 ? 129 GLY A C   1 
ATOM   979  O O   . GLY A 1 129 ? -4.325  4.589   -7.390  1.00 15.00 ? 129 GLY A O   1 
ATOM   980  N N   . PRO A 1 130 ? -2.815  2.988   -7.826  1.00 15.00 ? 130 PRO A N   1 
ATOM   981  C CA  . PRO A 1 130 ? -2.817  2.560   -6.427  1.00 15.00 ? 130 PRO A CA  1 
ATOM   982  C C   . PRO A 1 130 ? -2.440  3.620   -5.371  1.00 15.00 ? 130 PRO A C   1 
ATOM   983  O O   . PRO A 1 130 ? -1.407  4.261   -5.452  1.00 15.00 ? 130 PRO A O   1 
ATOM   984  C CB  . PRO A 1 130 ? -1.839  1.385   -6.443  1.00 15.00 ? 130 PRO A CB  1 
ATOM   985  C CG  . PRO A 1 130 ? -2.254  0.697   -7.706  1.00 15.00 ? 130 PRO A CG  1 
ATOM   986  C CD  . PRO A 1 130 ? -2.253  1.910   -8.655  1.00 15.00 ? 130 PRO A CD  1 
ATOM   987  N N   . VAL A 1 131 ? -3.299  3.772   -4.383  1.00 15.00 ? 131 VAL A N   1 
ATOM   988  C CA  . VAL A 1 131 ? -3.136  4.676   -3.270  1.00 15.00 ? 131 VAL A CA  1 
ATOM   989  C C   . VAL A 1 131 ? -2.675  3.865   -2.035  1.00 15.00 ? 131 VAL A C   1 
ATOM   990  O O   . VAL A 1 131 ? -3.069  2.713   -1.843  1.00 15.00 ? 131 VAL A O   1 
ATOM   991  C CB  . VAL A 1 131 ? -4.515  5.320   -2.932  1.00 15.00 ? 131 VAL A CB  1 
ATOM   992  C CG1 . VAL A 1 131 ? -4.426  6.190   -1.691  1.00 15.00 ? 131 VAL A CG1 1 
ATOM   993  C CG2 . VAL A 1 131 ? -5.062  6.081   -4.095  1.00 15.00 ? 131 VAL A CG2 1 
ATOM   994  N N   . SER A 1 132 ? -1.955  4.518   -1.137  1.00 15.00 ? 132 SER A N   1 
ATOM   995  C CA  . SER A 1 132 ? -1.482  3.877   0.068   1.00 15.00 ? 132 SER A CA  1 
ATOM   996  C C   . SER A 1 132 ? -2.478  4.159   1.204   1.00 15.00 ? 132 SER A C   1 
ATOM   997  O O   . SER A 1 132 ? -2.767  5.316   1.489   1.00 15.00 ? 132 SER A O   1 
ATOM   998  C CB  . SER A 1 132 ? -0.083  4.397   0.413   1.00 15.00 ? 132 SER A CB  1 
ATOM   999  O OG  . SER A 1 132 ? 0.890   3.997   -0.543  1.00 15.00 ? 132 SER A OG  1 
ATOM   1000 N N   . VAL A 1 133 ? -3.023  3.101   1.823   1.00 15.00 ? 133 VAL A N   1 
ATOM   1001 C CA  . VAL A 1 133 ? -3.994  3.254   2.933   1.00 15.00 ? 133 VAL A CA  1 
ATOM   1002 C C   . VAL A 1 133 ? -3.580  2.607   4.289   1.00 15.00 ? 133 VAL A C   1 
ATOM   1003 O O   . VAL A 1 133 ? -2.620  1.833   4.350   1.00 15.00 ? 133 VAL A O   1 
ATOM   1004 C CB  . VAL A 1 133 ? -5.401  2.698   2.539   1.00 15.00 ? 133 VAL A CB  1 
ATOM   1005 C CG1 . VAL A 1 133 ? -5.940  3.431   1.311   1.00 15.00 ? 133 VAL A CG1 1 
ATOM   1006 C CG2 . VAL A 1 133 ? -5.332  1.229   2.212   1.00 15.00 ? 133 VAL A CG2 1 
ATOM   1007 N N   . ALA A 1 134 ? -4.297  2.924   5.370   1.00 15.00 ? 134 ALA A N   1 
ATOM   1008 C CA  . ALA A 1 134 ? -4.003  2.354   6.699   1.00 15.00 ? 134 ALA A CA  1 
ATOM   1009 C C   . ALA A 1 134 ? -5.294  1.983   7.423   1.00 15.00 ? 134 ALA A C   1 
ATOM   1010 O O   . ALA A 1 134 ? -6.102  2.842   7.680   1.00 15.00 ? 134 ALA A O   1 
ATOM   1011 C CB  . ALA A 1 134 ? -3.220  3.344   7.526   1.00 15.00 ? 134 ALA A CB  1 
ATOM   1012 N N   . ILE A 1 135 ? -5.505  0.695   7.672   1.00 15.00 ? 135 ILE A N   1 
ATOM   1013 C CA  . ILE A 1 135 ? -6.728  0.218   8.349   1.00 15.00 ? 135 ILE A CA  1 
ATOM   1014 C C   . ILE A 1 135 ? -6.571  -0.501  9.690   1.00 15.00 ? 135 ILE A C   1 
ATOM   1015 O O   . ILE A 1 135 ? -5.478  -0.701  10.186  1.00 15.00 ? 135 ILE A O   1 
ATOM   1016 C CB  . ILE A 1 135 ? -7.530  -0.763  7.430   1.00 15.00 ? 135 ILE A CB  1 
ATOM   1017 C CG1 . ILE A 1 135 ? -6.594  -1.832  6.859   1.00 15.00 ? 135 ILE A CG1 1 
ATOM   1018 C CG2 . ILE A 1 135 ? -8.311  -0.031  6.407   1.00 15.00 ? 135 ILE A CG2 1 
ATOM   1019 C CD1 . ILE A 1 135 ? -7.233  -2.820  5.938   1.00 15.00 ? 135 ILE A CD1 1 
ATOM   1020 N N   . ASP A 1 136 ? -7.696  -0.974  10.215  1.00 15.00 ? 136 ASP A N   1 
ATOM   1021 C CA  . ASP A 1 136 ? -7.768  -1.700  11.473  1.00 15.00 ? 136 ASP A CA  1 
ATOM   1022 C C   . ASP A 1 136 ? -7.761  -3.173  11.102  1.00 15.00 ? 136 ASP A C   1 
ATOM   1023 O O   . ASP A 1 136 ? -8.791  -3.722  10.685  1.00 15.00 ? 136 ASP A O   1 
ATOM   1024 C CB  . ASP A 1 136 ? -9.077  -1.434  12.221  1.00 15.00 ? 136 ASP A CB  1 
ATOM   1025 C CG  . ASP A 1 136 ? -9.072  -2.078  13.616  1.00 15.00 ? 136 ASP A CG  1 
ATOM   1026 O OD1 . ASP A 1 136 ? -7.973  -2.256  14.172  1.00 15.00 ? 136 ASP A OD1 1 
ATOM   1027 O OD2 . ASP A 1 136 ? -10.126 -2.416  14.147  1.00 15.00 ? 136 ASP A OD2 1 
ATOM   1028 N N   . ALA A 1 137 ? -6.600  -3.804  11.213  1.00 15.00 ? 137 ALA A N   1 
ATOM   1029 C CA  . ALA A 1 137 ? -6.485  -5.216  10.892  1.00 15.00 ? 137 ALA A CA  1 
ATOM   1030 C C   . ALA A 1 137 ? -6.273  -6.078  12.153  1.00 15.00 ? 137 ALA A C   1 
ATOM   1031 O O   . ALA A 1 137 ? -5.649  -7.118  12.096  1.00 15.00 ? 137 ALA A O   1 
ATOM   1032 C CB  . ALA A 1 137 ? -5.352  -5.427  9.900   1.00 15.00 ? 137 ALA A CB  1 
ATOM   1033 N N   . SER A 1 138 ? -6.823  -5.631  13.278  1.00 15.00 ? 138 SER A N   1 
ATOM   1034 C CA  . SER A 1 138 ? -6.722  -6.339  14.562  1.00 15.00 ? 138 SER A CA  1 
ATOM   1035 C C   . SER A 1 138 ? -7.738  -7.501  14.710  1.00 15.00 ? 138 SER A C   1 
ATOM   1036 O O   . SER A 1 138 ? -7.413  -8.567  15.226  1.00 15.00 ? 138 SER A O   1 
ATOM   1037 C CB  . SER A 1 138 ? -6.847  -5.329  15.715  1.00 15.00 ? 138 SER A CB  1 
ATOM   1038 O OG  . SER A 1 138 ? -7.938  -4.467  15.483  1.00 15.00 ? 138 SER A OG  1 
ATOM   1039 N N   . LEU A 1 139 ? -8.938  -7.301  14.189  1.00 15.00 ? 139 LEU A N   1 
ATOM   1040 C CA  . LEU A 1 139 ? -10.000 -8.306  14.304  1.00 15.00 ? 139 LEU A CA  1 
ATOM   1041 C C   . LEU A 1 139 ? -9.708  -9.639  13.640  1.00 15.00 ? 139 LEU A C   1 
ATOM   1042 O O   . LEU A 1 139 ? -9.296  -9.721  12.475  1.00 15.00 ? 139 LEU A O   1 
ATOM   1043 C CB  . LEU A 1 139 ? -11.353 -7.739  13.844  1.00 15.00 ? 139 LEU A CB  1 
ATOM   1044 C CG  . LEU A 1 139 ? -11.640 -6.341  14.431  1.00 15.00 ? 139 LEU A CG  1 
ATOM   1045 C CD1 . LEU A 1 139 ? -12.636 -5.635  13.560  1.00 15.00 ? 139 LEU A CD1 1 
ATOM   1046 C CD2 . LEU A 1 139 ? -12.145 -6.412  15.863  1.00 15.00 ? 139 LEU A CD2 1 
ATOM   1047 N N   . THR A 1 140 ? -9.955  -10.700 14.380  1.00 15.00 ? 140 THR A N   1 
ATOM   1048 C CA  . THR A 1 140 ? -9.700  -12.035 13.887  1.00 15.00 ? 140 THR A CA  1 
ATOM   1049 C C   . THR A 1 140 ? -10.458 -12.309 12.594  1.00 15.00 ? 140 THR A C   1 
ATOM   1050 O O   . THR A 1 140 ? -9.947  -13.034 11.758  1.00 15.00 ? 140 THR A O   1 
ATOM   1051 C CB  . THR A 1 140 ? -10.095 -13.093 14.933  1.00 15.00 ? 140 THR A CB  1 
ATOM   1052 O OG1 . THR A 1 140 ? -10.382 -12.428 16.178  1.00 15.00 ? 140 THR A OG1 1 
ATOM   1053 C CG2 . THR A 1 140 ? -8.953  -14.066 15.136  1.00 15.00 ? 140 THR A CG2 1 
ATOM   1054 N N   . SER A 1 141 ? -11.639 -11.710 12.418  1.00 15.00 ? 141 SER A N   1 
ATOM   1055 C CA  . SER A 1 141 ? -12.405 -11.901 11.197  1.00 15.00 ? 141 SER A CA  1 
ATOM   1056 C C   . SER A 1 141 ? -11.668 -11.347 10.018  1.00 15.00 ? 141 SER A C   1 
ATOM   1057 O O   . SER A 1 141 ? -11.993 -11.697 8.914   1.00 15.00 ? 141 SER A O   1 
ATOM   1058 C CB  . SER A 1 141 ? -13.815 -11.334 11.320  1.00 15.00 ? 141 SER A CB  1 
ATOM   1059 O OG  . SER A 1 141 ? -13.823 -10.084 11.945  1.00 15.00 ? 141 SER A OG  1 
ATOM   1060 N N   . PHE A 1 142 ? -10.732 -10.443 10.270  1.00 15.00 ? 142 PHE A N   1 
ATOM   1061 C CA  . PHE A 1 142 ? -9.925  -9.896  9.206   1.00 15.00 ? 142 PHE A CA  1 
ATOM   1062 C C   . PHE A 1 142 ? -8.875  -10.957 8.908   1.00 15.00 ? 142 PHE A C   1 
ATOM   1063 O O   . PHE A 1 142 ? -8.803  -11.466 7.802   1.00 15.00 ? 142 PHE A O   1 
ATOM   1064 C CB  . PHE A 1 142 ? -9.241  -8.582  9.639   1.00 15.00 ? 142 PHE A CB  1 
ATOM   1065 C CG  . PHE A 1 142 ? -8.303  -7.984  8.584   1.00 15.00 ? 142 PHE A CG  1 
ATOM   1066 C CD1 . PHE A 1 142 ? -8.785  -7.134  7.643   1.00 15.00 ? 142 PHE A CD1 1 
ATOM   1067 C CD2 . PHE A 1 142 ? -6.930  -8.285  8.547   1.00 15.00 ? 142 PHE A CD2 1 
ATOM   1068 C CE1 . PHE A 1 142 ? -7.935  -6.590  6.698   1.00 15.00 ? 142 PHE A CE1 1 
ATOM   1069 C CE2 . PHE A 1 142 ? -6.104  -7.739  7.606   1.00 15.00 ? 142 PHE A CE2 1 
ATOM   1070 C CZ  . PHE A 1 142 ? -6.602  -6.897  6.689   1.00 15.00 ? 142 PHE A CZ  1 
ATOM   1071 N N   . GLN A 1 143 ? -8.139  -11.337 9.950   1.00 15.00 ? 143 GLN A N   1 
ATOM   1072 C CA  . GLN A 1 143 ? -7.062  -12.300 9.837   1.00 15.00 ? 143 GLN A CA  1 
ATOM   1073 C C   . GLN A 1 143 ? -7.448  -13.662 9.261   1.00 15.00 ? 143 GLN A C   1 
ATOM   1074 O O   . GLN A 1 143 ? -6.705  -14.174 8.462   1.00 15.00 ? 143 GLN A O   1 
ATOM   1075 C CB  . GLN A 1 143 ? -6.317  -12.437 11.160  1.00 15.00 ? 143 GLN A CB  1 
ATOM   1076 C CG  . GLN A 1 143 ? -5.711  -11.091 11.619  1.00 15.00 ? 143 GLN A CG  1 
ATOM   1077 C CD  . GLN A 1 143 ? -4.900  -11.242 12.908  1.00 15.00 ? 143 GLN A CD  1 
ATOM   1078 O OE1 . GLN A 1 143 ? -3.800  -11.825 12.912  1.00 15.00 ? 143 GLN A OE1 1 
ATOM   1079 N NE2 . GLN A 1 143 ? -5.477  -10.779 14.037  1.00 15.00 ? 143 GLN A NE2 1 
ATOM   1080 N N   . PHE A 1 144 ? -8.579  -14.249 9.644   1.00 15.00 ? 144 PHE A N   1 
ATOM   1081 C CA  . PHE A 1 144 ? -8.952  -15.522 9.013   1.00 15.00 ? 144 PHE A CA  1 
ATOM   1082 C C   . PHE A 1 144 ? -9.736  -15.418 7.665   1.00 15.00 ? 144 PHE A C   1 
ATOM   1083 O O   . PHE A 1 144 ? -10.348 -16.395 7.203   1.00 15.00 ? 144 PHE A O   1 
ATOM   1084 C CB  . PHE A 1 144 ? -9.647  -16.486 9.983   1.00 15.00 ? 144 PHE A CB  1 
ATOM   1085 C CG  . PHE A 1 144 ? -10.901 -15.950 10.598  1.00 15.00 ? 144 PHE A CG  1 
ATOM   1086 C CD1 . PHE A 1 144 ? -11.983 -15.657 9.801   1.00 15.00 ? 144 PHE A CD1 1 
ATOM   1087 C CD2 . PHE A 1 144 ? -11.038 -15.776 12.008  1.00 15.00 ? 144 PHE A CD2 1 
ATOM   1088 C CE1 . PHE A 1 144 ? -13.174 -15.200 10.381  1.00 15.00 ? 144 PHE A CE1 1 
ATOM   1089 C CE2 . PHE A 1 144 ? -12.251 -15.311 12.597  1.00 15.00 ? 144 PHE A CE2 1 
ATOM   1090 C CZ  . PHE A 1 144 ? -13.277 -15.036 11.779  1.00 15.00 ? 144 PHE A CZ  1 
ATOM   1091 N N   . TYR A 1 145 ? -9.668  -14.261 6.997   1.00 15.00 ? 145 TYR A N   1 
ATOM   1092 C CA  . TYR A 1 145 ? -10.379 -14.039 5.729   1.00 15.00 ? 145 TYR A CA  1 
ATOM   1093 C C   . TYR A 1 145 ? -9.857  -14.942 4.635   1.00 15.00 ? 145 TYR A C   1 
ATOM   1094 O O   . TYR A 1 145 ? -8.627  -15.003 4.398   1.00 15.00 ? 145 TYR A O   1 
ATOM   1095 C CB  . TYR A 1 145 ? -10.207 -12.578 5.274   1.00 15.00 ? 145 TYR A CB  1 
ATOM   1096 C CG  . TYR A 1 145 ? -10.721 -12.289 3.879   1.00 15.00 ? 145 TYR A CG  1 
ATOM   1097 C CD1 . TYR A 1 145 ? -12.033 -11.916 3.664   1.00 15.00 ? 145 TYR A CD1 1 
ATOM   1098 C CD2 . TYR A 1 145 ? -9.901  -12.418 2.780   1.00 15.00 ? 145 TYR A CD2 1 
ATOM   1099 C CE1 . TYR A 1 145 ? -12.527 -11.688 2.370   1.00 15.00 ? 145 TYR A CE1 1 
ATOM   1100 C CE2 . TYR A 1 145 ? -10.379 -12.191 1.493   1.00 15.00 ? 145 TYR A CE2 1 
ATOM   1101 C CZ  . TYR A 1 145 ? -11.686 -11.839 1.279   1.00 15.00 ? 145 TYR A CZ  1 
ATOM   1102 O OH  . TYR A 1 145 ? -12.131 -11.781 -0.043  1.00 15.00 ? 145 TYR A OH  1 
ATOM   1103 N N   . SER A 1 146 ? -10.790 -15.473 3.840   1.00 15.00 ? 146 SER A N   1 
ATOM   1104 C CA  . SER A 1 146 ? -10.432 -16.319 2.694   1.00 15.00 ? 146 SER A CA  1 
ATOM   1105 C C   . SER A 1 146 ? -11.180 -15.937 1.385   1.00 15.00 ? 146 SER A C   1 
ATOM   1106 O O   . SER A 1 146 ? -10.636 -16.058 0.282   1.00 15.00 ? 146 SER A O   1 
ATOM   1107 C CB  . SER A 1 146 ? -10.707 -17.779 3.015   1.00 15.00 ? 146 SER A CB  1 
ATOM   1108 O OG  . SER A 1 146 ? -12.073 -17.945 3.301   1.00 15.00 ? 146 SER A OG  1 
ATOM   1109 N N   . LYS A 1 147 ? -12.401 -15.423 1.562   1.00 15.00 ? 147 LYS A N   1 
ATOM   1110 C CA  . LYS A 1 147 ? -13.260 -15.003 0.452   1.00 15.00 ? 147 LYS A CA  1 
ATOM   1111 C C   . LYS A 1 147 ? -14.399 -14.068 0.905   1.00 15.00 ? 147 LYS A C   1 
ATOM   1112 O O   . LYS A 1 147 ? -14.693 -13.996 2.107   1.00 15.00 ? 147 LYS A O   1 
ATOM   1113 C CB  . LYS A 1 147 ? -13.840 -16.214 -0.260  1.00 15.00 ? 147 LYS A CB  1 
ATOM   1114 C CG  . LYS A 1 147 ? -14.935 -16.934 0.519   1.00 15.00 ? 147 LYS A CG  1 
ATOM   1115 C CD  . LYS A 1 147 ? -15.285 -18.264 -0.152  1.00 15.00 ? 147 LYS A CD  1 
ATOM   1116 C CE  . LYS A 1 147 ? -16.365 -18.962 0.605   1.00 15.00 ? 147 LYS A CE  1 
ATOM   1117 N NZ  . LYS A 1 147 ? -16.015 -19.199 2.021   1.00 15.00 ? 147 LYS A NZ  1 
ATOM   1118 N N   . GLY A 1 148 ? -15.031 -13.396 -0.059  1.00 15.00 ? 148 GLY A N   1 
ATOM   1119 C CA  . GLY A 1 148 ? -16.120 -12.465 0.169   1.00 15.00 ? 148 GLY A CA  1 
ATOM   1120 C C   . GLY A 1 148 ? -15.701 -11.008 0.376   1.00 15.00 ? 148 GLY A C   1 
ATOM   1121 O O   . GLY A 1 148 ? -14.559 -10.603 0.104   1.00 15.00 ? 148 GLY A O   1 
ATOM   1122 N N   . VAL A 1 149 ? -16.691 -10.200 0.749   1.00 15.00 ? 149 VAL A N   1 
ATOM   1123 C CA  . VAL A 1 149 ? -16.495 -8.774  1.006   1.00 15.00 ? 149 VAL A CA  1 
ATOM   1124 C C   . VAL A 1 149 ? -16.472 -8.651  2.508   1.00 15.00 ? 149 VAL A C   1 
ATOM   1125 O O   . VAL A 1 149 ? -17.511 -8.811  3.165   1.00 15.00 ? 149 VAL A O   1 
ATOM   1126 C CB  . VAL A 1 149 ? -17.660 -7.887  0.496   1.00 15.00 ? 149 VAL A CB  1 
ATOM   1127 C CG1 . VAL A 1 149 ? -17.384 -6.437  0.808   1.00 15.00 ? 149 VAL A CG1 1 
ATOM   1128 C CG2 . VAL A 1 149 ? -17.874 -8.065  -1.025  1.00 15.00 ? 149 VAL A CG2 1 
ATOM   1129 N N   . TYR A 1 150 ? -15.296 -8.409  3.061   1.00 15.00 ? 150 TYR A N   1 
ATOM   1130 C CA  . TYR A 1 150 ? -15.184 -8.318  4.502   1.00 15.00 ? 150 TYR A CA  1 
ATOM   1131 C C   . TYR A 1 150 ? -15.916 -7.088  5.046   1.00 15.00 ? 150 TYR A C   1 
ATOM   1132 O O   . TYR A 1 150 ? -15.962 -6.055  4.385   1.00 15.00 ? 150 TYR A O   1 
ATOM   1133 C CB  . TYR A 1 150 ? -13.697 -8.306  4.929   1.00 15.00 ? 150 TYR A CB  1 
ATOM   1134 C CG  . TYR A 1 150 ? -13.453 -8.090  6.379   1.00 15.00 ? 150 TYR A CG  1 
ATOM   1135 C CD1 . TYR A 1 150 ? -13.627 -9.187  7.323   1.00 15.00 ? 150 TYR A CD1 1 
ATOM   1136 C CD2 . TYR A 1 150 ? -13.030 -6.780  6.793   1.00 15.00 ? 150 TYR A CD2 1 
ATOM   1137 C CE1 . TYR A 1 150 ? -13.393 -8.985  8.653   1.00 15.00 ? 150 TYR A CE1 1 
ATOM   1138 C CE2 . TYR A 1 150 ? -12.768 -6.517  8.092   1.00 15.00 ? 150 TYR A CE2 1 
ATOM   1139 C CZ  . TYR A 1 150 ? -12.951 -7.633  9.059   1.00 15.00 ? 150 TYR A CZ  1 
ATOM   1140 O OH  . TYR A 1 150 ? -12.718 -7.391  10.435  1.00 15.00 ? 150 TYR A OH  1 
ATOM   1141 N N   . TYR A 1 151 ? -16.486 -7.200  6.248   1.00 15.00 ? 151 TYR A N   1 
ATOM   1142 C CA  . TYR A 1 151 ? -17.158 -6.120  6.919   1.00 15.00 ? 151 TYR A CA  1 
ATOM   1143 C C   . TYR A 1 151 ? -17.315 -6.650  8.341   1.00 15.00 ? 151 TYR A C   1 
ATOM   1144 O O   . TYR A 1 151 ? -17.703 -7.815  8.544   1.00 15.00 ? 151 TYR A O   1 
ATOM   1145 C CB  . TYR A 1 151 ? -18.528 -5.858  6.318   1.00 15.00 ? 151 TYR A CB  1 
ATOM   1146 C CG  . TYR A 1 151 ? -19.369 -4.854  7.093   1.00 15.00 ? 151 TYR A CG  1 
ATOM   1147 C CD1 . TYR A 1 151 ? -18.831 -3.929  7.877   1.00 15.00 ? 151 TYR A CD1 1 
ATOM   1148 C CD2 . TYR A 1 151 ? -20.705 -4.838  7.036   1.00 15.00 ? 151 TYR A CD2 1 
ATOM   1149 C CE1 . TYR A 1 151 ? -19.627 -3.032  8.582   1.00 15.00 ? 151 TYR A CE1 1 
ATOM   1150 C CE2 . TYR A 1 151 ? -21.480 -3.885  7.779   1.00 15.00 ? 151 TYR A CE2 1 
ATOM   1151 C CZ  . TYR A 1 151 ? -20.938 -2.990  8.552   1.00 15.00 ? 151 TYR A CZ  1 
ATOM   1152 O OH  . TYR A 1 151 ? -21.634 -2.078  9.307   1.00 15.00 ? 151 TYR A OH  1 
ATOM   1153 N N   . ASP A 1 152 ? -16.951 -5.849  9.328   1.00 15.00 ? 152 ASP A N   1 
ATOM   1154 C CA  . ASP A 1 152 ? -17.098 -6.217  10.727  1.00 15.00 ? 152 ASP A CA  1 
ATOM   1155 C C   . ASP A 1 152 ? -17.490 -4.944  11.430  1.00 15.00 ? 152 ASP A C   1 
ATOM   1156 O O   . ASP A 1 152 ? -16.724 -3.975  11.472  1.00 15.00 ? 152 ASP A O   1 
ATOM   1157 C CB  . ASP A 1 152 ? -15.781 -6.717  11.310  1.00 15.00 ? 152 ASP A CB  1 
ATOM   1158 C CG  . ASP A 1 152 ? -15.978 -7.707  12.452  1.00 15.00 ? 152 ASP A CG  1 
ATOM   1159 O OD1 . ASP A 1 152 ? -16.689 -8.711  12.261  1.00 15.00 ? 152 ASP A OD1 1 
ATOM   1160 O OD2 . ASP A 1 152 ? -15.445 -7.459  13.571  1.00 15.00 ? 152 ASP A OD2 1 
ATOM   1161 N N   . GLU A 1 153 ? -18.674 -4.944  12.010  1.00 15.00 ? 153 GLU A N   1 
ATOM   1162 C CA  . GLU A 1 153 ? -19.168 -3.759  12.676  1.00 15.00 ? 153 GLU A CA  1 
ATOM   1163 C C   . GLU A 1 153 ? -18.289 -3.305  13.841  1.00 15.00 ? 153 GLU A C   1 
ATOM   1164 O O   . GLU A 1 153 ? -18.153 -2.120  14.106  1.00 15.00 ? 153 GLU A O   1 
ATOM   1165 C CB  . GLU A 1 153 ? -20.640 -3.956  13.097  1.00 15.00 ? 153 GLU A CB  1 
ATOM   1166 C CG  . GLU A 1 153 ? -21.045 -5.432  13.316  1.00 15.00 ? 153 GLU A CG  1 
ATOM   1167 C CD  . GLU A 1 153 ? -21.336 -6.242  12.024  1.00 15.00 ? 153 GLU A CD  1 
ATOM   1168 O OE1 . GLU A 1 153 ? -22.497 -6.198  11.544  1.00 15.00 ? 153 GLU A OE1 1 
ATOM   1169 O OE2 . GLU A 1 153 ? -20.420 -6.926  11.485  1.00 15.00 ? 153 GLU A OE2 1 
ATOM   1170 N N   . SER A 1 154 ? -17.623 -4.230  14.512  1.00 15.00 ? 154 SER A N   1 
ATOM   1171 C CA  . SER A 1 154 ? -16.794 -3.856  15.643  1.00 15.00 ? 154 SER A CA  1 
ATOM   1172 C C   . SER A 1 154 ? -15.412 -3.374  15.212  1.00 15.00 ? 154 SER A C   1 
ATOM   1173 O O   . SER A 1 154 ? -14.500 -3.287  16.049  1.00 15.00 ? 154 SER A O   1 
ATOM   1174 C CB  . SER A 1 154 ? -16.638 -5.049  16.633  1.00 15.00 ? 154 SER A CB  1 
ATOM   1175 O OG  . SER A 1 154 ? -15.752 -6.089  16.195  1.00 15.00 ? 154 SER A OG  1 
ATOM   1176 N N   . CYS A 1 155 ? -15.225 -3.076  13.932  1.00 15.00 ? 155 CYS A N   1 
ATOM   1177 C CA  . CYS A 1 155 ? -13.924 -2.600  13.469  1.00 15.00 ? 155 CYS A CA  1 
ATOM   1178 C C   . CYS A 1 155 ? -13.823 -1.136  13.883  1.00 15.00 ? 155 CYS A C   1 
ATOM   1179 O O   . CYS A 1 155 ? -14.835 -0.407  13.801  1.00 15.00 ? 155 CYS A O   1 
ATOM   1180 C CB  . CYS A 1 155 ? -13.807 -2.734  11.959  1.00 15.00 ? 155 CYS A CB  1 
ATOM   1181 S SG  . CYS A 1 155 ? -12.033 -2.637  11.452  1.00 15.00 ? 155 CYS A SG  1 
ATOM   1182 N N   . ASN A 1 156 ? -12.620 -0.695  14.262  1.00 15.00 ? 156 ASN A N   1 
ATOM   1183 C CA  . ASN A 1 156 ? -12.425 0.673   14.732  1.00 15.00 ? 156 ASN A CA  1 
ATOM   1184 C C   . ASN A 1 156 ? -11.680 1.624   13.789  1.00 15.00 ? 156 ASN A C   1 
ATOM   1185 O O   . ASN A 1 156 ? -10.467 1.518   13.581  1.00 15.00 ? 156 ASN A O   1 
ATOM   1186 C CB  . ASN A 1 156 ? -11.690 0.634   16.074  1.00 15.00 ? 156 ASN A CB  1 
ATOM   1187 C CG  . ASN A 1 156 ? -12.065 1.786   16.981  1.00 15.00 ? 156 ASN A CG  1 
ATOM   1188 O OD1 . ASN A 1 156 ? -11.927 2.954   16.619  1.00 15.00 ? 156 ASN A OD1 1 
ATOM   1189 N ND2 . ASN A 1 156 ? -12.630 1.460   18.135  1.00 15.00 ? 156 ASN A ND2 1 
ATOM   1190 N N   . SER A 1 157 ? -12.391 2.651   13.338  1.00 15.00 ? 157 SER A N   1 
ATOM   1191 C CA  . SER A 1 157 ? -11.821 3.675   12.452  1.00 15.00 ? 157 SER A CA  1 
ATOM   1192 C C   . SER A 1 157 ? -10.795 4.556   13.158  1.00 15.00 ? 157 SER A C   1 
ATOM   1193 O O   . SER A 1 157 ? -10.182 5.443   12.557  1.00 15.00 ? 157 SER A O   1 
ATOM   1194 C CB  . SER A 1 157 ? -12.924 4.574   11.905  1.00 15.00 ? 157 SER A CB  1 
ATOM   1195 O OG  . SER A 1 157 ? -14.024 3.791   11.440  1.00 15.00 ? 157 SER A OG  1 
ATOM   1196 N N   . ASP A 1 158 ? -10.649 4.342   14.454  1.00 15.00 ? 158 ASP A N   1 
ATOM   1197 C CA  . ASP A 1 158 ? -9.715  5.110   15.245  1.00 15.00 ? 158 ASP A CA  1 
ATOM   1198 C C   . ASP A 1 158 ? -8.503  4.299   15.631  1.00 15.00 ? 158 ASP A C   1 
ATOM   1199 O O   . ASP A 1 158 ? -7.621  4.782   16.351  1.00 15.00 ? 158 ASP A O   1 
ATOM   1200 C CB  . ASP A 1 158 ? -10.390 5.595   16.526  1.00 15.00 ? 158 ASP A CB  1 
ATOM   1201 C CG  . ASP A 1 158 ? -11.189 6.881   16.336  1.00 15.00 ? 158 ASP A CG  1 
ATOM   1202 O OD1 . ASP A 1 158 ? -12.178 6.893   15.573  1.00 15.00 ? 158 ASP A OD1 1 
ATOM   1203 O OD2 . ASP A 1 158 ? -10.802 7.883   16.984  1.00 15.00 ? 158 ASP A OD2 1 
ATOM   1204 N N   . ASN A 1 159 ? -8.451  3.068   15.153  1.00 15.00 ? 159 ASN A N   1 
ATOM   1205 C CA  . ASN A 1 159 ? -7.346  2.193   15.471  1.00 15.00 ? 159 ASN A CA  1 
ATOM   1206 C C   . ASN A 1 159 ? -6.583  1.885   14.198  1.00 15.00 ? 159 ASN A C   1 
ATOM   1207 O O   . ASN A 1 159 ? -6.575  0.748   13.748  1.00 15.00 ? 159 ASN A O   1 
ATOM   1208 C CB  . ASN A 1 159 ? -7.886  0.882   16.085  1.00 15.00 ? 159 ASN A CB  1 
ATOM   1209 C CG  . ASN A 1 159 ? -6.911  0.234   17.097  1.00 15.00 ? 159 ASN A CG  1 
ATOM   1210 O OD1 . ASN A 1 159 ? -5.718  0.534   17.126  1.00 15.00 ? 159 ASN A OD1 1 
ATOM   1211 N ND2 . ASN A 1 159 ? -7.433  -0.664  17.930  1.00 15.00 ? 159 ASN A ND2 1 
ATOM   1212 N N   . LEU A 1 160 ? -6.001  2.899   13.580  1.00 15.00 ? 160 LEU A N   1 
ATOM   1213 C CA  . LEU A 1 160 ? -5.252  2.690   12.350  1.00 15.00 ? 160 LEU A CA  1 
ATOM   1214 C C   . LEU A 1 160 ? -3.972  1.991   12.775  1.00 15.00 ? 160 LEU A C   1 
ATOM   1215 O O   . LEU A 1 160 ? -3.221  2.522   13.558  1.00 15.00 ? 160 LEU A O   1 
ATOM   1216 C CB  . LEU A 1 160 ? -4.966  4.033   11.684  1.00 15.00 ? 160 LEU A CB  1 
ATOM   1217 C CG  . LEU A 1 160 ? -6.163  4.931   11.316  1.00 15.00 ? 160 LEU A CG  1 
ATOM   1218 C CD1 . LEU A 1 160 ? -5.674  6.301   10.875  1.00 15.00 ? 160 LEU A CD1 1 
ATOM   1219 C CD2 . LEU A 1 160 ? -7.010  4.318   10.207  1.00 15.00 ? 160 LEU A CD2 1 
ATOM   1220 N N   . ASN A 1 161 ? -3.769  0.754   12.339  1.00 15.00 ? 161 ASN A N   1 
ATOM   1221 C CA  . ASN A 1 161 ? -2.557  0.013   12.725  1.00 15.00 ? 161 ASN A CA  1 
ATOM   1222 C C   . ASN A 1 161 ? -1.890  -0.769  11.597  1.00 15.00 ? 161 ASN A C   1 
ATOM   1223 O O   . ASN A 1 161 ? -0.696  -1.065  11.671  1.00 15.00 ? 161 ASN A O   1 
ATOM   1224 C CB  . ASN A 1 161 ? -2.852  -0.950  13.859  1.00 15.00 ? 161 ASN A CB  1 
ATOM   1225 C CG  . ASN A 1 161 ? -3.934  -1.916  13.500  1.00 15.00 ? 161 ASN A CG  1 
ATOM   1226 O OD1 . ASN A 1 161 ? -3.830  -2.676  12.521  1.00 15.00 ? 161 ASN A OD1 1 
ATOM   1227 N ND2 . ASN A 1 161 ? -5.032  -1.838  14.238  1.00 15.00 ? 161 ASN A ND2 1 
ATOM   1228 N N   . HIS A 1 162 ? -2.648  -1.159  10.586  1.00 15.00 ? 162 HIS A N   1 
ATOM   1229 C CA  . HIS A 1 162 ? -2.012  -1.880  9.490   1.00 15.00 ? 162 HIS A CA  1 
ATOM   1230 C C   . HIS A 1 162 ? -2.083  -1.111  8.151   1.00 15.00 ? 162 HIS A C   1 
ATOM   1231 O O   . HIS A 1 162 ? -3.148  -0.686  7.721   1.00 15.00 ? 162 HIS A O   1 
ATOM   1232 C CB  . HIS A 1 162 ? -2.632  -3.269  9.329   1.00 15.00 ? 162 HIS A CB  1 
ATOM   1233 C CG  . HIS A 1 162 ? -1.786  -4.233  8.540   1.00 15.00 ? 162 HIS A CG  1 
ATOM   1234 N ND1 . HIS A 1 162 ? -0.500  -4.568  8.907   1.00 15.00 ? 162 HIS A ND1 1 
ATOM   1235 C CD2 . HIS A 1 162 ? -2.034  -4.916  7.395   1.00 15.00 ? 162 HIS A CD2 1 
ATOM   1236 C CE1 . HIS A 1 162 ? 0.010   -5.404  8.021   1.00 15.00 ? 162 HIS A CE1 1 
ATOM   1237 N NE2 . HIS A 1 162 ? -0.900  -5.629  7.092   1.00 15.00 ? 162 HIS A NE2 1 
ATOM   1238 N N   . ALA A 1 163 ? -0.932  -0.908  7.522   1.00 15.00 ? 163 ALA A N   1 
ATOM   1239 C CA  . ALA A 1 163 ? -0.875  -0.223  6.233   1.00 15.00 ? 163 ALA A CA  1 
ATOM   1240 C C   . ALA A 1 163 ? -0.869  -1.200  5.068   1.00 15.00 ? 163 ALA A C   1 
ATOM   1241 O O   . ALA A 1 163 ? -0.081  -2.150  5.052   1.00 15.00 ? 163 ALA A O   1 
ATOM   1242 C CB  . ALA A 1 163 ? 0.326   0.637   6.158   1.00 15.00 ? 163 ALA A CB  1 
ATOM   1243 N N   . VAL A 1 164 ? -1.737  -0.928  4.094   1.00 15.00 ? 164 VAL A N   1 
ATOM   1244 C CA  . VAL A 1 164 ? -1.889  -1.762  2.880   1.00 15.00 ? 164 VAL A CA  1 
ATOM   1245 C C   . VAL A 1 164 ? -2.050  -0.860  1.643   1.00 15.00 ? 164 VAL A C   1 
ATOM   1246 O O   . VAL A 1 164 ? -2.077  0.357   1.779   1.00 15.00 ? 164 VAL A O   1 
ATOM   1247 C CB  . VAL A 1 164 ? -3.149  -2.683  2.967   1.00 15.00 ? 164 VAL A CB  1 
ATOM   1248 C CG1 . VAL A 1 164 ? -2.954  -3.749  3.972   1.00 15.00 ? 164 VAL A CG1 1 
ATOM   1249 C CG2 . VAL A 1 164 ? -4.390  -1.886  3.311   1.00 15.00 ? 164 VAL A CG2 1 
ATOM   1250 N N   . LEU A 1 165 ? -2.325  -1.459  0.485   1.00 15.00 ? 165 LEU A N   1 
ATOM   1251 C CA  . LEU A 1 165 ? -2.458  -0.726  -0.768  1.00 15.00 ? 165 LEU A CA  1 
ATOM   1252 C C   . LEU A 1 165 ? -3.759  -0.973  -1.494  1.00 15.00 ? 165 LEU A C   1 
ATOM   1253 O O   . LEU A 1 165 ? -4.024  -2.101  -1.841  1.00 15.00 ? 165 LEU A O   1 
ATOM   1254 C CB  . LEU A 1 165 ? -1.317  -1.180  -1.674  1.00 15.00 ? 165 LEU A CB  1 
ATOM   1255 C CG  . LEU A 1 165 ? -1.088  -0.384  -2.949  1.00 15.00 ? 165 LEU A CG  1 
ATOM   1256 C CD1 . LEU A 1 165 ? -0.273  0.851   -2.541  1.00 15.00 ? 165 LEU A CD1 1 
ATOM   1257 C CD2 . LEU A 1 165 ? -0.389  -1.240  -4.009  1.00 15.00 ? 165 LEU A CD2 1 
ATOM   1258 N N   . ALA A 1 166 ? -4.570  0.053   -1.731  1.00 15.00 ? 166 ALA A N   1 
ATOM   1259 C CA  . ALA A 1 166 ? -5.837  -0.175  -2.461  1.00 15.00 ? 166 ALA A CA  1 
ATOM   1260 C C   . ALA A 1 166 ? -5.509  -0.349  -3.949  1.00 15.00 ? 166 ALA A C   1 
ATOM   1261 O O   . ALA A 1 166 ? -4.963  0.550   -4.558  1.00 15.00 ? 166 ALA A O   1 
ATOM   1262 C CB  . ALA A 1 166 ? -6.819  1.000   -2.287  1.00 15.00 ? 166 ALA A CB  1 
ATOM   1263 N N   . VAL A 1 167 ? -5.803  -1.519  -4.511  1.00 15.00 ? 167 VAL A N   1 
ATOM   1264 C CA  . VAL A 1 167 ? -5.541  -1.846  -5.916  1.00 15.00 ? 167 VAL A CA  1 
ATOM   1265 C C   . VAL A 1 167 ? -6.660  -1.567  -6.927  1.00 15.00 ? 167 VAL A C   1 
ATOM   1266 O O   . VAL A 1 167 ? -6.417  -1.579  -8.158  1.00 15.00 ? 167 VAL A O   1 
ATOM   1267 C CB  . VAL A 1 167 ? -5.061  -3.319  -5.996  1.00 15.00 ? 167 VAL A CB  1 
ATOM   1268 C CG1 . VAL A 1 167 ? -5.473  -3.994  -7.239  1.00 15.00 ? 167 VAL A CG1 1 
ATOM   1269 C CG2 . VAL A 1 167 ? -3.606  -3.361  -5.781  1.00 15.00 ? 167 VAL A CG2 1 
ATOM   1270 N N   . GLY A 1 168 ? -7.863  -1.319  -6.421  1.00 15.00 ? 168 GLY A N   1 
ATOM   1271 C CA  . GLY A 1 168 ? -8.986  -1.054  -7.287  1.00 15.00 ? 168 GLY A CA  1 
ATOM   1272 C C   . GLY A 1 168 ? -10.272 -0.932  -6.539  1.00 15.00 ? 168 GLY A C   1 
ATOM   1273 O O   . GLY A 1 168 ? -10.269 -0.340  -5.445  1.00 15.00 ? 168 GLY A O   1 
ATOM   1274 N N   . TYR A 1 169 ? -11.366 -1.334  -7.186  1.00 15.00 ? 169 TYR A N   1 
ATOM   1275 C CA  . TYR A 1 169 ? -12.697 -1.268  -6.594  1.00 15.00 ? 169 TYR A CA  1 
ATOM   1276 C C   . TYR A 1 169 ? -13.731 -1.842  -7.546  1.00 15.00 ? 169 TYR A C   1 
ATOM   1277 O O   . TYR A 1 169 ? -13.384 -2.269  -8.642  1.00 15.00 ? 169 TYR A O   1 
ATOM   1278 C CB  . TYR A 1 169 ? -13.039 0.171   -6.162  1.00 15.00 ? 169 TYR A CB  1 
ATOM   1279 C CG  . TYR A 1 169 ? -13.123 1.248   -7.253  1.00 15.00 ? 169 TYR A CG  1 
ATOM   1280 C CD1 . TYR A 1 169 ? -14.166 1.210   -8.207  1.00 15.00 ? 169 TYR A CD1 1 
ATOM   1281 C CD2 . TYR A 1 169 ? -12.195 2.307   -7.310  1.00 15.00 ? 169 TYR A CD2 1 
ATOM   1282 C CE1 . TYR A 1 169 ? -14.302 2.193   -9.199  1.00 15.00 ? 169 TYR A CE1 1 
ATOM   1283 C CE2 . TYR A 1 169 ? -12.312 3.303   -8.292  1.00 15.00 ? 169 TYR A CE2 1 
ATOM   1284 C CZ  . TYR A 1 169 ? -13.376 3.237   -9.237  1.00 15.00 ? 169 TYR A CZ  1 
ATOM   1285 O OH  . TYR A 1 169 ? -13.510 4.226   -10.179 1.00 15.00 ? 169 TYR A OH  1 
ATOM   1286 N N   . GLY A 1 170 ? -14.974 -1.972  -7.099  1.00 15.00 ? 170 GLY A N   1 
ATOM   1287 C CA  . GLY A 1 170 ? -16.031 -2.522  -7.957  1.00 15.00 ? 170 GLY A CA  1 
ATOM   1288 C C   . GLY A 1 170 ? -17.148 -3.092  -7.069  1.00 15.00 ? 170 GLY A C   1 
ATOM   1289 O O   . GLY A 1 170 ? -17.279 -2.697  -5.896  1.00 15.00 ? 170 GLY A O   1 
ATOM   1290 N N   . ILE A 1 171 ? -17.988 -3.973  -7.610  1.00 15.00 ? 171 ILE A N   1 
ATOM   1291 C CA  . ILE A 1 171 ? -19.061 -4.591  -6.825  1.00 15.00 ? 171 ILE A CA  1 
ATOM   1292 C C   . ILE A 1 171 ? -18.798 -6.105  -6.813  1.00 15.00 ? 171 ILE A C   1 
ATOM   1293 O O   . ILE A 1 171 ? -17.825 -6.574  -7.389  1.00 15.00 ? 171 ILE A O   1 
ATOM   1294 C CB  . ILE A 1 171 ? -20.453 -4.374  -7.440  1.00 15.00 ? 171 ILE A CB  1 
ATOM   1295 C CG1 . ILE A 1 171 ? -20.581 -2.955  -7.948  1.00 15.00 ? 171 ILE A CG1 1 
ATOM   1296 C CG2 . ILE A 1 171 ? -21.565 -4.606  -6.400  1.00 15.00 ? 171 ILE A CG2 1 
ATOM   1297 C CD1 . ILE A 1 171 ? -20.475 -1.881  -6.880  1.00 15.00 ? 171 ILE A CD1 1 
ATOM   1298 N N   . GLN A 1 172 ? -19.631 -6.859  -6.108  1.00 15.00 ? 172 GLN A N   1 
ATOM   1299 C CA  . GLN A 1 172 ? -19.500 -8.305  -6.039  1.00 15.00 ? 172 GLN A CA  1 
ATOM   1300 C C   . GLN A 1 172 ? -20.871 -8.914  -6.333  1.00 15.00 ? 172 GLN A C   1 
ATOM   1301 O O   . GLN A 1 172 ? -21.235 -9.178  -7.493  1.00 15.00 ? 172 GLN A O   1 
ATOM   1302 C CB  . GLN A 1 172 ? -18.994 -8.746  -4.645  1.00 15.00 ? 172 GLN A CB  1 
ATOM   1303 C CG  . GLN A 1 172 ? -18.850 -10.279 -4.453  1.00 15.00 ? 172 GLN A CG  1 
ATOM   1304 C CD  . GLN A 1 172 ? -17.579 -10.874 -5.052  1.00 15.00 ? 172 GLN A CD  1 
ATOM   1305 O OE1 . GLN A 1 172 ? -16.509 -10.856 -4.427  1.00 15.00 ? 172 GLN A OE1 1 
ATOM   1306 N NE2 . GLN A 1 172 ? -17.700 -11.425 -6.266  1.00 15.00 ? 172 GLN A NE2 1 
ATOM   1307 N N   . LYS A 1 173 ? -21.664 -9.076  -5.279  1.00 15.00 ? 173 LYS A N   1 
ATOM   1308 C CA  . LYS A 1 173 ? -23.006 -9.659  -5.406  1.00 15.00 ? 173 LYS A CA  1 
ATOM   1309 C C   . LYS A 1 173 ? -23.880 -8.615  -4.740  1.00 15.00 ? 173 LYS A C   1 
ATOM   1310 O O   . LYS A 1 173 ? -24.562 -8.856  -3.743  1.00 15.00 ? 173 LYS A O   1 
ATOM   1311 C CB  . LYS A 1 173 ? -23.097 -11.012 -4.675  1.00 15.00 ? 173 LYS A CB  1 
ATOM   1312 C CG  . LYS A 1 173 ? -22.259 -12.158 -5.288  1.00 15.00 ? 173 LYS A CG  1 
ATOM   1313 C CD  . LYS A 1 173 ? -22.169 -13.380 -4.355  1.00 15.00 ? 173 LYS A CD  1 
ATOM   1314 C CE  . LYS A 1 173 ? -21.215 -13.140 -3.169  1.00 15.00 ? 173 LYS A CE  1 
ATOM   1315 N NZ  . LYS A 1 173 ? -20.855 -14.345 -2.318  1.00 15.00 ? 173 LYS A NZ  1 
ATOM   1316 N N   . GLY A 1 174 ? -23.825 -7.415  -5.310  1.00 15.00 ? 174 GLY A N   1 
ATOM   1317 C CA  . GLY A 1 174 ? -24.559 -6.281  -4.771  1.00 15.00 ? 174 GLY A CA  1 
ATOM   1318 C C   . GLY A 1 174 ? -23.751 -5.659  -3.655  1.00 15.00 ? 174 GLY A C   1 
ATOM   1319 O O   . GLY A 1 174 ? -24.247 -4.797  -2.922  1.00 15.00 ? 174 GLY A O   1 
ATOM   1320 N N   . ASN A 1 175 ? -22.477 -6.027  -3.572  1.00 15.00 ? 175 ASN A N   1 
ATOM   1321 C CA  . ASN A 1 175 ? -21.604 -5.514  -2.530  1.00 15.00 ? 175 ASN A CA  1 
ATOM   1322 C C   . ASN A 1 175 ? -20.444 -4.757  -3.166  1.00 15.00 ? 175 ASN A C   1 
ATOM   1323 O O   . ASN A 1 175 ? -19.759 -5.258  -4.068  1.00 15.00 ? 175 ASN A O   1 
ATOM   1324 C CB  . ASN A 1 175 ? -21.087 -6.656  -1.658  1.00 15.00 ? 175 ASN A CB  1 
ATOM   1325 C CG  . ASN A 1 175 ? -22.213 -7.396  -0.920  1.00 15.00 ? 175 ASN A CG  1 
ATOM   1326 O OD1 . ASN A 1 175 ? -22.486 -8.577  -1.212  1.00 15.00 ? 175 ASN A OD1 1 
ATOM   1327 N ND2 . ASN A 1 175 ? -22.882 -6.708  0.015   1.00 15.00 ? 175 ASN A ND2 1 
ATOM   1328 N N   . LYS A 1 176 ? -20.252 -3.529  -2.715  1.00 15.00 ? 176 LYS A N   1 
ATOM   1329 C CA  . LYS A 1 176 ? -19.175 -2.680  -3.200  1.00 15.00 ? 176 LYS A CA  1 
ATOM   1330 C C   . LYS A 1 176 ? -17.977 -3.097  -2.387  1.00 15.00 ? 176 LYS A C   1 
ATOM   1331 O O   . LYS A 1 176 ? -18.121 -3.552  -1.230  1.00 15.00 ? 176 LYS A O   1 
ATOM   1332 C CB  . LYS A 1 176 ? -19.529 -1.214  -2.956  1.00 15.00 ? 176 LYS A CB  1 
ATOM   1333 C CG  . LYS A 1 176 ? -20.806 -0.834  -3.646  1.00 15.00 ? 176 LYS A CG  1 
ATOM   1334 C CD  . LYS A 1 176 ? -21.338 0.485   -3.203  1.00 15.00 ? 176 LYS A CD  1 
ATOM   1335 C CE  . LYS A 1 176 ? -22.521 0.855   -4.089  1.00 15.00 ? 176 LYS A CE  1 
ATOM   1336 N NZ  . LYS A 1 176 ? -22.170 0.759   -5.545  1.00 15.00 ? 176 LYS A NZ  1 
ATOM   1337 N N   . HIS A 1 177 ? -16.801 -2.934  -2.980  1.00 15.00 ? 177 HIS A N   1 
ATOM   1338 C CA  . HIS A 1 177 ? -15.599 -3.362  -2.321  1.00 15.00 ? 177 HIS A CA  1 
ATOM   1339 C C   . HIS A 1 177 ? -14.351 -2.657  -2.819  1.00 15.00 ? 177 HIS A C   1 
ATOM   1340 O O   . HIS A 1 177 ? -14.235 -2.330  -3.991  1.00 15.00 ? 177 HIS A O   1 
ATOM   1341 C CB  . HIS A 1 177 ? -15.415 -4.886  -2.491  1.00 15.00 ? 177 HIS A CB  1 
ATOM   1342 C CG  . HIS A 1 177 ? -15.058 -5.324  -3.883  1.00 15.00 ? 177 HIS A CG  1 
ATOM   1343 N ND1 . HIS A 1 177 ? -15.966 -5.919  -4.736  1.00 15.00 ? 177 HIS A ND1 1 
ATOM   1344 C CD2 . HIS A 1 177 ? -13.870 -5.317  -4.538  1.00 15.00 ? 177 HIS A CD2 1 
ATOM   1345 C CE1 . HIS A 1 177 ? -15.349 -6.252  -5.856  1.00 15.00 ? 177 HIS A CE1 1 
ATOM   1346 N NE2 . HIS A 1 177 ? -14.080 -5.900  -5.760  1.00 15.00 ? 177 HIS A NE2 1 
ATOM   1347 N N   . TRP A 1 178 ? -13.365 -2.601  -1.936  1.00 15.00 ? 178 TRP A N   1 
ATOM   1348 C CA  . TRP A 1 178 ? -12.059 -2.024  -2.191  1.00 15.00 ? 178 TRP A CA  1 
ATOM   1349 C C   . TRP A 1 178 ? -11.145 -3.229  -2.285  1.00 15.00 ? 178 TRP A C   1 
ATOM   1350 O O   . TRP A 1 178 ? -11.052 -3.997  -1.325  1.00 15.00 ? 178 TRP A O   1 
ATOM   1351 C CB  . TRP A 1 178 ? -11.659 -1.147  -0.997  1.00 15.00 ? 178 TRP A CB  1 
ATOM   1352 C CG  . TRP A 1 178 ? -12.425 0.089   -0.841  1.00 15.00 ? 178 TRP A CG  1 
ATOM   1353 C CD1 . TRP A 1 178 ? -13.371 0.306   0.093   1.00 15.00 ? 178 TRP A CD1 1 
ATOM   1354 C CD2 . TRP A 1 178 ? -12.286 1.304   -1.586  1.00 15.00 ? 178 TRP A CD2 1 
ATOM   1355 N NE1 . TRP A 1 178 ? -13.867 1.608   0.019   1.00 15.00 ? 178 TRP A NE1 1 
ATOM   1356 C CE2 . TRP A 1 178 ? -13.231 2.249   -1.011  1.00 15.00 ? 178 TRP A CE2 1 
ATOM   1357 C CE3 . TRP A 1 178 ? -11.476 1.691   -2.678  1.00 15.00 ? 178 TRP A CE3 1 
ATOM   1358 C CZ2 . TRP A 1 178 ? -13.405 3.566   -1.490  1.00 15.00 ? 178 TRP A CZ2 1 
ATOM   1359 C CZ3 . TRP A 1 178 ? -11.623 2.976   -3.162  1.00 15.00 ? 178 TRP A CZ3 1 
ATOM   1360 C CH2 . TRP A 1 178 ? -12.610 3.931   -2.560  1.00 15.00 ? 178 TRP A CH2 1 
ATOM   1361 N N   . ILE A 1 179 ? -10.516 -3.413  -3.444  1.00 15.00 ? 179 ILE A N   1 
ATOM   1362 C CA  . ILE A 1 179 ? -9.590  -4.494  -3.653  1.00 15.00 ? 179 ILE A CA  1 
ATOM   1363 C C   . ILE A 1 179 ? -8.264  -4.106  -2.954  1.00 15.00 ? 179 ILE A C   1 
ATOM   1364 O O   . ILE A 1 179 ? -7.576  -3.177  -3.351  1.00 15.00 ? 179 ILE A O   1 
ATOM   1365 C CB  . ILE A 1 179 ? -9.345  -4.720  -5.137  1.00 15.00 ? 179 ILE A CB  1 
ATOM   1366 C CG1 . ILE A 1 179 ? -10.657 -4.911  -5.900  1.00 15.00 ? 179 ILE A CG1 1 
ATOM   1367 C CG2 . ILE A 1 179 ? -8.472  -5.951  -5.311  1.00 15.00 ? 179 ILE A CG2 1 
ATOM   1368 C CD1 . ILE A 1 179 ? -10.456 -5.206  -7.335  1.00 15.00 ? 179 ILE A CD1 1 
ATOM   1369 N N   . ILE A 1 180 ? -7.975  -4.791  -1.856  1.00 15.00 ? 180 ILE A N   1 
ATOM   1370 C CA  . ILE A 1 180 ? -6.787  -4.532  -1.048  1.00 15.00 ? 180 ILE A CA  1 
ATOM   1371 C C   . ILE A 1 180 ? -5.706  -5.585  -1.187  1.00 15.00 ? 180 ILE A C   1 
ATOM   1372 O O   . ILE A 1 180 ? -5.998  -6.772  -1.120  1.00 15.00 ? 180 ILE A O   1 
ATOM   1373 C CB  . ILE A 1 180 ? -7.155  -4.486  0.444   1.00 15.00 ? 180 ILE A CB  1 
ATOM   1374 C CG1 . ILE A 1 180 ? -8.292  -3.515  0.643   1.00 15.00 ? 180 ILE A CG1 1 
ATOM   1375 C CG2 . ILE A 1 180 ? -5.965  -4.153  1.248   1.00 15.00 ? 180 ILE A CG2 1 
ATOM   1376 C CD1 . ILE A 1 180 ? -7.905  -2.103  0.479   1.00 15.00 ? 180 ILE A CD1 1 
ATOM   1377 N N   . LYS A 1 181 ? -4.456  -5.136  -1.233  1.00 15.00 ? 181 LYS A N   1 
ATOM   1378 C CA  . LYS A 1 181 ? -3.290  -6.016  -1.356  1.00 15.00 ? 181 LYS A CA  1 
ATOM   1379 C C   . LYS A 1 181 ? -2.576  -5.983  -0.005  1.00 15.00 ? 181 LYS A C   1 
ATOM   1380 O O   . LYS A 1 181 ? -2.225  -4.927  0.442   1.00 15.00 ? 181 LYS A O   1 
ATOM   1381 C CB  . LYS A 1 181 ? -2.351  -5.473  -2.451  1.00 15.00 ? 181 LYS A CB  1 
ATOM   1382 C CG  . LYS A 1 181 ? -0.990  -6.168  -2.657  1.00 15.00 ? 181 LYS A CG  1 
ATOM   1383 C CD  . LYS A 1 181 ? -0.119  -5.368  -3.611  1.00 15.00 ? 181 LYS A CD  1 
ATOM   1384 C CE  . LYS A 1 181 ? 1.267   -5.990  -3.592  1.00 15.00 ? 181 LYS A CE  1 
ATOM   1385 N NZ  . LYS A 1 181 ? 2.202   -5.402  -4.609  1.00 15.00 ? 181 LYS A NZ  1 
ATOM   1386 N N   . ASN A 1 182 ? -2.385  -7.126  0.651   1.00 15.00 ? 182 ASN A N   1 
ATOM   1387 C CA  . ASN A 1 182 ? -1.725  -7.143  1.966   1.00 15.00 ? 182 ASN A CA  1 
ATOM   1388 C C   . ASN A 1 182 ? -0.294  -7.646  1.766   1.00 15.00 ? 182 ASN A C   1 
ATOM   1389 O O   . ASN A 1 182 ? 0.066   -8.084  0.693   1.00 15.00 ? 182 ASN A O   1 
ATOM   1390 C CB  . ASN A 1 182 ? -2.469  -8.060  2.942   1.00 15.00 ? 182 ASN A CB  1 
ATOM   1391 C CG  . ASN A 1 182 ? -2.058  -7.836  4.401   1.00 15.00 ? 182 ASN A CG  1 
ATOM   1392 O OD1 . ASN A 1 182 ? -1.082  -7.155  4.708   1.00 15.00 ? 182 ASN A OD1 1 
ATOM   1393 N ND2 . ASN A 1 182 ? -2.823  -8.391  5.308   1.00 15.00 ? 182 ASN A ND2 1 
ATOM   1394 N N   . SER A 1 183 ? 0.533   -7.517  2.783   1.00 15.00 ? 183 SER A N   1 
ATOM   1395 C CA  . SER A 1 183 ? 1.915   -7.968  2.683   1.00 15.00 ? 183 SER A CA  1 
ATOM   1396 C C   . SER A 1 183 ? 2.220   -9.224  3.510   1.00 15.00 ? 183 SER A C   1 
ATOM   1397 O O   . SER A 1 183 ? 3.361   -9.425  3.873   1.00 15.00 ? 183 SER A O   1 
ATOM   1398 C CB  . SER A 1 183 ? 2.843   -6.852  3.158   1.00 15.00 ? 183 SER A CB  1 
ATOM   1399 O OG  . SER A 1 183 ? 2.282   -6.268  4.306   1.00 15.00 ? 183 SER A OG  1 
ATOM   1400 N N   . TRP A 1 184 ? 1.227   -10.024 3.868   1.00 15.00 ? 184 TRP A N   1 
ATOM   1401 C CA  . TRP A 1 184 ? 1.481   -11.208 4.674   1.00 15.00 ? 184 TRP A CA  1 
ATOM   1402 C C   . TRP A 1 184 ? 1.726   -12.442 3.814   1.00 15.00 ? 184 TRP A C   1 
ATOM   1403 O O   . TRP A 1 184 ? 1.424   -13.579 4.206   1.00 15.00 ? 184 TRP A O   1 
ATOM   1404 C CB  . TRP A 1 184 ? 0.361   -11.449 5.707   1.00 15.00 ? 184 TRP A CB  1 
ATOM   1405 C CG  . TRP A 1 184 ? 0.273   -10.470 6.805   1.00 15.00 ? 184 TRP A CG  1 
ATOM   1406 C CD1 . TRP A 1 184 ? 1.262   -9.631  7.279   1.00 15.00 ? 184 TRP A CD1 1 
ATOM   1407 C CD2 . TRP A 1 184 ? -0.883  -10.199 7.574   1.00 15.00 ? 184 TRP A CD2 1 
ATOM   1408 N NE1 . TRP A 1 184 ? 0.774   -8.836  8.292   1.00 15.00 ? 184 TRP A NE1 1 
ATOM   1409 C CE2 . TRP A 1 184 ? -0.543  -9.161  8.500   1.00 15.00 ? 184 TRP A CE2 1 
ATOM   1410 C CE3 . TRP A 1 184 ? -2.184  -10.711 7.568   1.00 15.00 ? 184 TRP A CE3 1 
ATOM   1411 C CZ2 . TRP A 1 184 ? -1.477  -8.623  9.412   1.00 15.00 ? 184 TRP A CZ2 1 
ATOM   1412 C CZ3 . TRP A 1 184 ? -3.115  -10.173 8.471   1.00 15.00 ? 184 TRP A CZ3 1 
ATOM   1413 C CH2 . TRP A 1 184 ? -2.747  -9.138  9.378   1.00 15.00 ? 184 TRP A CH2 1 
ATOM   1414 N N   . GLY A 1 185 ? 2.282   -12.251 2.631   1.00 15.00 ? 185 GLY A N   1 
ATOM   1415 C CA  . GLY A 1 185 ? 2.513   -13.377 1.750   1.00 15.00 ? 185 GLY A CA  1 
ATOM   1416 C C   . GLY A 1 185 ? 1.253   -13.763 0.979   1.00 15.00 ? 185 GLY A C   1 
ATOM   1417 O O   . GLY A 1 185 ? 0.120   -13.444 1.369   1.00 15.00 ? 185 GLY A O   1 
ATOM   1418 N N   . GLU A 1 186 ? 1.452   -14.534 -0.087  1.00 15.00 ? 186 GLU A N   1 
ATOM   1419 C CA  . GLU A 1 186 ? 0.346   -14.953 -0.916  1.00 15.00 ? 186 GLU A CA  1 
ATOM   1420 C C   . GLU A 1 186 ? -0.335  -16.201 -0.381  1.00 15.00 ? 186 GLU A C   1 
ATOM   1421 O O   . GLU A 1 186 ? -0.884  -16.983 -1.147  1.00 15.00 ? 186 GLU A O   1 
ATOM   1422 C CB  . GLU A 1 186 ? 0.779   -15.154 -2.374  1.00 15.00 ? 186 GLU A CB  1 
ATOM   1423 C CG  . GLU A 1 186 ? 1.860   -16.216 -2.686  1.00 15.00 ? 186 GLU A CG  1 
ATOM   1424 C CD  . GLU A 1 186 ? 2.152   -16.284 -4.176  1.00 15.00 ? 186 GLU A CD  1 
ATOM   1425 O OE1 . GLU A 1 186 ? 2.792   -15.369 -4.725  1.00 15.00 ? 186 GLU A OE1 1 
ATOM   1426 O OE2 . GLU A 1 186 ? 1.728   -17.251 -4.832  1.00 15.00 ? 186 GLU A OE2 1 
ATOM   1427 N N   . ASN A 1 187 ? -0.275  -16.400 0.928   1.00 15.00 ? 187 ASN A N   1 
ATOM   1428 C CA  . ASN A 1 187 ? -0.930  -17.533 1.515   1.00 15.00 ? 187 ASN A CA  1 
ATOM   1429 C C   . ASN A 1 187 ? -2.083  -17.022 2.357   1.00 15.00 ? 187 ASN A C   1 
ATOM   1430 O O   . ASN A 1 187 ? -2.953  -17.781 2.747   1.00 15.00 ? 187 ASN A O   1 
ATOM   1431 C CB  . ASN A 1 187 ? 0.043   -18.279 2.406   1.00 15.00 ? 187 ASN A CB  1 
ATOM   1432 C CG  . ASN A 1 187 ? -0.453  -19.680 2.744   1.00 15.00 ? 187 ASN A CG  1 
ATOM   1433 O OD1 . ASN A 1 187 ? -0.562  -20.521 1.865   1.00 15.00 ? 187 ASN A OD1 1 
ATOM   1434 N ND2 . ASN A 1 187 ? -0.773  -19.926 4.012   1.00 15.00 ? 187 ASN A ND2 1 
ATOM   1435 N N   . TRP A 1 188 ? -2.080  -15.722 2.645   1.00 15.00 ? 188 TRP A N   1 
ATOM   1436 C CA  . TRP A 1 188 ? -3.136  -15.142 3.469   1.00 15.00 ? 188 TRP A CA  1 
ATOM   1437 C C   . TRP A 1 188 ? -4.284  -14.691 2.565   1.00 15.00 ? 188 TRP A C   1 
ATOM   1438 O O   . TRP A 1 188 ? -4.056  -14.255 1.461   1.00 15.00 ? 188 TRP A O   1 
ATOM   1439 C CB  . TRP A 1 188 ? -2.566  -13.981 4.303   1.00 15.00 ? 188 TRP A CB  1 
ATOM   1440 C CG  . TRP A 1 188 ? -3.549  -13.329 5.163   1.00 15.00 ? 188 TRP A CG  1 
ATOM   1441 C CD1 . TRP A 1 188 ? -3.953  -13.717 6.400   1.00 15.00 ? 188 TRP A CD1 1 
ATOM   1442 C CD2 . TRP A 1 188 ? -4.326  -12.170 4.845   1.00 15.00 ? 188 TRP A CD2 1 
ATOM   1443 N NE1 . TRP A 1 188 ? -4.944  -12.876 6.868   1.00 15.00 ? 188 TRP A NE1 1 
ATOM   1444 C CE2 . TRP A 1 188 ? -5.187  -11.920 5.923   1.00 15.00 ? 188 TRP A CE2 1 
ATOM   1445 C CE3 . TRP A 1 188 ? -4.385  -11.310 3.748   1.00 15.00 ? 188 TRP A CE3 1 
ATOM   1446 C CZ2 . TRP A 1 188 ? -6.092  -10.849 5.924   1.00 15.00 ? 188 TRP A CZ2 1 
ATOM   1447 C CZ3 . TRP A 1 188 ? -5.293  -10.245 3.765   1.00 15.00 ? 188 TRP A CZ3 1 
ATOM   1448 C CH2 . TRP A 1 188 ? -6.121  -10.029 4.828   1.00 15.00 ? 188 TRP A CH2 1 
ATOM   1449 N N   . GLY A 1 189 ? -5.511  -14.738 3.070   1.00 15.00 ? 189 GLY A N   1 
ATOM   1450 C CA  . GLY A 1 189 ? -6.669  -14.323 2.304   1.00 15.00 ? 189 GLY A CA  1 
ATOM   1451 C C   . GLY A 1 189 ? -6.738  -14.927 0.907   1.00 15.00 ? 189 GLY A C   1 
ATOM   1452 O O   . GLY A 1 189 ? -6.235  -16.025 0.672   1.00 15.00 ? 189 GLY A O   1 
ATOM   1453 N N   . ASN A 1 190 ? -7.324  -14.188 -0.037  1.00 15.00 ? 190 ASN A N   1 
ATOM   1454 C CA  . ASN A 1 190 ? -7.457  -14.656 -1.404  1.00 15.00 ? 190 ASN A CA  1 
ATOM   1455 C C   . ASN A 1 190 ? -6.164  -14.311 -2.141  1.00 15.00 ? 190 ASN A C   1 
ATOM   1456 O O   . ASN A 1 190 ? -6.024  -13.238 -2.726  1.00 15.00 ? 190 ASN A O   1 
ATOM   1457 C CB  . ASN A 1 190 ? -8.651  -13.980 -2.059  1.00 15.00 ? 190 ASN A CB  1 
ATOM   1458 C CG  . ASN A 1 190 ? -8.970  -14.560 -3.439  1.00 15.00 ? 190 ASN A CG  1 
ATOM   1459 O OD1 . ASN A 1 190 ? -8.150  -15.254 -4.033  1.00 15.00 ? 190 ASN A OD1 1 
ATOM   1460 N ND2 . ASN A 1 190 ? -10.145 -14.249 -3.973  1.00 15.00 ? 190 ASN A ND2 1 
ATOM   1461 N N   . LYS A 1 191 ? -5.201  -15.222 -2.076  1.00 15.00 ? 191 LYS A N   1 
ATOM   1462 C CA  . LYS A 1 191 ? -3.896  -15.054 -2.716  1.00 15.00 ? 191 LYS A CA  1 
ATOM   1463 C C   . LYS A 1 191 ? -3.160  -13.789 -2.340  1.00 15.00 ? 191 LYS A C   1 
ATOM   1464 O O   . LYS A 1 191 ? -2.445  -13.208 -3.170  1.00 15.00 ? 191 LYS A O   1 
ATOM   1465 C CB  . LYS A 1 191 ? -4.047  -15.143 -4.224  1.00 15.00 ? 191 LYS A CB  1 
ATOM   1466 C CG  . LYS A 1 191 ? -4.512  -16.508 -4.671  1.00 15.00 ? 191 LYS A CG  1 
ATOM   1467 C CD  . LYS A 1 191 ? -3.687  -17.637 -4.000  1.00 15.00 ? 191 LYS A CD  1 
ATOM   1468 C CE  . LYS A 1 191 ? -4.340  -18.337 -2.817  1.00 15.00 ? 191 LYS A CE  1 
ATOM   1469 N NZ  . LYS A 1 191 ? -4.175  -17.632 -1.501  1.00 15.00 ? 191 LYS A NZ  1 
ATOM   1470 N N   . GLY A 1 192 ? -3.294  -13.375 -1.089  1.00 15.00 ? 192 GLY A N   1 
ATOM   1471 C CA  . GLY A 1 192 ? -2.648  -12.176 -0.636  1.00 15.00 ? 192 GLY A CA  1 
ATOM   1472 C C   . GLY A 1 192 ? -3.596  -10.992 -0.572  1.00 15.00 ? 192 GLY A C   1 
ATOM   1473 O O   . GLY A 1 192 ? -3.305  -9.971  0.080   1.00 15.00 ? 192 GLY A O   1 
ATOM   1474 N N   . TYR A 1 193 ? -4.674  -11.050 -1.344  1.00 15.00 ? 193 TYR A N   1 
ATOM   1475 C CA  . TYR A 1 193 ? -5.635  -9.950  -1.381  1.00 15.00 ? 193 TYR A CA  1 
ATOM   1476 C C   . TYR A 1 193 ? -6.879  -10.202 -0.527  1.00 15.00 ? 193 TYR A C   1 
ATOM   1477 O O   . TYR A 1 193 ? -7.210  -11.318 -0.137  1.00 15.00 ? 193 TYR A O   1 
ATOM   1478 C CB  . TYR A 1 193 ? -6.090  -9.663  -2.827  1.00 15.00 ? 193 TYR A CB  1 
ATOM   1479 C CG  . TYR A 1 193 ? -4.978  -9.268  -3.769  1.00 15.00 ? 193 TYR A CG  1 
ATOM   1480 C CD1 . TYR A 1 193 ? -4.144  -10.173 -4.286  1.00 15.00 ? 193 TYR A CD1 1 
ATOM   1481 C CD2 . TYR A 1 193 ? -4.756  -7.993  -4.124  1.00 15.00 ? 193 TYR A CD2 1 
ATOM   1482 C CE1 . TYR A 1 193 ? -3.100  -9.814  -5.139  1.00 15.00 ? 193 TYR A CE1 1 
ATOM   1483 C CE2 . TYR A 1 193 ? -3.704  -7.649  -4.970  1.00 15.00 ? 193 TYR A CE2 1 
ATOM   1484 C CZ  . TYR A 1 193 ? -2.877  -8.562  -5.471  1.00 15.00 ? 193 TYR A CZ  1 
ATOM   1485 O OH  . TYR A 1 193 ? -1.829  -8.227  -6.262  1.00 15.00 ? 193 TYR A OH  1 
ATOM   1486 N N   . ILE A 1 194 ? -7.523  -9.093  -0.192  1.00 15.00 ? 194 ILE A N   1 
ATOM   1487 C CA  . ILE A 1 194 ? -8.761  -9.065  0.577   1.00 15.00 ? 194 ILE A CA  1 
ATOM   1488 C C   . ILE A 1 194 ? -9.683  -7.981  0.031   1.00 15.00 ? 194 ILE A C   1 
ATOM   1489 O O   . ILE A 1 194 ? -9.239  -6.947  -0.454  1.00 15.00 ? 194 ILE A O   1 
ATOM   1490 C CB  . ILE A 1 194 ? -8.472  -8.743  2.063   1.00 15.00 ? 194 ILE A CB  1 
ATOM   1491 C CG1 . ILE A 1 194 ? -9.765  -8.521  2.837   1.00 15.00 ? 194 ILE A CG1 1 
ATOM   1492 C CG2 . ILE A 1 194 ? -7.668  -7.440  2.201   1.00 15.00 ? 194 ILE A CG2 1 
ATOM   1493 C CD1 . ILE A 1 194 ? -9.559  -8.217  4.271   1.00 15.00 ? 194 ILE A CD1 1 
ATOM   1494 N N   . LEU A 1 195 ? -10.964 -8.275  0.027   1.00 15.00 ? 195 LEU A N   1 
ATOM   1495 C CA  . LEU A 1 195 ? -11.988 -7.383  -0.416  1.00 15.00 ? 195 LEU A CA  1 
ATOM   1496 C C   . LEU A 1 195 ? -12.634 -6.809  0.808   1.00 15.00 ? 195 LEU A C   1 
ATOM   1497 O O   . LEU A 1 195 ? -13.148 -7.526  1.646   1.00 15.00 ? 195 LEU A O   1 
ATOM   1498 C CB  . LEU A 1 195 ? -13.009 -8.149  -1.248  1.00 15.00 ? 195 LEU A CB  1 
ATOM   1499 C CG  . LEU A 1 195 ? -12.985 -7.957  -2.775  1.00 15.00 ? 195 LEU A CG  1 
ATOM   1500 C CD1 . LEU A 1 195 ? -11.516 -7.872  -3.308  1.00 15.00 ? 195 LEU A CD1 1 
ATOM   1501 C CD2 . LEU A 1 195 ? -13.771 -9.045  -3.464  1.00 15.00 ? 195 LEU A CD2 1 
ATOM   1502 N N   . MET A 1 196 ? -12.511 -5.507  0.963   1.00 15.00 ? 196 MET A N   1 
ATOM   1503 C CA  . MET A 1 196 ? -13.058 -4.808  2.104   1.00 15.00 ? 196 MET A CA  1 
ATOM   1504 C C   . MET A 1 196 ? -14.331 -4.092  1.675   1.00 15.00 ? 196 MET A C   1 
ATOM   1505 O O   . MET A 1 196 ? -14.519 -3.854  0.500   1.00 15.00 ? 196 MET A O   1 
ATOM   1506 C CB  . MET A 1 196 ? -12.014 -3.827  2.667   1.00 15.00 ? 196 MET A CB  1 
ATOM   1507 C CG  . MET A 1 196 ? -10.931 -4.539  3.485   1.00 15.00 ? 196 MET A CG  1 
ATOM   1508 S SD  . MET A 1 196 ? -9.757  -3.555  4.403   1.00 15.00 ? 196 MET A SD  1 
ATOM   1509 C CE  . MET A 1 196 ? -10.832 -2.890  5.826   1.00 15.00 ? 196 MET A CE  1 
ATOM   1510 N N   . ALA A 1 197 ? -15.237 -3.846  2.614   1.00 15.00 ? 197 ALA A N   1 
ATOM   1511 C CA  . ALA A 1 197 ? -16.510 -3.188  2.325   1.00 15.00 ? 197 ALA A CA  1 
ATOM   1512 C C   . ALA A 1 197 ? -16.346 -1.743  1.859   1.00 15.00 ? 197 ALA A C   1 
ATOM   1513 O O   . ALA A 1 197 ? -15.630 -0.974  2.499   1.00 15.00 ? 197 ALA A O   1 
ATOM   1514 C CB  . ALA A 1 197 ? -17.393 -3.232  3.570   1.00 15.00 ? 197 ALA A CB  1 
ATOM   1515 N N   . ARG A 1 198 ? -16.982 -1.388  0.742   1.00 15.00 ? 198 ARG A N   1 
ATOM   1516 C CA  . ARG A 1 198 ? -16.892 -0.005  0.249   1.00 15.00 ? 198 ARG A CA  1 
ATOM   1517 C C   . ARG A 1 198 ? -18.250 0.690   0.392   1.00 15.00 ? 198 ARG A C   1 
ATOM   1518 O O   . ARG A 1 198 ? -19.260 0.153   -0.049  1.00 15.00 ? 198 ARG A O   1 
ATOM   1519 C CB  . ARG A 1 198 ? -16.415 0.058   -1.208  1.00 15.00 ? 198 ARG A CB  1 
ATOM   1520 C CG  . ARG A 1 198 ? -16.616 1.412   -1.879  1.00 15.00 ? 198 ARG A CG  1 
ATOM   1521 C CD  . ARG A 1 198 ? -15.654 1.556   -3.040  1.00 15.00 ? 198 ARG A CD  1 
ATOM   1522 N NE  . ARG A 1 198 ? -16.061 0.761   -4.164  1.00 15.00 ? 198 ARG A NE  1 
ATOM   1523 C CZ  . ARG A 1 198 ? -17.124 1.035   -4.907  1.00 15.00 ? 198 ARG A CZ  1 
ATOM   1524 N NH1 . ARG A 1 198 ? -17.863 2.099   -4.648  1.00 15.00 ? 198 ARG A NH1 1 
ATOM   1525 N NH2 . ARG A 1 198 ? -17.496 0.198   -5.858  1.00 15.00 ? 198 ARG A NH2 1 
ATOM   1526 N N   . ASN A 1 199 ? -18.262 1.877   1.000   1.00 15.00 ? 199 ASN A N   1 
ATOM   1527 C CA  . ASN A 1 199 ? -19.469 2.659   1.209   1.00 15.00 ? 199 ASN A CA  1 
ATOM   1528 C C   . ASN A 1 199 ? -20.282 2.283   2.417   1.00 15.00 ? 199 ASN A C   1 
ATOM   1529 O O   . ASN A 1 199 ? -21.453 2.655   2.514   1.00 15.00 ? 199 ASN A O   1 
ATOM   1530 C CB  . ASN A 1 199 ? -20.348 2.646   -0.045  1.00 15.00 ? 199 ASN A CB  1 
ATOM   1531 C CG  . ASN A 1 199 ? -20.162 3.880   -0.909  1.00 15.00 ? 199 ASN A CG  1 
ATOM   1532 O OD1 . ASN A 1 199 ? -19.245 4.693   -0.689  1.00 15.00 ? 199 ASN A OD1 1 
ATOM   1533 N ND2 . ASN A 1 199 ? -21.019 4.021   -1.915  1.00 15.00 ? 199 ASN A ND2 1 
ATOM   1534 N N   . LYS A 1 200 ? -19.664 1.556   3.347   1.00 15.00 ? 200 LYS A N   1 
ATOM   1535 C CA  . LYS A 1 200 ? -20.327 1.204   4.588   1.00 15.00 ? 200 LYS A CA  1 
ATOM   1536 C C   . LYS A 1 200 ? -19.763 2.097   5.714   1.00 15.00 ? 200 LYS A C   1 
ATOM   1537 O O   . LYS A 1 200 ? -18.987 1.678   6.582   1.00 15.00 ? 200 LYS A O   1 
ATOM   1538 C CB  . LYS A 1 200 ? -20.155 -0.270  4.887   1.00 15.00 ? 200 LYS A CB  1 
ATOM   1539 C CG  . LYS A 1 200 ? -20.647 -1.138  3.761   1.00 15.00 ? 200 LYS A CG  1 
ATOM   1540 C CD  . LYS A 1 200 ? -21.282 -2.420  4.228   1.00 15.00 ? 200 LYS A CD  1 
ATOM   1541 C CE  . LYS A 1 200 ? -22.674 -2.129  4.809   1.00 15.00 ? 200 LYS A CE  1 
ATOM   1542 N NZ  . LYS A 1 200 ? -23.716 -1.746  3.787   1.00 15.00 ? 200 LYS A NZ  1 
ATOM   1543 N N   . ASN A 1 201 ? -20.005 3.390   5.567   1.00 15.00 ? 201 ASN A N   1 
ATOM   1544 C CA  . ASN A 1 201 ? -19.593 4.373   6.540   1.00 15.00 ? 201 ASN A CA  1 
ATOM   1545 C C   . ASN A 1 201 ? -18.086 4.442   6.848   1.00 15.00 ? 201 ASN A C   1 
ATOM   1546 O O   . ASN A 1 201 ? -17.695 4.807   7.955   1.00 15.00 ? 201 ASN A O   1 
ATOM   1547 C CB  . ASN A 1 201 ? -20.363 4.127   7.829   1.00 15.00 ? 201 ASN A CB  1 
ATOM   1548 C CG  . ASN A 1 201 ? -20.995 5.387   8.395   1.00 15.00 ? 201 ASN A CG  1 
ATOM   1549 O OD1 . ASN A 1 201 ? -22.176 5.397   8.749   1.00 15.00 ? 201 ASN A OD1 1 
ATOM   1550 N ND2 . ASN A 1 201 ? -20.223 6.455   8.484   1.00 15.00 ? 201 ASN A ND2 1 
ATOM   1551 N N   . ASN A 1 202 ? -17.234 4.107   5.884   1.00 15.00 ? 202 ASN A N   1 
ATOM   1552 C CA  . ASN A 1 202 ? -15.755 4.140   6.024   1.00 15.00 ? 202 ASN A CA  1 
ATOM   1553 C C   . ASN A 1 202 ? -15.305 3.068   7.043   1.00 15.00 ? 202 ASN A C   1 
ATOM   1554 O O   . ASN A 1 202 ? -14.721 3.365   8.098   1.00 15.00 ? 202 ASN A O   1 
ATOM   1555 C CB  . ASN A 1 202 ? -15.312 5.569   6.411   1.00 15.00 ? 202 ASN A CB  1 
ATOM   1556 C CG  . ASN A 1 202 ? -13.792 5.689   6.698   1.00 15.00 ? 202 ASN A CG  1 
ATOM   1557 O OD1 . ASN A 1 202 ? -12.943 5.030   6.069   1.00 15.00 ? 202 ASN A OD1 1 
ATOM   1558 N ND2 . ASN A 1 202 ? -13.453 6.505   7.675   1.00 15.00 ? 202 ASN A ND2 1 
ATOM   1559 N N   . ALA A 1 203 ? -15.561 1.809   6.679   1.00 15.00 ? 203 ALA A N   1 
ATOM   1560 C CA  . ALA A 1 203 ? -15.220 0.698   7.558   1.00 15.00 ? 203 ALA A CA  1 
ATOM   1561 C C   . ALA A 1 203 ? -13.744 0.475   7.830   1.00 15.00 ? 203 ALA A C   1 
ATOM   1562 O O   . ALA A 1 203 ? -12.917 0.529   6.922   1.00 15.00 ? 203 ALA A O   1 
ATOM   1563 C CB  . ALA A 1 203 ? -15.729 -0.616  6.962   1.00 15.00 ? 203 ALA A CB  1 
ATOM   1564 N N   . CYS A 1 204 ? -13.416 0.239   9.092   1.00 15.00 ? 204 CYS A N   1 
ATOM   1565 C CA  . CYS A 1 204 ? -12.067 0.014   9.545   1.00 15.00 ? 204 CYS A CA  1 
ATOM   1566 C C   . CYS A 1 204 ? -11.161 1.204   9.353   1.00 15.00 ? 204 CYS A C   1 
ATOM   1567 O O   . CYS A 1 204 ? -9.951  1.146   9.551   1.00 15.00 ? 204 CYS A O   1 
ATOM   1568 C CB  . CYS A 1 204 ? -11.549 -1.186  8.804   1.00 15.00 ? 204 CYS A CB  1 
ATOM   1569 S SG  . CYS A 1 204 ? -12.109 -2.823  9.375   1.00 15.00 ? 204 CYS A SG  1 
ATOM   1570 N N   . GLY A 1 205 ? -11.794 2.307   8.995   1.00 15.00 ? 205 GLY A N   1 
ATOM   1571 C CA  . GLY A 1 205 ? -11.117 3.568   8.706   1.00 15.00 ? 205 GLY A CA  1 
ATOM   1572 C C   . GLY A 1 205 ? -10.227 3.517   7.461   1.00 15.00 ? 205 GLY A C   1 
ATOM   1573 O O   . GLY A 1 205 ? -9.029  3.819   7.493   1.00 15.00 ? 205 GLY A O   1 
ATOM   1574 N N   . ILE A 1 206 ? -10.824 3.142   6.349   1.00 15.00 ? 206 ILE A N   1 
ATOM   1575 C CA  . ILE A 1 206 ? -10.102 3.040   5.087   1.00 15.00 ? 206 ILE A CA  1 
ATOM   1576 C C   . ILE A 1 206 ? -9.588  4.387   4.547   1.00 15.00 ? 206 ILE A C   1 
ATOM   1577 O O   . ILE A 1 206 ? -8.488  4.481   4.032   1.00 15.00 ? 206 ILE A O   1 
ATOM   1578 C CB  . ILE A 1 206 ? -11.025 2.377   4.021   1.00 15.00 ? 206 ILE A CB  1 
ATOM   1579 C CG1 . ILE A 1 206 ? -10.301 2.171   2.692   1.00 15.00 ? 206 ILE A CG1 1 
ATOM   1580 C CG2 . ILE A 1 206 ? -12.316 3.153   3.813   1.00 15.00 ? 206 ILE A CG2 1 
ATOM   1581 C CD1 . ILE A 1 206 ? -9.357  1.015   2.687   1.00 15.00 ? 206 ILE A CD1 1 
ATOM   1582 N N   . ALA A 1 207 ? -10.388 5.429   4.656   1.00 15.00 ? 207 ALA A N   1 
ATOM   1583 C CA  . ALA A 1 207 ? -10.040 6.774   4.152   1.00 15.00 ? 207 ALA A CA  1 
ATOM   1584 C C   . ALA A 1 207 ? -9.460  7.762   5.167   1.00 15.00 ? 207 ALA A C   1 
ATOM   1585 O O   . ALA A 1 207 ? -9.344  8.954   4.852   1.00 15.00 ? 207 ALA A O   1 
ATOM   1586 C CB  . ALA A 1 207 ? -11.272 7.411   3.503   1.00 15.00 ? 207 ALA A CB  1 
ATOM   1587 N N   . ASN A 1 208 ? -9.046  7.274   6.338   1.00 15.00 ? 208 ASN A N   1 
ATOM   1588 C CA  . ASN A 1 208 ? -8.482  8.142   7.373   1.00 15.00 ? 208 ASN A CA  1 
ATOM   1589 C C   . ASN A 1 208 ? -6.984  8.409   7.282   1.00 15.00 ? 208 ASN A C   1 
ATOM   1590 O O   . ASN A 1 208 ? -6.427  9.136   8.112   1.00 15.00 ? 208 ASN A O   1 
ATOM   1591 C CB  . ASN A 1 208 ? -8.787  7.623   8.769   1.00 15.00 ? 208 ASN A CB  1 
ATOM   1592 C CG  . ASN A 1 208 ? -10.229 7.841   9.175   1.00 15.00 ? 208 ASN A CG  1 
ATOM   1593 O OD1 . ASN A 1 208 ? -11.037 8.307   8.392   1.00 15.00 ? 208 ASN A OD1 1 
ATOM   1594 N ND2 . ASN A 1 208 ? -10.557 7.500   10.410  1.00 15.00 ? 208 ASN A ND2 1 
ATOM   1595 N N   . LEU A 1 209 ? -6.288  7.709   6.398   1.00 15.00 ? 209 LEU A N   1 
ATOM   1596 C CA  . LEU A 1 209 ? -4.867  7.975   6.249   1.00 15.00 ? 209 LEU A CA  1 
ATOM   1597 C C   . LEU A 1 209 ? -4.353  7.595   4.861   1.00 15.00 ? 209 LEU A C   1 
ATOM   1598 O O   . LEU A 1 209 ? -3.397  6.872   4.730   1.00 15.00 ? 209 LEU A O   1 
ATOM   1599 C CB  . LEU A 1 209 ? -4.060  7.242   7.334   1.00 15.00 ? 209 LEU A CB  1 
ATOM   1600 C CG  . LEU A 1 209 ? -2.595  7.688   7.528   1.00 15.00 ? 209 LEU A CG  1 
ATOM   1601 C CD1 . LEU A 1 209 ? -2.486  9.178   7.882   1.00 15.00 ? 209 LEU A CD1 1 
ATOM   1602 C CD2 . LEU A 1 209 ? -1.995  6.865   8.628   1.00 15.00 ? 209 LEU A CD2 1 
ATOM   1603 N N   . ALA A 1 210 ? -4.989  8.083   3.815   1.00 15.00 ? 210 ALA A N   1 
ATOM   1604 C CA  . ALA A 1 210 ? -4.542  7.754   2.485   1.00 15.00 ? 210 ALA A CA  1 
ATOM   1605 C C   . ALA A 1 210 ? -3.621  8.792   1.868   1.00 15.00 ? 210 ALA A C   1 
ATOM   1606 O O   . ALA A 1 210 ? -3.685  9.936   2.254   1.00 15.00 ? 210 ALA A O   1 
ATOM   1607 C CB  . ALA A 1 210 ? -5.745  7.616   1.548   1.00 15.00 ? 210 ALA A CB  1 
ATOM   1608 N N   . SER A 1 211 ? -2.816  8.394   0.885   1.00 15.00 ? 211 SER A N   1 
ATOM   1609 C CA  . SER A 1 211 ? -1.937  9.300   0.167   1.00 15.00 ? 211 SER A CA  1 
ATOM   1610 C C   . SER A 1 211 ? -1.329  8.560   -1.025  1.00 15.00 ? 211 SER A C   1 
ATOM   1611 O O   . SER A 1 211 ? -1.539  7.378   -1.203  1.00 15.00 ? 211 SER A O   1 
ATOM   1612 C CB  . SER A 1 211 ? -0.847  9.889   1.081   1.00 15.00 ? 211 SER A CB  1 
ATOM   1613 O OG  . SER A 1 211 ? 0.045   8.917   1.632   1.00 15.00 ? 211 SER A OG  1 
ATOM   1614 N N   . PHE A 1 212 ? -0.757  9.304   -1.947  1.00 15.00 ? 212 PHE A N   1 
ATOM   1615 C CA  . PHE A 1 212 ? -0.169  8.722   -3.121  1.00 15.00 ? 212 PHE A CA  1 
ATOM   1616 C C   . PHE A 1 212 ? 0.973   9.646   -3.471  1.00 15.00 ? 212 PHE A C   1 
ATOM   1617 O O   . PHE A 1 212 ? 1.015   10.803  -3.056  1.00 15.00 ? 212 PHE A O   1 
ATOM   1618 C CB  . PHE A 1 212 ? -1.168  8.666   -4.283  1.00 15.00 ? 212 PHE A CB  1 
ATOM   1619 C CG  . PHE A 1 212 ? -1.769  10.048  -4.664  1.00 15.00 ? 212 PHE A CG  1 
ATOM   1620 C CD1 . PHE A 1 212 ? -1.014  10.986  -5.416  1.00 15.00 ? 212 PHE A CD1 1 
ATOM   1621 C CD2 . PHE A 1 212 ? -3.103  10.374  -4.323  1.00 15.00 ? 212 PHE A CD2 1 
ATOM   1622 C CE1 . PHE A 1 212 ? -1.592  12.181  -5.807  1.00 15.00 ? 212 PHE A CE1 1 
ATOM   1623 C CE2 . PHE A 1 212 ? -3.686  11.556  -4.711  1.00 15.00 ? 212 PHE A CE2 1 
ATOM   1624 C CZ  . PHE A 1 212 ? -2.936  12.468  -5.459  1.00 15.00 ? 212 PHE A CZ  1 
ATOM   1625 N N   . PRO A 1 213 ? 2.007   9.129   -4.103  1.00 15.00 ? 213 PRO A N   1 
ATOM   1626 C CA  . PRO A 1 213 ? 3.107   10.022  -4.437  1.00 15.00 ? 213 PRO A CA  1 
ATOM   1627 C C   . PRO A 1 213 ? 2.920   10.545  -5.836  1.00 15.00 ? 213 PRO A C   1 
ATOM   1628 O O   . PRO A 1 213 ? 2.156   9.983   -6.607  1.00 15.00 ? 213 PRO A O   1 
ATOM   1629 C CB  . PRO A 1 213 ? 4.317   9.115   -4.307  1.00 15.00 ? 213 PRO A CB  1 
ATOM   1630 C CG  . PRO A 1 213 ? 3.797   7.825   -4.941  1.00 15.00 ? 213 PRO A CG  1 
ATOM   1631 C CD  . PRO A 1 213 ? 2.370   7.730   -4.344  1.00 15.00 ? 213 PRO A CD  1 
ATOM   1632 N N   . LYS A 1 214 ? 3.601   11.622  -6.167  1.00 15.00 ? 214 LYS A N   1 
ATOM   1633 C CA  . LYS A 1 214 ? 3.513   12.208  -7.481  1.00 15.00 ? 214 LYS A CA  1 
ATOM   1634 C C   . LYS A 1 214 ? 4.797   11.896  -8.181  1.00 15.00 ? 214 LYS A C   1 
ATOM   1635 O O   . LYS A 1 214 ? 5.873   11.946  -7.582  1.00 15.00 ? 214 LYS A O   1 
ATOM   1636 C CB  . LYS A 1 214 ? 3.432   13.715  -7.400  1.00 15.00 ? 214 LYS A CB  1 
ATOM   1637 C CG  . LYS A 1 214 ? 2.283   14.228  -6.663  1.00 15.00 ? 214 LYS A CG  1 
ATOM   1638 C CD  . LYS A 1 214 ? 2.280   15.724  -6.618  1.00 15.00 ? 214 LYS A CD  1 
ATOM   1639 C CE  . LYS A 1 214 ? 0.992   16.239  -5.977  1.00 15.00 ? 214 LYS A CE  1 
ATOM   1640 N NZ  . LYS A 1 214 ? -0.198  15.498  -6.507  1.00 15.00 ? 214 LYS A NZ  1 
ATOM   1641 N N   . MET A 1 215 ? 4.726   11.629  -9.470  1.00 15.00 ? 215 MET A N   1 
ATOM   1642 C CA  . MET A 1 215 ? 5.936   11.323  -10.181 1.00 15.00 ? 215 MET A CA  1 
ATOM   1643 C C   . MET A 1 215 ? 6.147   12.135  -11.439 1.00 15.00 ? 215 MET A C   1 
ATOM   1644 O O   . MET A 1 215 ? 5.249   12.881  -11.860 1.00 15.00 ? 215 MET A O   1 
ATOM   1645 C CB  . MET A 1 215 ? 5.995   9.818   -10.466 1.00 15.00 ? 215 MET A CB  1 
ATOM   1646 C CG  . MET A 1 215 ? 7.299   9.217   -10.112 1.00 15.00 ? 215 MET A CG  1 
ATOM   1647 S SD  . MET A 1 215 ? 7.425   7.497   -10.725 1.00 15.00 ? 215 MET A SD  1 
ATOM   1648 C CE  . MET A 1 215 ? 8.505   7.634   -12.127 1.00 15.00 ? 215 MET A CE  1 
ATOM   1649 O OXT . MET A 1 215 ? 7.250   11.988  -12.009 1.00 15.00 ? 215 MET A OXT 1 
HETATM 1650 C C1  . POS B 2 .   ? 3.669   -10.762 10.104  1.00 15.00 ? 300 POS A C1  1 
HETATM 1651 C C2  . POS B 2 .   ? 2.934   -11.824 10.621  1.00 15.00 ? 300 POS A C2  1 
HETATM 1652 C C3  . POS B 2 .   ? 2.639   -12.909 9.830   1.00 15.00 ? 300 POS A C3  1 
HETATM 1653 C C4  . POS B 2 .   ? 3.066   -12.957 8.548   1.00 15.00 ? 300 POS A C4  1 
HETATM 1654 C C5  . POS B 2 .   ? 3.791   -11.939 8.028   1.00 15.00 ? 300 POS A C5  1 
HETATM 1655 C C6  . POS B 2 .   ? 4.089   -10.864 8.775   1.00 15.00 ? 300 POS A C6  1 
HETATM 1656 O O7  . POS B 2 .   ? 3.981   -9.507  10.891  1.00 15.00 ? 300 POS A O7  1 
HETATM 1657 C C8  . POS B 2 .   ? 2.971   -8.645  11.223  1.00 15.00 ? 300 POS A C8  1 
HETATM 1658 C C9  . POS B 2 .   ? 2.672   -7.694  10.258  1.00 15.00 ? 300 POS A C9  1 
HETATM 1659 C C10 . POS B 2 .   ? 1.635   -6.653  10.430  1.00 15.00 ? 300 POS A C10 1 
HETATM 1660 C C11 . POS B 2 .   ? 0.879   -6.602  11.632  1.00 15.00 ? 300 POS A C11 1 
HETATM 1661 C C12 . POS B 2 .   ? 1.159   -7.563  12.621  1.00 15.00 ? 300 POS A C12 1 
HETATM 1662 C C13 . POS B 2 .   ? 2.221   -8.623  12.437  1.00 15.00 ? 300 POS A C13 1 
HETATM 1663 S S14 . POS B 2 .   ? -0.356  -5.365  11.848  1.00 15.00 ? 300 POS A S14 1 
HETATM 1664 O O15 . POS B 2 .   ? -1.594  -5.712  11.090  1.00 15.00 ? 300 POS A O15 1 
HETATM 1665 O O16 . POS B 2 .   ? -0.572  -5.190  13.308  1.00 15.00 ? 300 POS A O16 1 
HETATM 1666 N N17 . POS B 2 .   ? 0.246   -3.858  11.296  1.00 15.00 ? 300 POS A N17 1 
HETATM 1667 C C18 . POS B 2 .   ? 1.659   -3.425  11.445  1.00 15.00 ? 300 POS A C18 1 
HETATM 1668 C C19 . POS B 2 .   ? 2.633   -2.861  10.375  1.00 15.00 ? 300 POS A C19 1 
HETATM 1669 O O20 . POS B 2 .   ? 3.491   -3.935  10.607  1.00 15.00 ? 300 POS A O20 1 
HETATM 1670 C C21 . POS B 2 .   ? 3.329   -1.508  10.883  1.00 15.00 ? 300 POS A C21 1 
HETATM 1671 N N22 . POS B 2 .   ? 2.184   -0.588  10.796  1.00 15.00 ? 300 POS A N22 1 
HETATM 1672 C C23 . POS B 2 .   ? 2.270   0.731   10.935  1.00 15.00 ? 300 POS A C23 1 
HETATM 1673 O O24 . POS B 2 .   ? 3.365   1.339   11.152  1.00 15.00 ? 300 POS A O24 1 
HETATM 1674 C C25 . POS B 2 .   ? 0.942   1.455   10.777  1.00 15.00 ? 300 POS A C25 1 
HETATM 1675 C C26 . POS B 2 .   ? 0.844   2.015   9.336   1.00 15.00 ? 300 POS A C26 1 
HETATM 1676 C C27 . POS B 2 .   ? 0.856   3.486   8.890   1.00 15.00 ? 300 POS A C27 1 
HETATM 1677 C C28 . POS B 2 .   ? -0.507  3.953   8.526   1.00 15.00 ? 300 POS A C28 1 
HETATM 1678 C C29 . POS B 2 .   ? 1.618   4.449   9.776   1.00 15.00 ? 300 POS A C29 1 
HETATM 1679 N N30 . POS B 2 .   ? 0.757   2.509   11.765  1.00 15.00 ? 300 POS A N30 1 
HETATM 1680 C C31 . POS B 2 .   ? -0.477  2.961   11.953  1.00 15.00 ? 300 POS A C31 1 
HETATM 1681 O O32 . POS B 2 .   ? -1.429  2.487   11.328  1.00 15.00 ? 300 POS A O32 1 
HETATM 1682 C C33 . POS B 2 .   ? -1.070  4.050   12.829  1.00 15.00 ? 300 POS A C33 1 
HETATM 1683 C C34 . POS B 2 .   ? -1.694  5.037   12.077  1.00 15.00 ? 300 POS A C34 1 
HETATM 1684 C C35 . POS B 2 .   ? -2.335  6.123   12.648  1.00 15.00 ? 300 POS A C35 1 
HETATM 1685 N N36 . POS B 2 .   ? -2.327  6.183   14.020  1.00 15.00 ? 300 POS A N36 1 
HETATM 1686 C C37 . POS B 2 .   ? -1.086  4.156   14.192  1.00 15.00 ? 300 POS A C37 1 
HETATM 1687 C C38 . POS B 2 .   ? -1.724  5.236   14.802  1.00 15.00 ? 300 POS A C38 1 
HETATM 1688 O O   . HOH C 3 .   ? 10.568  18.766  -7.955  1.00 15.00 ? 301 HOH A O   1 
HETATM 1689 O O   . HOH C 3 .   ? 2.737   -7.615  -0.609  1.00 15.00 ? 302 HOH A O   1 
HETATM 1690 O O   . HOH C 3 .   ? 0.302   -3.835  0.755   1.00 15.00 ? 303 HOH A O   1 
HETATM 1691 O O   . HOH C 3 .   ? 16.342  -6.623  16.690  1.00 15.00 ? 304 HOH A O   1 
HETATM 1692 O O   . HOH C 3 .   ? 21.631  -8.030  7.486   1.00 15.00 ? 305 HOH A O   1 
HETATM 1693 O O   . HOH C 3 .   ? 0.695   -1.598  -7.374  1.00 15.00 ? 306 HOH A O   1 
HETATM 1694 O O   . HOH C 3 .   ? 4.935   13.244  7.257   1.00 15.00 ? 307 HOH A O   1 
HETATM 1695 O O   . HOH C 3 .   ? 17.426  -11.818 7.432   1.00 15.00 ? 308 HOH A O   1 
HETATM 1696 O O   . HOH C 3 .   ? -0.917  7.672   4.583   1.00 15.00 ? 309 HOH A O   1 
HETATM 1697 O O   . HOH C 3 .   ? 26.044  -6.113  22.402  1.00 15.00 ? 310 HOH A O   1 
HETATM 1698 O O   . HOH C 3 .   ? 12.432  3.421   9.278   1.00 15.00 ? 311 HOH A O   1 
HETATM 1699 O O   . HOH C 3 .   ? -23.111 -1.944  -0.602  1.00 15.00 ? 312 HOH A O   1 
HETATM 1700 O O   . HOH C 3 .   ? -20.342 4.617   -6.187  1.00 15.00 ? 313 HOH A O   1 
HETATM 1701 O O   . HOH C 3 .   ? -1.573  -13.271 -5.647  1.00 15.00 ? 314 HOH A O   1 
HETATM 1702 O O   . HOH C 3 .   ? -16.945 7.829   4.254   1.00 15.00 ? 315 HOH A O   1 
HETATM 1703 O O   . HOH C 3 .   ? -1.125  17.500  4.412   1.00 15.00 ? 316 HOH A O   1 
HETATM 1704 O O   . HOH C 3 .   ? 2.093   -3.633  -1.341  1.00 15.00 ? 317 HOH A O   1 
HETATM 1705 O O   . HOH C 3 .   ? 1.138   -3.871  3.289   1.00 15.00 ? 318 HOH A O   1 
HETATM 1706 O O   . HOH C 3 .   ? 1.336   8.218   6.539   1.00 15.00 ? 319 HOH A O   1 
HETATM 1707 O O   . HOH C 3 .   ? 15.625  -18.261 -7.116  1.00 15.00 ? 320 HOH A O   1 
HETATM 1708 O O   . HOH C 3 .   ? 9.690   8.184   -18.360 1.00 15.00 ? 321 HOH A O   1 
HETATM 1709 O O   . HOH C 3 .   ? 10.083  1.249   -14.737 1.00 15.00 ? 322 HOH A O   1 
HETATM 1710 O O   . HOH C 3 .   ? -16.196 -11.331 6.074   1.00 15.00 ? 323 HOH A O   1 
HETATM 1711 O O   . HOH C 3 .   ? -14.503 -4.268  5.695   1.00 15.00 ? 324 HOH A O   1 
HETATM 1712 O O   . HOH C 3 .   ? -19.382 2.469   -7.630  1.00 15.00 ? 325 HOH A O   1 
HETATM 1713 O O   . HOH C 3 .   ? 1.728   -16.319 9.795   1.00 15.00 ? 326 HOH A O   1 
HETATM 1714 O O   . HOH C 3 .   ? -7.685  -12.691 -5.489  1.00 15.00 ? 327 HOH A O   1 
HETATM 1715 O O   . HOH C 3 .   ? 9.479   -13.374 5.162   1.00 15.00 ? 328 HOH A O   1 
HETATM 1716 O O   . HOH C 3 .   ? 0.190   3.688   -7.639  1.00 15.00 ? 329 HOH A O   1 
HETATM 1717 O O   . HOH C 3 .   ? 2.460   4.382   -19.637 1.00 15.00 ? 330 HOH A O   1 
HETATM 1718 O O   . HOH C 3 .   ? 27.337  3.043   -4.242  1.00 15.00 ? 331 HOH A O   1 
HETATM 1719 O O   . HOH C 3 .   ? 25.313  -1.071  11.465  1.00 15.00 ? 332 HOH A O   1 
HETATM 1720 O O   . HOH C 3 .   ? 24.337  4.009   0.997   1.00 15.00 ? 333 HOH A O   1 
HETATM 1721 O O   . HOH C 3 .   ? -6.558  10.195  4.245   1.00 15.00 ? 334 HOH A O   1 
HETATM 1722 O O   . HOH C 3 .   ? -6.393  -15.195 5.781   1.00 15.00 ? 335 HOH A O   1 
HETATM 1723 O O   . HOH C 3 .   ? -14.331 1.060   11.606  1.00 15.00 ? 336 HOH A O   1 
HETATM 1724 O O   . HOH C 3 .   ? -20.478 -22.065 10.544  1.00 15.00 ? 337 HOH A O   1 
HETATM 1725 O O   . HOH C 3 .   ? -17.255 4.806   -3.088  1.00 15.00 ? 338 HOH A O   1 
HETATM 1726 O O   . HOH C 3 .   ? -1.363  -9.125  -10.617 1.00 15.00 ? 339 HOH A O   1 
HETATM 1727 O O   . HOH C 3 .   ? -0.801  -10.989 1.973   1.00 15.00 ? 340 HOH A O   1 
HETATM 1728 O O   . HOH C 3 .   ? -1.428  -19.780 -1.912  1.00 15.00 ? 341 HOH A O   1 
HETATM 1729 O O   . HOH C 3 .   ? 10.794  -9.105  -0.969  1.00 15.00 ? 342 HOH A O   1 
HETATM 1730 O O   . HOH C 3 .   ? 4.187   -17.117 1.301   1.00 15.00 ? 343 HOH A O   1 
HETATM 1731 O O   . HOH C 3 .   ? 11.461  -11.489 9.760   1.00 15.00 ? 344 HOH A O   1 
HETATM 1732 O O   . HOH C 3 .   ? 2.522   -3.426  -6.306  1.00 15.00 ? 345 HOH A O   1 
HETATM 1733 O O   . HOH C 3 .   ? 22.479  6.924   2.211   1.00 15.00 ? 346 HOH A O   1 
HETATM 1734 O O   . HOH C 3 .   ? 22.539  5.963   4.999   1.00 15.00 ? 347 HOH A O   1 
HETATM 1735 O O   . HOH C 3 .   ? 20.194  10.049  3.066   1.00 15.00 ? 348 HOH A O   1 
HETATM 1736 O O   . HOH C 3 .   ? -4.878  13.221  11.538  1.00 15.00 ? 349 HOH A O   1 
HETATM 1737 O O   . HOH C 3 .   ? -9.953  23.491  -0.598  1.00 15.00 ? 350 HOH A O   1 
HETATM 1738 O O   . HOH C 3 .   ? 10.400  14.736  7.185   1.00 15.00 ? 351 HOH A O   1 
HETATM 1739 O O   . HOH C 3 .   ? 17.572  11.173  2.900   1.00 15.00 ? 352 HOH A O   1 
HETATM 1740 O O   . HOH C 3 .   ? 14.748  16.002  -3.909  1.00 15.00 ? 353 HOH A O   1 
HETATM 1741 O O   . HOH C 3 .   ? 3.928   16.567  -1.001  1.00 15.00 ? 354 HOH A O   1 
HETATM 1742 O O   . HOH C 3 .   ? 13.363  -4.271  15.651  1.00 15.00 ? 355 HOH A O   1 
HETATM 1743 O O   . HOH C 3 .   ? 17.952  5.937   9.656   1.00 15.00 ? 356 HOH A O   1 
HETATM 1744 O O   . HOH C 3 .   ? -9.803  -6.038  11.872  1.00 15.00 ? 357 HOH A O   1 
HETATM 1745 O O   . HOH C 3 .   ? -13.321 2.612   23.416  1.00 15.00 ? 358 HOH A O   1 
HETATM 1746 O O   . HOH C 3 .   ? -16.940 8.923   8.297   1.00 15.00 ? 359 HOH A O   1 
HETATM 1747 O O   . HOH C 3 .   ? -9.573  -0.632  23.257  1.00 15.00 ? 360 HOH A O   1 
HETATM 1748 O O   . HOH C 3 .   ? -21.748 0.453   8.295   1.00 15.00 ? 361 HOH A O   1 
HETATM 1749 O O   . HOH C 3 .   ? -16.611 1.309   3.990   1.00 15.00 ? 362 HOH A O   1 
# 
